data_5WPX
#
_entry.id   5WPX
#
loop_
_entity.id
_entity.type
_entity.pdbx_description
1 polymer 'Peptidyl carrier protein'
2 non-polymer '~{S}-[2-[3-[[(2~{S})-3,3-dimethyl-2-oxidanyl-4-phosphonooxy-butanoyl]amino]propanoylamino]ethyl] pyridine-3-carbothioate'
#
_entity_poly.entity_id   1
_entity_poly.type   'polypeptide(L)'
_entity_poly.pdbx_seq_one_letter_code
;MQHASVIAQFVVEEFLPDVAPADVDVDLDLVDNGVIDSLGLLKVIAWLEDRFGIAADDVELSPEHFRSIRSIDAFVVGAT
TPPVEAKLQ
;
_entity_poly.pdbx_strand_id   A
#
# COMPACT_ATOMS: atom_id res chain seq x y z
N MET A 1 1.47 -6.90 8.97
CA MET A 1 2.88 -7.31 9.24
C MET A 1 3.54 -6.27 10.15
N GLN A 2 4.78 -5.97 9.93
CA GLN A 2 5.47 -4.96 10.79
C GLN A 2 4.72 -3.63 10.71
N HIS A 3 4.20 -3.30 9.56
CA HIS A 3 3.47 -2.01 9.42
C HIS A 3 2.44 -2.16 8.29
N ALA A 4 1.95 -3.35 8.08
CA ALA A 4 0.96 -3.56 6.98
C ALA A 4 -0.29 -2.72 7.25
N SER A 5 -0.64 -2.52 8.50
CA SER A 5 -1.85 -1.71 8.80
C SER A 5 -1.68 -0.30 8.25
N VAL A 6 -0.49 0.22 8.29
CA VAL A 6 -0.27 1.59 7.75
C VAL A 6 -0.46 1.58 6.24
N ILE A 7 -0.02 0.54 5.59
CA ILE A 7 -0.19 0.46 4.12
C ILE A 7 -1.67 0.47 3.76
N ALA A 8 -2.45 -0.37 4.39
CA ALA A 8 -3.91 -0.39 4.10
C ALA A 8 -4.52 0.94 4.51
N GLN A 9 -4.17 1.42 5.67
CA GLN A 9 -4.72 2.72 6.15
C GLN A 9 -4.22 3.84 5.24
N PHE A 10 -2.96 3.82 4.91
CA PHE A 10 -2.38 4.87 4.04
C PHE A 10 -3.00 4.78 2.65
N VAL A 11 -3.09 3.61 2.10
CA VAL A 11 -3.68 3.45 0.74
C VAL A 11 -5.17 3.76 0.77
N VAL A 12 -5.88 3.22 1.72
CA VAL A 12 -7.35 3.47 1.81
C VAL A 12 -7.62 4.94 2.14
N GLU A 13 -6.78 5.56 2.91
CA GLU A 13 -7.02 6.98 3.28
C GLU A 13 -7.24 7.82 2.02
N GLU A 14 -6.54 7.51 0.97
CA GLU A 14 -6.70 8.29 -0.29
C GLU A 14 -8.09 8.07 -0.89
N PHE A 15 -8.65 6.90 -0.75
CA PHE A 15 -9.99 6.63 -1.35
C PHE A 15 -11.09 6.87 -0.31
N LEU A 16 -11.12 6.08 0.73
CA LEU A 16 -12.19 6.24 1.76
C LEU A 16 -11.57 6.47 3.14
N PRO A 17 -11.20 7.69 3.43
CA PRO A 17 -10.58 8.06 4.74
C PRO A 17 -11.64 8.29 5.82
N ASP A 18 -12.85 8.60 5.43
CA ASP A 18 -13.92 8.85 6.44
C ASP A 18 -14.39 7.52 7.01
N VAL A 19 -13.87 6.43 6.49
CA VAL A 19 -14.27 5.09 6.99
C VAL A 19 -13.06 4.44 7.67
N ALA A 20 -13.26 3.76 8.76
CA ALA A 20 -12.10 3.13 9.44
C ALA A 20 -11.46 2.11 8.49
N PRO A 21 -10.22 2.30 8.10
CA PRO A 21 -9.54 1.35 7.16
C PRO A 21 -9.36 -0.04 7.77
N ALA A 22 -9.21 -0.10 9.07
CA ALA A 22 -9.04 -1.42 9.74
C ALA A 22 -10.38 -2.16 9.72
N ASP A 23 -11.44 -1.47 9.45
CA ASP A 23 -12.78 -2.13 9.41
C ASP A 23 -13.03 -2.69 8.01
N VAL A 24 -12.05 -2.63 7.16
CA VAL A 24 -12.24 -3.16 5.79
C VAL A 24 -11.59 -4.54 5.71
N ASP A 25 -12.23 -5.48 5.06
CA ASP A 25 -11.65 -6.84 4.97
C ASP A 25 -10.34 -6.77 4.19
N VAL A 26 -9.25 -6.54 4.88
CA VAL A 26 -7.93 -6.46 4.18
C VAL A 26 -7.63 -7.82 3.54
N ASP A 27 -8.51 -8.77 3.69
CA ASP A 27 -8.28 -10.11 3.07
C ASP A 27 -8.89 -10.13 1.67
N LEU A 28 -9.35 -8.99 1.21
CA LEU A 28 -9.97 -8.92 -0.14
C LEU A 28 -8.92 -8.49 -1.16
N ASP A 29 -8.89 -9.11 -2.30
CA ASP A 29 -7.89 -8.72 -3.32
C ASP A 29 -8.15 -7.26 -3.70
N LEU A 30 -7.18 -6.42 -3.52
CA LEU A 30 -7.38 -4.98 -3.85
C LEU A 30 -7.42 -4.79 -5.37
N VAL A 31 -7.37 -5.86 -6.12
CA VAL A 31 -7.42 -5.71 -7.60
C VAL A 31 -8.61 -4.83 -7.97
N ASP A 32 -9.70 -5.00 -7.27
CA ASP A 32 -10.89 -4.15 -7.56
C ASP A 32 -10.47 -2.70 -7.40
N ASN A 33 -9.60 -2.45 -6.46
CA ASN A 33 -9.11 -1.06 -6.23
C ASN A 33 -7.96 -0.79 -7.19
N GLY A 34 -7.83 -1.59 -8.21
CA GLY A 34 -6.74 -1.39 -9.21
C GLY A 34 -6.61 0.10 -9.54
N VAL A 35 -7.60 0.87 -9.16
CA VAL A 35 -7.53 2.33 -9.46
C VAL A 35 -6.19 2.88 -8.97
N ILE A 36 -5.71 2.37 -7.87
CA ILE A 36 -4.40 2.86 -7.34
C ILE A 36 -3.26 2.41 -8.25
N ASP A 37 -3.47 1.37 -9.00
CA ASP A 37 -2.38 0.85 -9.90
C ASP A 37 -1.90 1.95 -10.84
N SER A 38 -2.77 2.82 -11.27
CA SER A 38 -2.35 3.89 -12.22
C SER A 38 -2.41 5.28 -11.56
N LEU A 39 -3.58 5.72 -11.21
CA LEU A 39 -3.70 7.07 -10.59
C LEU A 39 -2.96 7.12 -9.26
N GLY A 40 -3.24 6.20 -8.38
CA GLY A 40 -2.57 6.20 -7.06
C GLY A 40 -1.10 5.81 -7.22
N LEU A 41 -0.81 4.91 -8.11
CA LEU A 41 0.61 4.49 -8.30
C LEU A 41 1.47 5.70 -8.66
N LEU A 42 0.97 6.56 -9.50
CA LEU A 42 1.77 7.76 -9.86
C LEU A 42 1.91 8.67 -8.65
N LYS A 43 0.84 8.88 -7.93
CA LYS A 43 0.91 9.76 -6.74
C LYS A 43 1.78 9.09 -5.66
N VAL A 44 1.64 7.81 -5.47
CA VAL A 44 2.45 7.10 -4.44
C VAL A 44 3.92 7.11 -4.83
N ILE A 45 4.21 6.86 -6.08
CA ILE A 45 5.63 6.84 -6.53
C ILE A 45 6.25 8.22 -6.28
N ALA A 46 5.62 9.27 -6.71
CA ALA A 46 6.19 10.63 -6.49
C ALA A 46 6.18 10.94 -4.99
N TRP A 47 5.16 10.54 -4.29
CA TRP A 47 5.09 10.80 -2.84
C TRP A 47 6.16 9.98 -2.11
N LEU A 48 6.33 8.75 -2.50
CA LEU A 48 7.34 7.88 -1.83
C LEU A 48 8.71 8.55 -1.91
N GLU A 49 9.10 9.02 -3.06
CA GLU A 49 10.42 9.68 -3.19
C GLU A 49 10.38 11.03 -2.45
N ASP A 50 9.27 11.69 -2.48
CA ASP A 50 9.18 13.01 -1.78
C ASP A 50 9.36 12.83 -0.28
N ARG A 51 8.69 11.87 0.30
CA ARG A 51 8.81 11.66 1.78
C ARG A 51 9.98 10.74 2.15
N PHE A 52 10.00 9.54 1.63
CA PHE A 52 11.08 8.58 2.00
C PHE A 52 12.37 8.86 1.22
N GLY A 53 12.29 9.48 0.07
CA GLY A 53 13.53 9.75 -0.70
C GLY A 53 13.98 8.46 -1.41
N ILE A 54 13.05 7.64 -1.81
CA ILE A 54 13.41 6.38 -2.51
C ILE A 54 13.14 6.53 -4.00
N ALA A 55 13.96 5.95 -4.83
CA ALA A 55 13.74 6.07 -6.31
C ALA A 55 12.38 5.49 -6.67
N ALA A 56 11.74 6.04 -7.65
CA ALA A 56 10.40 5.53 -8.06
C ALA A 56 10.51 4.04 -8.43
N ASP A 57 11.62 3.65 -8.99
CA ASP A 57 11.79 2.21 -9.37
C ASP A 57 10.62 1.79 -10.26
N ASP A 58 10.25 2.60 -11.21
CA ASP A 58 9.12 2.24 -12.12
C ASP A 58 9.67 1.60 -13.39
N VAL A 59 10.93 1.24 -13.40
CA VAL A 59 11.52 0.62 -14.62
C VAL A 59 10.73 -0.65 -14.98
N GLU A 60 10.39 -1.44 -14.01
CA GLU A 60 9.63 -2.69 -14.31
C GLU A 60 8.25 -2.60 -13.63
N LEU A 61 7.21 -2.98 -14.34
CA LEU A 61 5.85 -2.92 -13.75
C LEU A 61 5.35 -4.34 -13.48
N SER A 62 4.69 -4.56 -12.37
CA SER A 62 4.18 -5.92 -12.06
C SER A 62 2.71 -5.85 -11.66
N PRO A 63 1.82 -5.84 -12.63
CA PRO A 63 0.35 -5.78 -12.37
C PRO A 63 -0.11 -6.88 -11.40
N GLU A 64 0.57 -7.99 -11.38
CA GLU A 64 0.18 -9.10 -10.47
C GLU A 64 0.45 -8.69 -9.03
N HIS A 65 1.22 -7.65 -8.84
CA HIS A 65 1.54 -7.18 -7.46
C HIS A 65 0.29 -6.64 -6.78
N PHE A 66 -0.68 -6.19 -7.53
CA PHE A 66 -1.92 -5.64 -6.91
C PHE A 66 -2.93 -6.77 -6.67
N ARG A 67 -2.56 -7.98 -6.97
CA ARG A 67 -3.52 -9.11 -6.78
C ARG A 67 -3.98 -9.16 -5.32
N SER A 68 -3.11 -8.94 -4.37
CA SER A 68 -3.53 -9.00 -2.95
C SER A 68 -2.80 -7.93 -2.14
N ILE A 69 -3.40 -7.48 -1.06
CA ILE A 69 -2.76 -6.44 -0.22
C ILE A 69 -1.50 -7.02 0.43
N ARG A 70 -1.54 -8.28 0.80
CA ARG A 70 -0.35 -8.90 1.45
C ARG A 70 0.84 -8.86 0.50
N SER A 71 0.61 -9.04 -0.77
CA SER A 71 1.75 -9.01 -1.73
C SER A 71 2.42 -7.64 -1.65
N ILE A 72 1.65 -6.59 -1.56
CA ILE A 72 2.24 -5.23 -1.47
C ILE A 72 2.97 -5.08 -0.13
N ASP A 73 2.42 -5.64 0.91
CA ASP A 73 3.06 -5.52 2.25
C ASP A 73 4.48 -6.08 2.18
N ALA A 74 4.68 -7.15 1.47
CA ALA A 74 6.05 -7.74 1.38
C ALA A 74 6.98 -6.79 0.63
N PHE A 75 6.49 -6.14 -0.39
CA PHE A 75 7.35 -5.19 -1.16
C PHE A 75 7.83 -4.08 -0.23
N VAL A 76 6.94 -3.48 0.51
CA VAL A 76 7.33 -2.38 1.43
C VAL A 76 8.27 -2.92 2.51
N VAL A 77 7.98 -4.09 3.04
CA VAL A 77 8.84 -4.66 4.10
C VAL A 77 10.26 -4.88 3.55
N GLY A 78 10.37 -5.42 2.37
CA GLY A 78 11.72 -5.67 1.79
C GLY A 78 12.45 -4.35 1.53
N ALA A 79 11.76 -3.36 1.06
CA ALA A 79 12.43 -2.05 0.77
C ALA A 79 12.60 -1.28 2.08
N THR A 80 11.56 -1.16 2.85
CA THR A 80 11.65 -0.42 4.14
C THR A 80 11.04 -1.29 5.24
N THR A 81 11.42 -1.08 6.47
CA THR A 81 10.85 -1.89 7.57
C THR A 81 10.57 -1.02 8.78
N PRO A 82 9.40 -0.42 8.84
CA PRO A 82 9.00 0.46 9.97
C PRO A 82 8.85 -0.33 11.28
N PRO A 83 8.42 0.32 12.33
CA PRO A 83 8.22 -0.33 13.66
C PRO A 83 7.20 -1.47 13.58
N VAL A 84 7.34 -2.47 14.42
CA VAL A 84 6.37 -3.61 14.36
C VAL A 84 5.22 -3.36 15.32
N GLU A 85 4.00 -3.45 14.83
CA GLU A 85 2.82 -3.22 15.71
C GLU A 85 1.79 -4.33 15.46
N ALA A 86 0.91 -4.56 16.38
CA ALA A 86 -0.11 -5.63 16.19
C ALA A 86 -1.18 -5.13 15.21
N LYS A 87 -1.38 -5.84 14.14
CA LYS A 87 -2.41 -5.41 13.15
C LYS A 87 -3.79 -5.35 13.83
N LEU A 88 -4.05 -6.26 14.72
CA LEU A 88 -5.38 -6.25 15.41
C LEU A 88 -5.22 -5.59 16.79
N GLN A 89 -6.07 -4.66 17.11
CA GLN A 89 -5.98 -3.98 18.43
C GLN A 89 -6.49 -4.91 19.52
N MET A 1 0.88 -7.61 7.36
CA MET A 1 2.16 -8.32 7.65
C MET A 1 3.09 -7.38 8.43
N GLN A 2 4.35 -7.37 8.11
CA GLN A 2 5.29 -6.48 8.83
C GLN A 2 4.86 -5.02 8.67
N HIS A 3 4.38 -4.66 7.50
CA HIS A 3 3.96 -3.25 7.27
C HIS A 3 2.67 -3.24 6.44
N ALA A 4 2.09 -4.38 6.19
CA ALA A 4 0.84 -4.42 5.39
C ALA A 4 -0.24 -3.59 6.08
N SER A 5 -0.26 -3.58 7.38
CA SER A 5 -1.31 -2.79 8.09
C SER A 5 -1.21 -1.31 7.68
N VAL A 6 -0.02 -0.78 7.64
CA VAL A 6 0.13 0.65 7.23
C VAL A 6 -0.30 0.78 5.77
N ILE A 7 0.00 -0.21 4.99
CA ILE A 7 -0.38 -0.15 3.55
C ILE A 7 -1.90 -0.19 3.40
N ALA A 8 -2.57 -1.02 4.16
CA ALA A 8 -4.05 -1.12 4.03
C ALA A 8 -4.70 0.21 4.43
N GLN A 9 -4.34 0.75 5.55
CA GLN A 9 -4.94 2.05 5.97
C GLN A 9 -4.41 3.17 5.06
N PHE A 10 -3.13 3.15 4.78
CA PHE A 10 -2.55 4.20 3.90
C PHE A 10 -3.18 4.12 2.51
N VAL A 11 -3.24 2.94 1.96
CA VAL A 11 -3.84 2.78 0.61
C VAL A 11 -5.34 3.10 0.68
N VAL A 12 -6.00 2.59 1.69
CA VAL A 12 -7.46 2.87 1.82
C VAL A 12 -7.68 4.35 2.11
N GLU A 13 -6.80 4.96 2.87
CA GLU A 13 -6.96 6.40 3.19
C GLU A 13 -7.12 7.21 1.90
N GLU A 14 -6.51 6.76 0.83
CA GLU A 14 -6.63 7.50 -0.45
C GLU A 14 -8.08 7.47 -0.94
N PHE A 15 -8.80 6.42 -0.64
CA PHE A 15 -10.22 6.35 -1.08
C PHE A 15 -11.06 5.65 -0.01
N LEU A 16 -10.87 6.00 1.23
CA LEU A 16 -11.65 5.35 2.32
C LEU A 16 -13.04 5.99 2.42
N PRO A 17 -14.09 5.20 2.46
CA PRO A 17 -15.47 5.73 2.59
C PRO A 17 -15.76 6.12 4.05
N ASP A 18 -16.99 6.06 4.47
CA ASP A 18 -17.31 6.41 5.88
C ASP A 18 -16.97 5.21 6.77
N VAL A 19 -16.17 4.30 6.28
CA VAL A 19 -15.80 3.10 7.10
C VAL A 19 -14.30 3.14 7.42
N ALA A 20 -13.94 2.86 8.65
CA ALA A 20 -12.50 2.88 9.02
C ALA A 20 -11.80 1.65 8.41
N PRO A 21 -10.58 1.78 7.94
CA PRO A 21 -9.84 0.63 7.35
C PRO A 21 -9.87 -0.60 8.26
N ALA A 22 -9.96 -0.40 9.54
CA ALA A 22 -10.00 -1.55 10.48
C ALA A 22 -11.28 -2.36 10.24
N ASP A 23 -12.30 -1.73 9.74
CA ASP A 23 -13.57 -2.46 9.48
C ASP A 23 -13.60 -2.93 8.02
N VAL A 24 -12.51 -2.74 7.32
CA VAL A 24 -12.47 -3.17 5.88
C VAL A 24 -11.66 -4.45 5.79
N ASP A 25 -12.12 -5.41 5.04
CA ASP A 25 -11.37 -6.68 4.91
C ASP A 25 -10.08 -6.45 4.13
N VAL A 26 -9.02 -6.09 4.82
CA VAL A 26 -7.73 -5.85 4.10
C VAL A 26 -7.31 -7.13 3.38
N ASP A 27 -8.09 -8.16 3.48
CA ASP A 27 -7.74 -9.43 2.78
C ASP A 27 -8.43 -9.45 1.42
N LEU A 28 -8.98 -8.34 1.01
CA LEU A 28 -9.66 -8.27 -0.31
C LEU A 28 -8.66 -7.85 -1.38
N ASP A 29 -8.70 -8.47 -2.52
CA ASP A 29 -7.77 -8.09 -3.61
C ASP A 29 -8.07 -6.64 -4.00
N LEU A 30 -7.10 -5.77 -3.89
CA LEU A 30 -7.34 -4.34 -4.24
C LEU A 30 -7.54 -4.21 -5.75
N VAL A 31 -7.70 -5.29 -6.45
CA VAL A 31 -7.89 -5.19 -7.92
C VAL A 31 -9.08 -4.27 -8.19
N ASP A 32 -10.14 -4.43 -7.45
CA ASP A 32 -11.32 -3.55 -7.64
C ASP A 32 -10.85 -2.10 -7.50
N ASN A 33 -9.93 -1.87 -6.60
CA ASN A 33 -9.40 -0.51 -6.40
C ASN A 33 -8.26 -0.28 -7.39
N GLY A 34 -8.19 -1.09 -8.41
CA GLY A 34 -7.10 -0.94 -9.42
C GLY A 34 -6.92 0.54 -9.73
N VAL A 35 -7.85 1.37 -9.36
CA VAL A 35 -7.71 2.83 -9.64
C VAL A 35 -6.35 3.29 -9.11
N ILE A 36 -5.93 2.75 -7.99
CA ILE A 36 -4.62 3.15 -7.40
C ILE A 36 -3.47 2.60 -8.26
N ASP A 37 -3.72 1.58 -9.02
CA ASP A 37 -2.63 0.97 -9.85
C ASP A 37 -1.95 2.03 -10.72
N SER A 38 -2.67 3.03 -11.18
CA SER A 38 -2.03 4.05 -12.06
C SER A 38 -2.06 5.44 -11.40
N LEU A 39 -3.22 5.99 -11.18
CA LEU A 39 -3.29 7.35 -10.58
C LEU A 39 -2.67 7.34 -9.18
N GLY A 40 -3.11 6.45 -8.35
CA GLY A 40 -2.56 6.38 -6.96
C GLY A 40 -1.13 5.84 -6.99
N LEU A 41 -0.87 4.90 -7.85
CA LEU A 41 0.49 4.30 -7.92
C LEU A 41 1.53 5.39 -8.22
N LEU A 42 1.23 6.28 -9.13
CA LEU A 42 2.21 7.36 -9.44
C LEU A 42 2.37 8.27 -8.22
N LYS A 43 1.29 8.62 -7.59
CA LYS A 43 1.38 9.50 -6.39
C LYS A 43 2.16 8.79 -5.30
N VAL A 44 2.03 7.49 -5.21
CA VAL A 44 2.76 6.73 -4.16
C VAL A 44 4.27 6.92 -4.35
N ILE A 45 4.74 6.88 -5.56
CA ILE A 45 6.19 7.04 -5.80
C ILE A 45 6.68 8.39 -5.25
N ALA A 46 6.00 9.45 -5.58
CA ALA A 46 6.41 10.80 -5.08
C ALA A 46 6.20 10.87 -3.57
N TRP A 47 5.16 10.25 -3.08
CA TRP A 47 4.89 10.28 -1.62
C TRP A 47 5.99 9.52 -0.87
N LEU A 48 6.40 8.41 -1.37
CA LEU A 48 7.45 7.62 -0.69
C LEU A 48 8.74 8.44 -0.60
N GLU A 49 9.11 9.11 -1.65
CA GLU A 49 10.36 9.93 -1.61
C GLU A 49 10.18 11.11 -0.65
N ASP A 50 9.01 11.69 -0.62
CA ASP A 50 8.79 12.85 0.29
C ASP A 50 9.03 12.45 1.75
N ARG A 51 8.53 11.33 2.16
CA ARG A 51 8.71 10.90 3.58
C ARG A 51 10.02 10.11 3.76
N PHE A 52 10.23 9.09 2.99
CA PHE A 52 11.46 8.26 3.14
C PHE A 52 12.68 8.92 2.49
N GLY A 53 12.47 9.76 1.51
CA GLY A 53 13.64 10.40 0.84
C GLY A 53 14.30 9.40 -0.11
N ILE A 54 13.52 8.51 -0.68
CA ILE A 54 14.08 7.50 -1.62
C ILE A 54 13.76 7.91 -3.06
N ALA A 55 14.63 7.60 -3.98
CA ALA A 55 14.37 7.96 -5.40
C ALA A 55 13.10 7.28 -5.87
N ALA A 56 12.48 7.80 -6.90
CA ALA A 56 11.21 7.18 -7.39
C ALA A 56 11.43 5.70 -7.67
N ASP A 57 12.57 5.34 -8.19
CA ASP A 57 12.83 3.90 -8.47
C ASP A 57 11.67 3.33 -9.28
N ASP A 58 11.30 3.98 -10.35
CA ASP A 58 10.16 3.49 -11.17
C ASP A 58 10.57 2.22 -11.92
N VAL A 59 9.91 1.13 -11.62
CA VAL A 59 10.23 -0.16 -12.31
C VAL A 59 8.94 -0.78 -12.81
N GLU A 60 9.02 -1.71 -13.73
CA GLU A 60 7.77 -2.33 -14.25
C GLU A 60 7.40 -3.55 -13.40
N LEU A 61 6.21 -3.54 -12.85
CA LEU A 61 5.77 -4.69 -12.02
C LEU A 61 4.56 -5.35 -12.69
N SER A 62 4.45 -6.65 -12.58
CA SER A 62 3.29 -7.35 -13.21
C SER A 62 2.02 -6.99 -12.45
N PRO A 63 0.88 -7.04 -13.12
CA PRO A 63 -0.43 -6.73 -12.48
C PRO A 63 -0.74 -7.67 -11.31
N GLU A 64 -0.20 -8.85 -11.34
CA GLU A 64 -0.45 -9.81 -10.23
C GLU A 64 0.15 -9.30 -8.93
N HIS A 65 1.15 -8.45 -9.02
CA HIS A 65 1.80 -7.93 -7.79
C HIS A 65 0.82 -7.03 -7.02
N PHE A 66 -0.12 -6.43 -7.70
CA PHE A 66 -1.09 -5.54 -6.99
C PHE A 66 -2.37 -6.33 -6.72
N ARG A 67 -2.36 -7.60 -7.00
CA ARG A 67 -3.57 -8.43 -6.77
C ARG A 67 -4.00 -8.33 -5.30
N SER A 68 -3.08 -8.27 -4.38
CA SER A 68 -3.45 -8.17 -2.95
C SER A 68 -2.56 -7.15 -2.24
N ILE A 69 -3.06 -6.56 -1.18
CA ILE A 69 -2.27 -5.55 -0.43
C ILE A 69 -1.03 -6.20 0.20
N ARG A 70 -1.16 -7.42 0.65
CA ARG A 70 -0.01 -8.11 1.30
C ARG A 70 1.15 -8.24 0.31
N SER A 71 0.86 -8.48 -0.94
CA SER A 71 1.96 -8.62 -1.94
C SER A 71 2.74 -7.31 -2.02
N ILE A 72 2.08 -6.20 -1.90
CA ILE A 72 2.78 -4.89 -1.97
C ILE A 72 3.74 -4.78 -0.77
N ASP A 73 3.32 -5.21 0.38
CA ASP A 73 4.20 -5.11 1.57
C ASP A 73 5.49 -5.90 1.33
N ALA A 74 5.40 -7.01 0.65
CA ALA A 74 6.62 -7.80 0.38
C ALA A 74 7.60 -6.96 -0.43
N PHE A 75 7.12 -6.22 -1.39
CA PHE A 75 8.03 -5.38 -2.20
C PHE A 75 8.68 -4.32 -1.31
N VAL A 76 7.90 -3.64 -0.52
CA VAL A 76 8.46 -2.59 0.37
C VAL A 76 9.37 -3.25 1.41
N VAL A 77 8.95 -4.35 1.98
CA VAL A 77 9.79 -5.04 3.00
C VAL A 77 11.13 -5.43 2.37
N GLY A 78 11.10 -5.91 1.16
CA GLY A 78 12.37 -6.32 0.49
C GLY A 78 13.33 -5.13 0.39
N ALA A 79 12.82 -3.93 0.27
CA ALA A 79 13.73 -2.76 0.14
C ALA A 79 13.78 -1.97 1.45
N THR A 80 12.65 -1.63 1.99
CA THR A 80 12.63 -0.85 3.27
C THR A 80 11.67 -1.50 4.27
N THR A 81 11.82 -1.22 5.53
CA THR A 81 10.93 -1.81 6.54
C THR A 81 10.55 -0.74 7.58
N PRO A 82 9.49 -0.01 7.32
CA PRO A 82 9.02 1.07 8.25
C PRO A 82 8.50 0.49 9.57
N PRO A 83 8.02 1.34 10.46
CA PRO A 83 7.47 0.90 11.78
C PRO A 83 6.28 -0.03 11.61
N VAL A 84 6.08 -0.92 12.56
CA VAL A 84 4.92 -1.86 12.45
C VAL A 84 3.88 -1.50 13.51
N GLU A 85 2.64 -1.36 13.11
CA GLU A 85 1.58 -1.02 14.09
C GLU A 85 0.33 -1.85 13.81
N ALA A 86 -0.50 -2.06 14.79
CA ALA A 86 -1.74 -2.87 14.58
C ALA A 86 -2.94 -1.92 14.46
N LYS A 87 -3.85 -2.22 13.57
CA LYS A 87 -5.04 -1.35 13.41
C LYS A 87 -5.81 -1.28 14.74
N LEU A 88 -5.82 -2.36 15.47
CA LEU A 88 -6.55 -2.37 16.78
C LEU A 88 -5.56 -2.17 17.91
N GLN A 89 -5.84 -1.24 18.80
CA GLN A 89 -4.90 -1.00 19.94
C GLN A 89 -5.30 -1.88 21.12
N MET A 1 3.35 -11.43 7.45
CA MET A 1 4.71 -10.83 7.52
C MET A 1 4.84 -10.03 8.83
N GLN A 2 5.40 -8.85 8.75
CA GLN A 2 5.56 -8.02 9.98
C GLN A 2 4.59 -6.84 9.91
N HIS A 3 3.95 -6.52 11.00
CA HIS A 3 3.00 -5.38 10.98
C HIS A 3 2.08 -5.50 9.76
N ALA A 4 1.68 -6.69 9.44
CA ALA A 4 0.79 -6.89 8.26
C ALA A 4 -0.52 -6.11 8.47
N SER A 5 -0.98 -6.02 9.69
CA SER A 5 -2.24 -5.29 9.95
C SER A 5 -2.09 -3.83 9.50
N VAL A 6 -0.93 -3.26 9.67
CA VAL A 6 -0.73 -1.85 9.24
C VAL A 6 -0.91 -1.74 7.73
N ILE A 7 -0.40 -2.70 7.00
CA ILE A 7 -0.54 -2.65 5.52
C ILE A 7 -2.01 -2.64 5.14
N ALA A 8 -2.81 -3.45 5.77
CA ALA A 8 -4.26 -3.48 5.44
C ALA A 8 -4.88 -2.13 5.77
N GLN A 9 -4.62 -1.63 6.95
CA GLN A 9 -5.19 -0.32 7.34
C GLN A 9 -4.55 0.79 6.52
N PHE A 10 -3.30 0.64 6.18
CA PHE A 10 -2.61 1.70 5.38
C PHE A 10 -3.28 1.85 4.02
N VAL A 11 -3.45 0.77 3.31
CA VAL A 11 -4.10 0.84 1.96
C VAL A 11 -5.61 1.05 2.09
N VAL A 12 -6.25 0.33 2.98
CA VAL A 12 -7.73 0.46 3.13
C VAL A 12 -8.10 1.85 3.65
N GLU A 13 -7.35 2.38 4.56
CA GLU A 13 -7.70 3.72 5.12
C GLU A 13 -7.72 4.75 3.98
N GLU A 14 -6.97 4.53 2.94
CA GLU A 14 -6.93 5.50 1.82
C GLU A 14 -8.29 5.53 1.11
N PHE A 15 -8.94 4.40 0.96
CA PHE A 15 -10.26 4.39 0.26
C PHE A 15 -11.40 4.42 1.28
N LEU A 16 -11.32 3.64 2.32
CA LEU A 16 -12.41 3.62 3.34
C LEU A 16 -11.84 3.85 4.74
N PRO A 17 -11.62 5.08 5.09
CA PRO A 17 -11.09 5.45 6.43
C PRO A 17 -12.19 5.53 7.49
N ASP A 18 -13.41 5.76 7.08
CA ASP A 18 -14.51 5.84 8.07
C ASP A 18 -14.98 4.44 8.45
N VAL A 19 -14.42 3.44 7.83
CA VAL A 19 -14.81 2.04 8.15
C VAL A 19 -13.62 1.33 8.80
N ALA A 20 -13.87 0.51 9.79
CA ALA A 20 -12.72 -0.19 10.45
C ALA A 20 -12.03 -1.08 9.41
N PRO A 21 -10.76 -0.84 9.11
CA PRO A 21 -10.03 -1.66 8.10
C PRO A 21 -9.87 -3.10 8.54
N ALA A 22 -9.80 -3.34 9.83
CA ALA A 22 -9.65 -4.73 10.32
C ALA A 22 -10.97 -5.48 10.09
N ASP A 23 -12.04 -4.77 9.88
CA ASP A 23 -13.35 -5.42 9.64
C ASP A 23 -13.52 -5.66 8.14
N VAL A 24 -12.52 -5.31 7.37
CA VAL A 24 -12.61 -5.52 5.90
C VAL A 24 -11.78 -6.76 5.54
N ASP A 25 -12.26 -7.57 4.65
CA ASP A 25 -11.50 -8.80 4.29
C ASP A 25 -10.23 -8.39 3.53
N VAL A 26 -9.14 -8.25 4.24
CA VAL A 26 -7.87 -7.86 3.57
C VAL A 26 -7.51 -8.92 2.53
N ASP A 27 -8.32 -9.93 2.38
CA ASP A 27 -8.03 -10.98 1.37
C ASP A 27 -8.64 -10.57 0.02
N LEU A 28 -9.10 -9.35 -0.07
CA LEU A 28 -9.71 -8.87 -1.35
C LEU A 28 -8.61 -8.34 -2.26
N ASP A 29 -8.64 -8.72 -3.51
CA ASP A 29 -7.60 -8.23 -4.45
C ASP A 29 -7.70 -6.72 -4.56
N LEU A 30 -6.65 -6.01 -4.26
CA LEU A 30 -6.70 -4.53 -4.35
C LEU A 30 -7.03 -4.13 -5.78
N VAL A 31 -6.96 -5.04 -6.70
CA VAL A 31 -7.27 -4.68 -8.11
C VAL A 31 -8.59 -3.92 -8.15
N ASP A 32 -9.53 -4.32 -7.33
CA ASP A 32 -10.83 -3.59 -7.30
C ASP A 32 -10.53 -2.13 -6.99
N ASN A 33 -9.55 -1.90 -6.16
CA ASN A 33 -9.15 -0.50 -5.82
C ASN A 33 -8.17 -0.01 -6.86
N GLY A 34 -8.16 -0.61 -8.02
CA GLY A 34 -7.23 -0.19 -9.09
C GLY A 34 -7.20 1.34 -9.16
N VAL A 35 -8.13 1.99 -8.54
CA VAL A 35 -8.14 3.48 -8.56
C VAL A 35 -6.75 3.97 -8.14
N ILE A 36 -6.16 3.34 -7.17
CA ILE A 36 -4.81 3.77 -6.71
C ILE A 36 -3.74 3.40 -7.75
N ASP A 37 -4.01 2.41 -8.56
CA ASP A 37 -2.99 1.99 -9.56
C ASP A 37 -2.63 3.15 -10.49
N SER A 38 -3.53 4.07 -10.73
CA SER A 38 -3.20 5.21 -11.65
C SER A 38 -3.14 6.53 -10.90
N LEU A 39 -4.23 6.98 -10.34
CA LEU A 39 -4.21 8.30 -9.62
C LEU A 39 -3.38 8.19 -8.34
N GLY A 40 -3.65 7.22 -7.53
CA GLY A 40 -2.88 7.07 -6.26
C GLY A 40 -1.46 6.62 -6.58
N LEU A 41 -1.30 5.80 -7.58
CA LEU A 41 0.06 5.31 -7.94
C LEU A 41 0.98 6.48 -8.24
N LEU A 42 0.53 7.43 -9.00
CA LEU A 42 1.41 8.59 -9.31
C LEU A 42 1.76 9.32 -8.02
N LYS A 43 0.79 9.52 -7.17
CA LYS A 43 1.06 10.22 -5.89
C LYS A 43 1.87 9.32 -4.95
N VAL A 44 1.61 8.03 -4.98
CA VAL A 44 2.34 7.09 -4.07
C VAL A 44 3.83 7.05 -4.39
N ILE A 45 4.20 6.88 -5.63
CA ILE A 45 5.64 6.83 -5.96
C ILE A 45 6.32 8.13 -5.51
N ALA A 46 5.77 9.25 -5.87
CA ALA A 46 6.39 10.53 -5.46
C ALA A 46 6.28 10.69 -3.94
N TRP A 47 5.20 10.24 -3.36
CA TRP A 47 5.01 10.39 -1.89
C TRP A 47 5.86 9.36 -1.12
N LEU A 48 5.76 8.11 -1.46
CA LEU A 48 6.55 7.07 -0.73
C LEU A 48 8.05 7.27 -0.96
N GLU A 49 8.45 7.62 -2.14
CA GLU A 49 9.90 7.82 -2.40
C GLU A 49 10.41 9.01 -1.59
N ASP A 50 9.59 10.02 -1.43
CA ASP A 50 10.05 11.21 -0.66
C ASP A 50 10.28 10.82 0.80
N ARG A 51 9.39 10.05 1.38
CA ARG A 51 9.55 9.66 2.80
C ARG A 51 10.75 8.72 2.99
N PHE A 52 10.93 7.77 2.12
CA PHE A 52 12.07 6.83 2.27
C PHE A 52 13.24 7.25 1.38
N GLY A 53 13.02 8.15 0.46
CA GLY A 53 14.14 8.60 -0.41
C GLY A 53 14.60 7.44 -1.29
N ILE A 54 13.69 6.67 -1.82
CA ILE A 54 14.09 5.51 -2.68
C ILE A 54 13.84 5.85 -4.15
N ALA A 55 14.82 5.67 -4.99
CA ALA A 55 14.62 5.98 -6.44
C ALA A 55 13.55 5.06 -7.01
N ALA A 56 12.77 5.55 -7.92
CA ALA A 56 11.71 4.69 -8.53
C ALA A 56 12.35 3.53 -9.27
N ASP A 57 13.51 3.74 -9.84
CA ASP A 57 14.20 2.64 -10.56
C ASP A 57 14.44 1.47 -9.61
N ASP A 58 14.69 1.75 -8.36
CA ASP A 58 14.93 0.66 -7.37
C ASP A 58 13.79 -0.35 -7.44
N VAL A 59 12.60 0.09 -7.71
CA VAL A 59 11.44 -0.85 -7.78
C VAL A 59 10.80 -0.78 -9.17
N GLU A 60 10.20 -1.86 -9.61
CA GLU A 60 9.56 -1.86 -10.96
C GLU A 60 8.04 -1.96 -10.80
N LEU A 61 7.29 -1.39 -11.71
CA LEU A 61 5.81 -1.45 -11.60
C LEU A 61 5.32 -2.76 -12.21
N SER A 62 4.33 -3.37 -11.60
CA SER A 62 3.80 -4.65 -12.14
C SER A 62 2.35 -4.84 -11.64
N PRO A 63 1.37 -4.72 -12.52
CA PRO A 63 -0.06 -4.88 -12.11
C PRO A 63 -0.29 -6.17 -11.31
N GLU A 64 0.40 -7.21 -11.64
CA GLU A 64 0.24 -8.49 -10.89
C GLU A 64 0.77 -8.33 -9.47
N HIS A 65 1.72 -7.46 -9.28
CA HIS A 65 2.30 -7.26 -7.92
C HIS A 65 1.25 -6.64 -6.99
N PHE A 66 0.33 -5.89 -7.53
CA PHE A 66 -0.71 -5.25 -6.67
C PHE A 66 -2.00 -6.04 -6.74
N ARG A 67 -1.95 -7.20 -7.34
CA ARG A 67 -3.17 -8.05 -7.44
C ARG A 67 -3.75 -8.30 -6.04
N SER A 68 -2.89 -8.46 -5.06
CA SER A 68 -3.40 -8.71 -3.67
C SER A 68 -2.50 -7.99 -2.66
N ILE A 69 -3.01 -7.73 -1.48
CA ILE A 69 -2.21 -7.05 -0.43
C ILE A 69 -1.01 -7.91 -0.02
N ARG A 70 -1.19 -9.20 0.02
CA ARG A 70 -0.06 -10.09 0.44
C ARG A 70 1.11 -9.93 -0.53
N SER A 71 0.85 -9.80 -1.80
CA SER A 71 1.97 -9.64 -2.77
C SER A 71 2.75 -8.37 -2.45
N ILE A 72 2.06 -7.29 -2.17
CA ILE A 72 2.76 -6.02 -1.84
C ILE A 72 3.50 -6.15 -0.50
N ASP A 73 2.88 -6.79 0.45
CA ASP A 73 3.54 -6.93 1.79
C ASP A 73 4.88 -7.66 1.65
N ALA A 74 4.94 -8.68 0.85
CA ALA A 74 6.23 -9.43 0.69
C ALA A 74 7.28 -8.53 0.03
N PHE A 75 6.91 -7.82 -0.99
CA PHE A 75 7.90 -6.94 -1.67
C PHE A 75 8.40 -5.87 -0.71
N VAL A 76 7.51 -5.23 0.00
CA VAL A 76 7.94 -4.18 0.96
C VAL A 76 8.76 -4.82 2.09
N VAL A 77 8.32 -5.93 2.61
CA VAL A 77 9.09 -6.60 3.70
C VAL A 77 10.48 -6.97 3.19
N GLY A 78 10.55 -7.44 1.98
CA GLY A 78 11.88 -7.83 1.42
C GLY A 78 12.84 -6.65 1.46
N ALA A 79 12.34 -5.44 1.29
CA ALA A 79 13.26 -4.27 1.31
C ALA A 79 13.17 -3.54 2.66
N THR A 80 11.98 -3.23 3.10
CA THR A 80 11.85 -2.52 4.41
C THR A 80 10.44 -2.71 4.98
N THR A 81 10.31 -2.66 6.27
CA THR A 81 8.98 -2.84 6.91
C THR A 81 8.74 -1.69 7.90
N PRO A 82 8.19 -0.60 7.44
CA PRO A 82 7.92 0.60 8.27
C PRO A 82 6.49 0.62 8.86
N PRO A 83 6.33 0.39 10.13
CA PRO A 83 5.00 0.39 10.78
C PRO A 83 4.53 1.82 11.11
N VAL A 84 3.29 2.12 10.89
CA VAL A 84 2.78 3.48 11.20
C VAL A 84 1.45 3.39 11.96
N GLU A 85 1.25 4.23 12.93
CA GLU A 85 -0.03 4.19 13.71
C GLU A 85 -1.21 4.49 12.78
N ALA A 86 -1.02 5.36 11.83
CA ALA A 86 -2.12 5.71 10.89
C ALA A 86 -1.54 6.08 9.53
N LYS A 87 -2.31 5.94 8.48
CA LYS A 87 -1.81 6.29 7.13
C LYS A 87 -1.35 7.75 7.11
N LEU A 88 -2.05 8.60 7.80
CA LEU A 88 -1.66 10.04 7.83
C LEU A 88 -0.72 10.30 9.02
N GLN A 89 0.27 11.13 8.84
CA GLN A 89 1.20 11.42 9.95
C GLN A 89 0.58 12.46 10.89
N MET A 1 0.56 -9.41 11.19
CA MET A 1 1.33 -8.88 10.02
C MET A 1 2.38 -7.89 10.51
N GLN A 2 3.61 -8.09 10.12
CA GLN A 2 4.69 -7.17 10.56
C GLN A 2 4.41 -5.74 10.09
N HIS A 3 3.96 -5.58 8.87
CA HIS A 3 3.68 -4.19 8.39
C HIS A 3 2.53 -4.21 7.36
N ALA A 4 1.94 -5.34 7.12
CA ALA A 4 0.82 -5.39 6.12
C ALA A 4 -0.35 -4.53 6.60
N SER A 5 -0.55 -4.45 7.89
CA SER A 5 -1.68 -3.62 8.40
C SER A 5 -1.50 -2.17 7.93
N VAL A 6 -0.29 -1.72 7.86
CA VAL A 6 -0.06 -0.32 7.40
C VAL A 6 -0.46 -0.19 5.93
N ILE A 7 -0.20 -1.21 5.15
CA ILE A 7 -0.56 -1.17 3.71
C ILE A 7 -2.08 -1.03 3.55
N ALA A 8 -2.83 -1.82 4.27
CA ALA A 8 -4.31 -1.75 4.14
C ALA A 8 -4.82 -0.39 4.59
N GLN A 9 -4.41 0.05 5.75
CA GLN A 9 -4.90 1.37 6.24
C GLN A 9 -4.28 2.50 5.40
N PHE A 10 -3.02 2.40 5.09
CA PHE A 10 -2.39 3.47 4.26
C PHE A 10 -3.07 3.53 2.90
N VAL A 11 -3.27 2.41 2.28
CA VAL A 11 -3.93 2.39 0.95
C VAL A 11 -5.39 2.84 1.07
N VAL A 12 -6.10 2.29 2.02
CA VAL A 12 -7.54 2.65 2.20
C VAL A 12 -7.65 4.11 2.65
N GLU A 13 -6.73 4.58 3.44
CA GLU A 13 -6.80 5.98 3.93
C GLU A 13 -6.98 6.94 2.74
N GLU A 14 -6.35 6.65 1.64
CA GLU A 14 -6.47 7.54 0.46
C GLU A 14 -7.89 7.51 -0.11
N PHE A 15 -8.55 6.39 -0.06
CA PHE A 15 -9.93 6.31 -0.64
C PHE A 15 -10.97 6.57 0.45
N LEU A 16 -11.05 5.72 1.44
CA LEU A 16 -12.07 5.92 2.52
C LEU A 16 -11.39 5.96 3.89
N PRO A 17 -10.88 7.10 4.27
CA PRO A 17 -10.21 7.28 5.58
C PRO A 17 -11.20 7.54 6.71
N ASP A 18 -12.39 7.98 6.37
CA ASP A 18 -13.41 8.25 7.43
C ASP A 18 -14.00 6.93 7.90
N VAL A 19 -13.59 5.84 7.28
CA VAL A 19 -14.11 4.50 7.67
C VAL A 19 -12.95 3.70 8.27
N ALA A 20 -13.21 2.91 9.28
CA ALA A 20 -12.10 2.13 9.88
C ALA A 20 -11.54 1.16 8.82
N PRO A 21 -10.28 1.27 8.46
CA PRO A 21 -9.69 0.38 7.42
C PRO A 21 -9.66 -1.09 7.87
N ALA A 22 -9.67 -1.31 9.16
CA ALA A 22 -9.66 -2.71 9.67
C ALA A 22 -11.03 -3.36 9.40
N ASP A 23 -12.01 -2.57 9.09
CA ASP A 23 -13.36 -3.14 8.81
C ASP A 23 -13.42 -3.62 7.37
N VAL A 24 -12.32 -3.54 6.67
CA VAL A 24 -12.30 -4.01 5.25
C VAL A 24 -11.64 -5.39 5.21
N ASP A 25 -12.19 -6.30 4.45
CA ASP A 25 -11.59 -7.65 4.38
C ASP A 25 -10.22 -7.56 3.73
N VAL A 26 -9.19 -7.33 4.52
CA VAL A 26 -7.82 -7.23 3.94
C VAL A 26 -7.43 -8.57 3.32
N ASP A 27 -8.31 -9.54 3.38
CA ASP A 27 -7.99 -10.87 2.79
C ASP A 27 -8.52 -10.92 1.36
N LEU A 28 -9.05 -9.82 0.88
CA LEU A 28 -9.59 -9.78 -0.51
C LEU A 28 -8.55 -9.17 -1.44
N ASP A 29 -8.39 -9.74 -2.60
CA ASP A 29 -7.39 -9.17 -3.56
C ASP A 29 -7.78 -7.74 -3.88
N LEU A 30 -6.92 -6.80 -3.61
CA LEU A 30 -7.26 -5.38 -3.89
C LEU A 30 -7.43 -5.17 -5.39
N VAL A 31 -7.38 -6.21 -6.17
CA VAL A 31 -7.55 -6.05 -7.64
C VAL A 31 -8.81 -5.23 -7.90
N ASP A 32 -9.84 -5.46 -7.14
CA ASP A 32 -11.08 -4.67 -7.33
C ASP A 32 -10.73 -3.19 -7.15
N ASN A 33 -9.82 -2.92 -6.27
CA ASN A 33 -9.37 -1.51 -6.04
C ASN A 33 -8.27 -1.18 -7.04
N GLY A 34 -8.18 -1.92 -8.11
CA GLY A 34 -7.13 -1.65 -9.13
C GLY A 34 -7.03 -0.16 -9.37
N VAL A 35 -8.00 0.59 -8.93
CA VAL A 35 -7.95 2.06 -9.12
C VAL A 35 -6.61 2.58 -8.60
N ILE A 36 -6.10 1.99 -7.56
CA ILE A 36 -4.80 2.45 -7.00
C ILE A 36 -3.66 2.08 -7.95
N ASP A 37 -3.87 1.11 -8.80
CA ASP A 37 -2.80 0.67 -9.74
C ASP A 37 -2.28 1.86 -10.56
N SER A 38 -3.12 2.81 -10.87
CA SER A 38 -2.66 3.97 -11.69
C SER A 38 -2.79 5.28 -10.91
N LEU A 39 -3.98 5.68 -10.58
CA LEU A 39 -4.15 6.96 -9.84
C LEU A 39 -3.43 6.91 -8.50
N GLY A 40 -3.69 5.90 -7.72
CA GLY A 40 -3.03 5.78 -6.40
C GLY A 40 -1.56 5.43 -6.60
N LEU A 41 -1.28 4.59 -7.56
CA LEU A 41 0.13 4.20 -7.81
C LEU A 41 0.95 5.45 -8.14
N LEU A 42 0.40 6.34 -8.91
CA LEU A 42 1.15 7.58 -9.26
C LEU A 42 1.44 8.36 -7.98
N LYS A 43 0.47 8.48 -7.12
CA LYS A 43 0.68 9.21 -5.84
C LYS A 43 1.70 8.46 -4.98
N VAL A 44 1.64 7.15 -5.00
CA VAL A 44 2.59 6.35 -4.18
C VAL A 44 4.02 6.60 -4.65
N ILE A 45 4.23 6.71 -5.93
CA ILE A 45 5.61 6.95 -6.44
C ILE A 45 6.14 8.27 -5.88
N ALA A 46 5.40 9.32 -6.01
CA ALA A 46 5.86 10.63 -5.48
C ALA A 46 5.91 10.59 -3.94
N TRP A 47 4.94 9.95 -3.34
CA TRP A 47 4.92 9.87 -1.86
C TRP A 47 6.06 8.98 -1.36
N LEU A 48 6.26 7.87 -2.02
CA LEU A 48 7.35 6.94 -1.59
C LEU A 48 8.71 7.64 -1.72
N GLU A 49 8.96 8.28 -2.83
CA GLU A 49 10.27 8.97 -3.00
C GLU A 49 10.35 10.17 -2.06
N ASP A 50 9.26 10.84 -1.83
CA ASP A 50 9.30 12.02 -0.93
C ASP A 50 9.76 11.62 0.48
N ARG A 51 9.22 10.55 1.00
CA ARG A 51 9.61 10.12 2.38
C ARG A 51 10.86 9.22 2.36
N PHE A 52 10.86 8.20 1.54
CA PHE A 52 12.03 7.28 1.51
C PHE A 52 13.18 7.87 0.69
N GLY A 53 12.90 8.74 -0.23
CA GLY A 53 14.00 9.32 -1.06
C GLY A 53 14.45 8.29 -2.10
N ILE A 54 13.56 7.45 -2.54
CA ILE A 54 13.93 6.41 -3.54
C ILE A 54 13.36 6.80 -4.91
N ALA A 55 14.07 6.52 -5.96
CA ALA A 55 13.57 6.89 -7.31
C ALA A 55 12.25 6.16 -7.58
N ALA A 56 11.41 6.74 -8.40
CA ALA A 56 10.10 6.10 -8.70
C ALA A 56 10.31 4.69 -9.23
N ASP A 57 11.39 4.47 -9.94
CA ASP A 57 11.65 3.11 -10.50
C ASP A 57 10.43 2.64 -11.30
N ASP A 58 9.91 3.49 -12.14
CA ASP A 58 8.72 3.09 -12.95
C ASP A 58 9.18 2.50 -14.29
N VAL A 59 10.44 2.23 -14.42
CA VAL A 59 10.94 1.66 -15.71
C VAL A 59 10.18 0.37 -16.02
N GLU A 60 9.96 -0.45 -15.03
CA GLU A 60 9.21 -1.73 -15.27
C GLU A 60 7.89 -1.69 -14.49
N LEU A 61 6.83 -2.15 -15.09
CA LEU A 61 5.52 -2.14 -14.38
C LEU A 61 5.16 -3.57 -13.97
N SER A 62 4.64 -3.74 -12.78
CA SER A 62 4.26 -5.11 -12.32
C SER A 62 2.87 -5.09 -11.70
N PRO A 63 1.85 -4.97 -12.52
CA PRO A 63 0.44 -4.95 -12.05
C PRO A 63 0.07 -6.21 -11.26
N GLU A 64 0.69 -7.31 -11.58
CA GLU A 64 0.39 -8.58 -10.85
C GLU A 64 0.80 -8.44 -9.38
N HIS A 65 1.76 -7.60 -9.12
CA HIS A 65 2.24 -7.42 -7.72
C HIS A 65 1.16 -6.76 -6.85
N PHE A 66 0.27 -6.00 -7.45
CA PHE A 66 -0.78 -5.32 -6.65
C PHE A 66 -2.01 -6.23 -6.50
N ARG A 67 -1.92 -7.46 -6.93
CA ARG A 67 -3.10 -8.37 -6.81
C ARG A 67 -3.52 -8.52 -5.34
N SER A 68 -2.57 -8.57 -4.43
CA SER A 68 -2.94 -8.73 -2.99
C SER A 68 -2.18 -7.72 -2.13
N ILE A 69 -2.77 -7.32 -1.03
CA ILE A 69 -2.10 -6.33 -0.13
C ILE A 69 -0.84 -6.96 0.47
N ARG A 70 -0.90 -8.22 0.80
CA ARG A 70 0.29 -8.88 1.41
C ARG A 70 1.47 -8.84 0.44
N SER A 71 1.23 -9.01 -0.83
CA SER A 71 2.35 -8.98 -1.80
C SER A 71 3.05 -7.62 -1.73
N ILE A 72 2.29 -6.56 -1.61
CA ILE A 72 2.90 -5.21 -1.54
C ILE A 72 3.73 -5.08 -0.26
N ASP A 73 3.21 -5.57 0.84
CA ASP A 73 3.96 -5.47 2.12
C ASP A 73 5.31 -6.19 2.01
N ALA A 74 5.33 -7.31 1.33
CA ALA A 74 6.62 -8.06 1.20
C ALA A 74 7.63 -7.21 0.43
N PHE A 75 7.19 -6.53 -0.59
CA PHE A 75 8.14 -5.68 -1.38
C PHE A 75 8.70 -4.58 -0.49
N VAL A 76 7.87 -3.91 0.25
CA VAL A 76 8.35 -2.82 1.14
C VAL A 76 9.25 -3.41 2.21
N VAL A 77 8.87 -4.51 2.81
CA VAL A 77 9.70 -5.12 3.87
C VAL A 77 11.07 -5.49 3.29
N GLY A 78 11.10 -6.01 2.09
CA GLY A 78 12.39 -6.40 1.47
C GLY A 78 13.33 -5.19 1.36
N ALA A 79 12.78 -4.01 1.17
CA ALA A 79 13.66 -2.81 1.04
C ALA A 79 13.65 -1.98 2.33
N THR A 80 12.49 -1.67 2.83
CA THR A 80 12.41 -0.85 4.09
C THR A 80 11.46 -1.52 5.08
N THR A 81 11.60 -1.22 6.34
CA THR A 81 10.69 -1.82 7.36
C THR A 81 10.29 -0.74 8.36
N PRO A 82 9.22 -0.02 8.08
CA PRO A 82 8.72 1.05 8.98
C PRO A 82 7.84 0.52 10.12
N PRO A 83 7.69 1.29 11.16
CA PRO A 83 6.86 0.90 12.34
C PRO A 83 5.39 0.68 11.96
N VAL A 84 4.71 -0.17 12.68
CA VAL A 84 3.27 -0.43 12.35
C VAL A 84 2.42 -0.23 13.61
N GLU A 85 1.27 0.37 13.46
CA GLU A 85 0.38 0.59 14.63
C GLU A 85 -0.93 -0.17 14.41
N ALA A 86 -1.48 -0.75 15.44
CA ALA A 86 -2.75 -1.50 15.28
C ALA A 86 -3.83 -0.56 14.75
N LYS A 87 -4.61 -1.02 13.81
CA LYS A 87 -5.69 -0.16 13.25
C LYS A 87 -6.64 0.25 14.37
N LEU A 88 -6.88 -0.62 15.31
CA LEU A 88 -7.80 -0.30 16.43
C LEU A 88 -7.32 0.97 17.14
N GLN A 89 -6.02 1.13 17.28
CA GLN A 89 -5.48 2.33 17.96
C GLN A 89 -4.96 3.31 16.91
N MET A 1 0.06 -6.97 9.06
CA MET A 1 1.49 -7.35 9.11
C MET A 1 2.27 -6.29 9.88
N GLN A 2 3.52 -6.10 9.55
CA GLN A 2 4.33 -5.07 10.26
C GLN A 2 3.69 -3.69 10.09
N HIS A 3 3.12 -3.42 8.95
CA HIS A 3 2.49 -2.10 8.73
C HIS A 3 1.41 -2.22 7.65
N ALA A 4 0.82 -3.37 7.52
CA ALA A 4 -0.25 -3.55 6.49
C ALA A 4 -1.41 -2.60 6.78
N SER A 5 -1.68 -2.33 8.03
CA SER A 5 -2.81 -1.41 8.35
C SER A 5 -2.53 -0.03 7.76
N VAL A 6 -1.29 0.38 7.76
CA VAL A 6 -0.96 1.72 7.19
C VAL A 6 -1.18 1.68 5.68
N ILE A 7 -0.85 0.58 5.05
CA ILE A 7 -1.05 0.48 3.58
C ILE A 7 -2.53 0.66 3.26
N ALA A 8 -3.39 -0.07 3.92
CA ALA A 8 -4.85 0.06 3.66
C ALA A 8 -5.31 1.46 4.08
N GLN A 9 -4.92 1.90 5.24
CA GLN A 9 -5.32 3.25 5.71
C GLN A 9 -4.73 4.31 4.77
N PHE A 10 -3.49 4.15 4.42
CA PHE A 10 -2.84 5.12 3.51
C PHE A 10 -3.51 5.08 2.13
N VAL A 11 -3.73 3.89 1.63
CA VAL A 11 -4.38 3.76 0.29
C VAL A 11 -5.85 4.17 0.37
N VAL A 12 -6.56 3.69 1.34
CA VAL A 12 -8.00 4.02 1.48
C VAL A 12 -8.19 5.52 1.76
N GLU A 13 -7.28 6.12 2.49
CA GLU A 13 -7.43 7.56 2.81
C GLU A 13 -7.63 8.37 1.52
N GLU A 14 -6.98 7.97 0.46
CA GLU A 14 -7.13 8.72 -0.82
C GLU A 14 -8.55 8.56 -1.38
N PHE A 15 -9.16 7.42 -1.20
CA PHE A 15 -10.53 7.22 -1.76
C PHE A 15 -11.59 7.58 -0.70
N LEU A 16 -11.64 6.85 0.38
CA LEU A 16 -12.67 7.14 1.43
C LEU A 16 -11.99 7.37 2.78
N PRO A 17 -11.53 8.56 3.01
CA PRO A 17 -10.87 8.93 4.29
C PRO A 17 -11.88 9.29 5.38
N ASP A 18 -13.08 9.65 5.00
CA ASP A 18 -14.11 10.00 6.02
C ASP A 18 -14.65 8.72 6.66
N VAL A 19 -14.21 7.59 6.17
CA VAL A 19 -14.69 6.29 6.73
C VAL A 19 -13.51 5.59 7.41
N ALA A 20 -13.72 4.95 8.52
CA ALA A 20 -12.59 4.28 9.20
C ALA A 20 -12.03 3.20 8.26
N PRO A 21 -10.79 3.29 7.84
CA PRO A 21 -10.19 2.29 6.92
C PRO A 21 -10.09 0.91 7.57
N ALA A 22 -10.01 0.86 8.87
CA ALA A 22 -9.92 -0.45 9.57
C ALA A 22 -11.27 -1.18 9.46
N ASP A 23 -12.30 -0.47 9.08
CA ASP A 23 -13.64 -1.10 8.95
C ASP A 23 -13.74 -1.76 7.57
N VAL A 24 -12.68 -1.72 6.81
CA VAL A 24 -12.71 -2.35 5.46
C VAL A 24 -11.99 -3.70 5.54
N ASP A 25 -12.53 -4.70 4.93
CA ASP A 25 -11.87 -6.04 4.98
C ASP A 25 -10.56 -6.00 4.19
N VAL A 26 -9.49 -5.61 4.83
CA VAL A 26 -8.18 -5.55 4.12
C VAL A 26 -7.77 -6.95 3.66
N ASP A 27 -8.58 -7.94 3.95
CA ASP A 27 -8.23 -9.33 3.52
C ASP A 27 -8.79 -9.56 2.11
N LEU A 28 -9.31 -8.53 1.51
CA LEU A 28 -9.88 -8.67 0.14
C LEU A 28 -8.85 -8.25 -0.90
N ASP A 29 -8.79 -8.94 -2.00
CA ASP A 29 -7.80 -8.54 -3.03
C ASP A 29 -8.12 -7.12 -3.48
N LEU A 30 -7.19 -6.22 -3.34
CA LEU A 30 -7.45 -4.80 -3.72
C LEU A 30 -7.60 -4.70 -5.25
N VAL A 31 -7.59 -5.80 -5.94
CA VAL A 31 -7.74 -5.74 -7.42
C VAL A 31 -8.97 -4.89 -7.74
N ASP A 32 -10.01 -5.03 -6.97
CA ASP A 32 -11.22 -4.21 -7.22
C ASP A 32 -10.81 -2.73 -7.14
N ASN A 33 -9.90 -2.44 -6.26
CA ASN A 33 -9.42 -1.04 -6.12
C ASN A 33 -8.31 -0.80 -7.15
N GLY A 34 -8.23 -1.66 -8.14
CA GLY A 34 -7.18 -1.50 -9.19
C GLY A 34 -7.09 -0.03 -9.60
N VAL A 35 -8.06 0.76 -9.24
CA VAL A 35 -8.02 2.20 -9.61
C VAL A 35 -6.68 2.78 -9.19
N ILE A 36 -6.16 2.34 -8.06
CA ILE A 36 -4.86 2.86 -7.58
C ILE A 36 -3.72 2.35 -8.48
N ASP A 37 -3.95 1.27 -9.18
CA ASP A 37 -2.88 0.70 -10.04
C ASP A 37 -2.35 1.73 -11.03
N SER A 38 -3.17 2.66 -11.47
CA SER A 38 -2.68 3.66 -12.47
C SER A 38 -2.74 5.08 -11.91
N LEU A 39 -3.92 5.58 -11.62
CA LEU A 39 -4.02 6.97 -11.11
C LEU A 39 -3.36 7.09 -9.73
N GLY A 40 -3.72 6.24 -8.82
CA GLY A 40 -3.11 6.30 -7.47
C GLY A 40 -1.64 5.89 -7.54
N LEU A 41 -1.33 4.95 -8.39
CA LEU A 41 0.08 4.50 -8.50
C LEU A 41 0.98 5.69 -8.85
N LEU A 42 0.53 6.54 -9.74
CA LEU A 42 1.35 7.72 -10.11
C LEU A 42 1.52 8.60 -8.87
N LYS A 43 0.45 8.81 -8.13
CA LYS A 43 0.56 9.64 -6.91
C LYS A 43 1.50 8.93 -5.93
N VAL A 44 1.43 7.63 -5.89
CA VAL A 44 2.30 6.84 -4.98
C VAL A 44 3.77 7.03 -5.38
N ILE A 45 4.04 7.08 -6.65
CA ILE A 45 5.45 7.25 -7.11
C ILE A 45 6.06 8.51 -6.50
N ALA A 46 5.40 9.63 -6.61
CA ALA A 46 5.96 10.88 -6.03
C ALA A 46 5.97 10.77 -4.50
N TRP A 47 4.95 10.19 -3.93
CA TRP A 47 4.88 10.08 -2.44
C TRP A 47 5.95 9.12 -1.93
N LEU A 48 6.13 7.99 -2.56
CA LEU A 48 7.13 7.02 -2.06
C LEU A 48 8.53 7.64 -2.10
N GLU A 49 8.91 8.22 -3.20
CA GLU A 49 10.26 8.85 -3.28
C GLU A 49 10.30 10.08 -2.39
N ASP A 50 9.24 10.83 -2.34
CA ASP A 50 9.21 12.05 -1.50
C ASP A 50 9.31 11.69 0.00
N ARG A 51 8.61 10.68 0.41
CA ARG A 51 8.63 10.31 1.86
C ARG A 51 9.96 9.68 2.28
N PHE A 52 10.46 8.72 1.54
CA PHE A 52 11.73 8.05 1.94
C PHE A 52 12.91 8.51 1.08
N GLY A 53 12.68 9.30 0.07
CA GLY A 53 13.82 9.75 -0.77
C GLY A 53 14.35 8.58 -1.60
N ILE A 54 13.49 7.66 -1.96
CA ILE A 54 13.94 6.49 -2.77
C ILE A 54 13.47 6.66 -4.21
N ALA A 55 14.26 6.26 -5.17
CA ALA A 55 13.83 6.41 -6.59
C ALA A 55 12.55 5.59 -6.81
N ALA A 56 11.50 6.22 -7.24
CA ALA A 56 10.23 5.50 -7.47
C ALA A 56 10.39 4.53 -8.65
N ASP A 57 11.18 4.87 -9.62
CA ASP A 57 11.36 3.98 -10.79
C ASP A 57 12.55 3.04 -10.58
N ASP A 58 13.10 3.02 -9.39
CA ASP A 58 14.27 2.13 -9.13
C ASP A 58 13.90 0.69 -9.53
N VAL A 59 12.70 0.29 -9.21
CA VAL A 59 12.26 -1.10 -9.57
C VAL A 59 10.82 -1.07 -10.07
N GLU A 60 10.50 -1.89 -11.04
CA GLU A 60 9.10 -1.90 -11.57
C GLU A 60 8.33 -3.08 -10.97
N LEU A 61 7.11 -2.87 -10.60
CA LEU A 61 6.30 -3.97 -10.01
C LEU A 61 5.29 -4.48 -11.03
N SER A 62 5.04 -5.76 -11.05
CA SER A 62 4.06 -6.32 -12.02
C SER A 62 2.64 -6.18 -11.45
N PRO A 63 1.65 -6.21 -12.30
CA PRO A 63 0.23 -6.08 -11.89
C PRO A 63 -0.18 -7.15 -10.87
N GLU A 64 0.42 -8.31 -10.96
CA GLU A 64 0.08 -9.40 -10.00
C GLU A 64 0.54 -9.00 -8.59
N HIS A 65 1.51 -8.14 -8.51
CA HIS A 65 2.02 -7.70 -7.17
C HIS A 65 0.94 -6.89 -6.45
N PHE A 66 0.06 -6.26 -7.17
CA PHE A 66 -1.00 -5.46 -6.51
C PHE A 66 -2.27 -6.31 -6.36
N ARG A 67 -2.19 -7.56 -6.69
CA ARG A 67 -3.39 -8.45 -6.59
C ARG A 67 -3.92 -8.41 -5.15
N SER A 68 -3.05 -8.40 -4.17
CA SER A 68 -3.53 -8.38 -2.76
C SER A 68 -2.72 -7.36 -1.95
N ILE A 69 -3.30 -6.82 -0.91
CA ILE A 69 -2.57 -5.82 -0.08
C ILE A 69 -1.36 -6.48 0.57
N ARG A 70 -1.47 -7.72 0.97
CA ARG A 70 -0.33 -8.41 1.62
C ARG A 70 0.86 -8.45 0.66
N SER A 71 0.62 -8.65 -0.61
CA SER A 71 1.75 -8.70 -1.57
C SER A 71 2.51 -7.38 -1.53
N ILE A 72 1.81 -6.28 -1.51
CA ILE A 72 2.47 -4.96 -1.46
C ILE A 72 3.25 -4.82 -0.14
N ASP A 73 2.68 -5.32 0.93
CA ASP A 73 3.37 -5.22 2.25
C ASP A 73 4.76 -5.85 2.13
N ALA A 74 4.88 -6.94 1.42
CA ALA A 74 6.21 -7.59 1.28
C ALA A 74 7.17 -6.64 0.58
N PHE A 75 6.73 -6.00 -0.46
CA PHE A 75 7.63 -5.06 -1.18
C PHE A 75 7.99 -3.90 -0.26
N VAL A 76 7.01 -3.34 0.40
CA VAL A 76 7.29 -2.20 1.31
C VAL A 76 8.19 -2.66 2.46
N VAL A 77 7.93 -3.83 3.00
CA VAL A 77 8.76 -4.34 4.13
C VAL A 77 10.20 -4.53 3.66
N GLY A 78 10.39 -5.09 2.49
CA GLY A 78 11.77 -5.32 1.99
C GLY A 78 12.51 -3.98 1.82
N ALA A 79 11.83 -2.96 1.38
CA ALA A 79 12.50 -1.65 1.20
C ALA A 79 12.44 -0.83 2.49
N THR A 80 11.27 -0.72 3.07
CA THR A 80 11.14 0.07 4.33
C THR A 80 10.41 -0.78 5.37
N THR A 81 10.86 -0.74 6.60
CA THR A 81 10.19 -1.54 7.67
C THR A 81 9.74 -0.62 8.81
N PRO A 82 8.56 -0.08 8.72
CA PRO A 82 8.00 0.83 9.76
C PRO A 82 7.76 0.09 11.08
N PRO A 83 7.66 0.83 12.16
CA PRO A 83 7.43 0.24 13.51
C PRO A 83 6.10 -0.52 13.59
N VAL A 84 6.03 -1.52 14.41
CA VAL A 84 4.77 -2.30 14.53
C VAL A 84 4.09 -1.98 15.87
N GLU A 85 2.80 -1.77 15.85
CA GLU A 85 2.08 -1.46 17.11
C GLU A 85 0.62 -1.93 17.01
N ALA A 86 0.15 -2.15 15.81
CA ALA A 86 -1.26 -2.61 15.65
C ALA A 86 -1.33 -3.67 14.53
N LYS A 87 -2.35 -4.48 14.54
CA LYS A 87 -2.49 -5.52 13.50
C LYS A 87 -1.30 -6.48 13.57
N LEU A 88 -1.05 -7.04 14.72
CA LEU A 88 0.09 -7.98 14.88
C LEU A 88 -0.42 -9.42 14.79
N GLN A 89 0.21 -10.23 13.98
CA GLN A 89 -0.23 -11.65 13.85
C GLN A 89 -0.13 -12.34 15.22
N MET A 1 1.31 -7.01 9.49
CA MET A 1 2.68 -7.47 9.86
C MET A 1 3.54 -6.27 10.24
N GLN A 2 4.73 -6.17 9.69
CA GLN A 2 5.60 -5.02 10.03
C GLN A 2 4.90 -3.71 9.67
N HIS A 3 4.13 -3.71 8.61
CA HIS A 3 3.41 -2.48 8.21
C HIS A 3 2.24 -2.84 7.29
N ALA A 4 1.77 -4.05 7.37
CA ALA A 4 0.63 -4.46 6.49
C ALA A 4 -0.58 -3.59 6.81
N SER A 5 -0.80 -3.28 8.06
CA SER A 5 -1.97 -2.43 8.41
C SER A 5 -1.81 -1.05 7.78
N VAL A 6 -0.60 -0.57 7.68
CA VAL A 6 -0.37 0.77 7.06
C VAL A 6 -0.73 0.71 5.59
N ILE A 7 -0.42 -0.36 4.93
CA ILE A 7 -0.74 -0.48 3.48
C ILE A 7 -2.25 -0.36 3.28
N ALA A 8 -3.02 -1.11 4.01
CA ALA A 8 -4.50 -1.02 3.87
C ALA A 8 -4.96 0.37 4.29
N GLN A 9 -4.44 0.86 5.37
CA GLN A 9 -4.82 2.22 5.85
C GLN A 9 -4.34 3.27 4.85
N PHE A 10 -3.16 3.10 4.35
CA PHE A 10 -2.57 4.09 3.39
C PHE A 10 -3.36 4.11 2.07
N VAL A 11 -3.61 2.96 1.50
CA VAL A 11 -4.34 2.93 0.19
C VAL A 11 -5.81 3.32 0.38
N VAL A 12 -6.48 2.81 1.37
CA VAL A 12 -7.91 3.13 1.58
C VAL A 12 -8.07 4.61 1.97
N GLU A 13 -7.14 5.15 2.70
CA GLU A 13 -7.27 6.58 3.12
C GLU A 13 -7.55 7.47 1.91
N GLU A 14 -6.96 7.15 0.80
CA GLU A 14 -7.18 7.97 -0.43
C GLU A 14 -8.63 7.85 -0.90
N PHE A 15 -9.24 6.70 -0.73
CA PHE A 15 -10.64 6.54 -1.21
C PHE A 15 -11.64 6.79 -0.07
N LEU A 16 -11.61 5.97 0.96
CA LEU A 16 -12.59 6.15 2.08
C LEU A 16 -11.85 6.30 3.41
N PRO A 17 -11.39 7.48 3.71
CA PRO A 17 -10.69 7.78 4.99
C PRO A 17 -11.66 8.06 6.14
N ASP A 18 -12.88 8.37 5.83
CA ASP A 18 -13.88 8.67 6.90
C ASP A 18 -14.34 7.35 7.53
N VAL A 19 -13.87 6.25 7.01
CA VAL A 19 -14.26 4.92 7.57
C VAL A 19 -13.05 4.32 8.29
N ALA A 20 -13.26 3.63 9.36
CA ALA A 20 -12.10 3.04 10.09
C ALA A 20 -11.37 2.06 9.14
N PRO A 21 -10.13 2.32 8.79
CA PRO A 21 -9.38 1.42 7.86
C PRO A 21 -9.16 0.03 8.47
N ALA A 22 -9.07 -0.06 9.76
CA ALA A 22 -8.86 -1.38 10.41
C ALA A 22 -10.16 -2.19 10.33
N ASP A 23 -11.25 -1.55 10.01
CA ASP A 23 -12.54 -2.28 9.92
C ASP A 23 -12.74 -2.78 8.48
N VAL A 24 -11.73 -2.64 7.66
CA VAL A 24 -11.86 -3.11 6.26
C VAL A 24 -11.21 -4.49 6.14
N ASP A 25 -11.84 -5.39 5.44
CA ASP A 25 -11.27 -6.75 5.29
C ASP A 25 -9.96 -6.68 4.51
N VAL A 26 -8.87 -6.40 5.18
CA VAL A 26 -7.56 -6.32 4.47
C VAL A 26 -7.27 -7.66 3.81
N ASP A 27 -8.14 -8.62 3.96
CA ASP A 27 -7.92 -9.94 3.33
C ASP A 27 -8.59 -9.96 1.95
N LEU A 28 -9.08 -8.83 1.51
CA LEU A 28 -9.75 -8.76 0.18
C LEU A 28 -8.73 -8.32 -0.87
N ASP A 29 -8.73 -8.96 -2.00
CA ASP A 29 -7.77 -8.55 -3.07
C ASP A 29 -8.10 -7.12 -3.48
N LEU A 30 -7.17 -6.22 -3.37
CA LEU A 30 -7.45 -4.82 -3.74
C LEU A 30 -7.64 -4.71 -5.25
N VAL A 31 -7.63 -5.81 -5.95
CA VAL A 31 -7.82 -5.75 -7.42
C VAL A 31 -9.08 -4.95 -7.72
N ASP A 32 -10.11 -5.13 -6.93
CA ASP A 32 -11.35 -4.35 -7.16
C ASP A 32 -10.99 -2.87 -7.09
N ASN A 33 -10.07 -2.54 -6.22
CA ASN A 33 -9.63 -1.13 -6.09
C ASN A 33 -8.53 -0.85 -7.12
N GLY A 34 -8.46 -1.67 -8.14
CA GLY A 34 -7.41 -1.47 -9.18
C GLY A 34 -7.32 0.01 -9.53
N VAL A 35 -8.29 0.78 -9.13
CA VAL A 35 -8.24 2.24 -9.43
C VAL A 35 -6.88 2.78 -8.98
N ILE A 36 -6.37 2.28 -7.91
CA ILE A 36 -5.05 2.75 -7.39
C ILE A 36 -3.94 2.30 -8.33
N ASP A 37 -4.19 1.28 -9.11
CA ASP A 37 -3.12 0.76 -10.03
C ASP A 37 -2.50 1.89 -10.84
N SER A 38 -3.28 2.87 -11.25
CA SER A 38 -2.71 3.97 -12.08
C SER A 38 -2.85 5.33 -11.39
N LEU A 39 -4.04 5.77 -11.12
CA LEU A 39 -4.21 7.10 -10.47
C LEU A 39 -3.55 7.11 -9.09
N GLY A 40 -3.87 6.15 -8.27
CA GLY A 40 -3.26 6.10 -6.92
C GLY A 40 -1.79 5.69 -7.05
N LEU A 41 -1.50 4.75 -7.90
CA LEU A 41 -0.09 4.30 -8.06
C LEU A 41 0.77 5.49 -8.48
N LEU A 42 0.29 6.30 -9.37
CA LEU A 42 1.10 7.47 -9.81
C LEU A 42 1.41 8.34 -8.59
N LYS A 43 0.44 8.59 -7.76
CA LYS A 43 0.68 9.41 -6.55
C LYS A 43 1.65 8.66 -5.62
N VAL A 44 1.55 7.36 -5.59
CA VAL A 44 2.45 6.56 -4.71
C VAL A 44 3.92 6.74 -5.13
N ILE A 45 4.19 6.76 -6.40
CA ILE A 45 5.60 6.93 -6.84
C ILE A 45 6.15 8.26 -6.31
N ALA A 46 5.43 9.33 -6.51
CA ALA A 46 5.92 10.65 -6.02
C ALA A 46 5.96 10.63 -4.48
N TRP A 47 4.96 10.06 -3.87
CA TRP A 47 4.93 10.00 -2.38
C TRP A 47 6.06 9.09 -1.89
N LEU A 48 6.27 7.98 -2.56
CA LEU A 48 7.35 7.06 -2.13
C LEU A 48 8.69 7.80 -2.19
N GLU A 49 8.95 8.49 -3.27
CA GLU A 49 10.22 9.25 -3.38
C GLU A 49 10.22 10.39 -2.37
N ASP A 50 9.07 10.97 -2.14
CA ASP A 50 9.00 12.10 -1.18
C ASP A 50 9.49 11.67 0.20
N ARG A 51 9.04 10.54 0.68
CA ARG A 51 9.48 10.07 2.03
C ARG A 51 10.77 9.24 1.94
N PHE A 52 10.80 8.24 1.10
CA PHE A 52 12.01 7.37 1.02
C PHE A 52 13.13 8.02 0.17
N GLY A 53 12.79 8.90 -0.73
CA GLY A 53 13.85 9.53 -1.56
C GLY A 53 14.32 8.55 -2.65
N ILE A 54 13.44 7.71 -3.12
CA ILE A 54 13.82 6.73 -4.17
C ILE A 54 13.40 7.27 -5.54
N ALA A 55 14.18 7.00 -6.55
CA ALA A 55 13.82 7.50 -7.91
C ALA A 55 12.47 6.92 -8.34
N ALA A 56 11.70 7.69 -9.07
CA ALA A 56 10.37 7.19 -9.52
C ALA A 56 10.54 5.96 -10.41
N ASP A 57 11.57 5.92 -11.21
CA ASP A 57 11.78 4.75 -12.10
C ASP A 57 12.79 3.79 -11.47
N ASP A 58 13.15 4.02 -10.24
CA ASP A 58 14.14 3.12 -9.58
C ASP A 58 13.63 1.67 -9.63
N VAL A 59 12.36 1.47 -9.41
CA VAL A 59 11.80 0.09 -9.45
C VAL A 59 10.50 0.09 -10.25
N GLU A 60 10.15 -1.03 -10.83
CA GLU A 60 8.89 -1.11 -11.62
C GLU A 60 8.14 -2.40 -11.25
N LEU A 61 6.96 -2.28 -10.71
CA LEU A 61 6.18 -3.50 -10.33
C LEU A 61 4.98 -3.66 -11.26
N SER A 62 4.69 -4.87 -11.67
CA SER A 62 3.53 -5.08 -12.57
C SER A 62 2.23 -5.04 -11.76
N PRO A 63 1.12 -4.86 -12.41
CA PRO A 63 -0.21 -4.80 -11.74
C PRO A 63 -0.50 -6.05 -10.91
N GLU A 64 0.08 -7.16 -11.29
CA GLU A 64 -0.15 -8.42 -10.52
C GLU A 64 0.41 -8.26 -9.10
N HIS A 65 1.39 -7.41 -8.95
CA HIS A 65 2.00 -7.20 -7.60
C HIS A 65 0.97 -6.52 -6.68
N PHE A 66 0.05 -5.79 -7.24
CA PHE A 66 -0.97 -5.10 -6.40
C PHE A 66 -2.19 -6.01 -6.25
N ARG A 67 -2.10 -7.22 -6.71
CA ARG A 67 -3.25 -8.17 -6.61
C ARG A 67 -3.71 -8.28 -5.15
N SER A 68 -2.78 -8.32 -4.22
CA SER A 68 -3.19 -8.43 -2.79
C SER A 68 -2.34 -7.49 -1.93
N ILE A 69 -2.88 -7.07 -0.81
CA ILE A 69 -2.12 -6.15 0.08
C ILE A 69 -0.90 -6.87 0.66
N ARG A 70 -1.03 -8.13 0.95
CA ARG A 70 0.12 -8.88 1.53
C ARG A 70 1.30 -8.87 0.55
N SER A 71 1.04 -9.04 -0.72
CA SER A 71 2.15 -9.04 -1.71
C SER A 71 2.89 -7.71 -1.63
N ILE A 72 2.18 -6.63 -1.48
CA ILE A 72 2.85 -5.30 -1.40
C ILE A 72 3.68 -5.22 -0.12
N ASP A 73 3.18 -5.74 0.95
CA ASP A 73 3.93 -5.69 2.24
C ASP A 73 5.29 -6.38 2.07
N ALA A 74 5.34 -7.46 1.34
CA ALA A 74 6.63 -8.17 1.15
C ALA A 74 7.61 -7.28 0.39
N PHE A 75 7.15 -6.60 -0.62
CA PHE A 75 8.07 -5.73 -1.40
C PHE A 75 8.59 -4.60 -0.49
N VAL A 76 7.72 -3.95 0.22
CA VAL A 76 8.16 -2.85 1.11
C VAL A 76 9.03 -3.42 2.23
N VAL A 77 8.65 -4.54 2.78
CA VAL A 77 9.45 -5.14 3.89
C VAL A 77 10.85 -5.47 3.38
N GLY A 78 10.96 -5.99 2.18
CA GLY A 78 12.29 -6.35 1.63
C GLY A 78 13.18 -5.11 1.53
N ALA A 79 12.61 -3.96 1.29
CA ALA A 79 13.45 -2.72 1.16
C ALA A 79 13.40 -1.90 2.45
N THR A 80 12.22 -1.63 2.95
CA THR A 80 12.11 -0.83 4.19
C THR A 80 11.19 -1.54 5.19
N THR A 81 11.33 -1.24 6.45
CA THR A 81 10.46 -1.90 7.47
C THR A 81 9.98 -0.85 8.48
N PRO A 82 8.88 -0.20 8.21
CA PRO A 82 8.31 0.83 9.12
C PRO A 82 7.90 0.25 10.48
N PRO A 83 7.33 1.07 11.33
CA PRO A 83 6.87 0.63 12.69
C PRO A 83 5.83 -0.49 12.61
N VAL A 84 5.77 -1.33 13.60
CA VAL A 84 4.77 -2.44 13.57
C VAL A 84 3.57 -2.06 14.43
N GLU A 85 2.39 -2.18 13.90
CA GLU A 85 1.17 -1.84 14.67
C GLU A 85 0.11 -2.92 14.46
N ALA A 86 -0.84 -3.02 15.35
CA ALA A 86 -1.90 -4.06 15.19
C ALA A 86 -3.15 -3.41 14.58
N LYS A 87 -3.79 -4.07 13.66
CA LYS A 87 -5.00 -3.49 13.03
C LYS A 87 -6.07 -3.24 14.11
N LEU A 88 -6.13 -4.08 15.10
CA LEU A 88 -7.15 -3.89 16.18
C LEU A 88 -6.46 -3.28 17.40
N GLN A 89 -7.01 -2.23 17.94
CA GLN A 89 -6.40 -1.59 19.15
C GLN A 89 -7.26 -1.88 20.37
N MET A 1 3.92 -10.46 6.46
CA MET A 1 2.98 -9.44 6.99
C MET A 1 3.65 -8.67 8.13
N GLN A 2 4.93 -8.41 8.01
CA GLN A 2 5.64 -7.66 9.08
C GLN A 2 4.98 -6.30 9.27
N HIS A 3 4.56 -5.67 8.20
CA HIS A 3 3.91 -4.33 8.31
C HIS A 3 2.72 -4.26 7.36
N ALA A 4 2.11 -5.37 7.08
CA ALA A 4 0.95 -5.37 6.15
C ALA A 4 -0.17 -4.49 6.70
N SER A 5 -0.34 -4.46 8.00
CA SER A 5 -1.43 -3.62 8.58
C SER A 5 -1.23 -2.15 8.17
N VAL A 6 -0.01 -1.70 8.16
CA VAL A 6 0.25 -0.29 7.77
C VAL A 6 -0.14 -0.10 6.30
N ILE A 7 0.11 -1.10 5.50
CA ILE A 7 -0.22 -1.01 4.05
C ILE A 7 -1.73 -0.89 3.87
N ALA A 8 -2.50 -1.68 4.56
CA ALA A 8 -3.98 -1.63 4.39
C ALA A 8 -4.52 -0.26 4.81
N GLN A 9 -4.17 0.20 5.98
CA GLN A 9 -4.69 1.53 6.41
C GLN A 9 -4.04 2.63 5.57
N PHE A 10 -2.78 2.50 5.27
CA PHE A 10 -2.10 3.55 4.46
C PHE A 10 -2.68 3.58 3.04
N VAL A 11 -2.76 2.45 2.40
CA VAL A 11 -3.32 2.42 1.03
C VAL A 11 -4.82 2.75 1.06
N VAL A 12 -5.52 2.22 2.02
CA VAL A 12 -6.99 2.50 2.12
C VAL A 12 -7.21 3.98 2.42
N GLU A 13 -6.40 4.55 3.28
CA GLU A 13 -6.57 5.99 3.62
C GLU A 13 -6.59 6.83 2.34
N GLU A 14 -5.90 6.39 1.33
CA GLU A 14 -5.88 7.17 0.05
C GLU A 14 -7.29 7.18 -0.55
N PHE A 15 -8.05 6.16 -0.33
CA PHE A 15 -9.43 6.11 -0.90
C PHE A 15 -10.36 5.39 0.08
N LEU A 16 -10.27 5.69 1.35
CA LEU A 16 -11.16 5.01 2.34
C LEU A 16 -12.55 5.68 2.34
N PRO A 17 -13.60 4.90 2.25
CA PRO A 17 -14.98 5.45 2.28
C PRO A 17 -15.38 5.84 3.71
N ASP A 18 -16.65 5.82 4.02
CA ASP A 18 -17.08 6.18 5.39
C ASP A 18 -16.84 4.99 6.31
N VAL A 19 -16.03 4.04 5.88
CA VAL A 19 -15.76 2.84 6.71
C VAL A 19 -14.29 2.83 7.15
N ALA A 20 -14.03 2.54 8.40
CA ALA A 20 -12.62 2.51 8.87
C ALA A 20 -11.93 1.23 8.34
N PRO A 21 -10.68 1.31 7.95
CA PRO A 21 -9.95 0.12 7.44
C PRO A 21 -10.09 -1.09 8.36
N ALA A 22 -10.22 -0.85 9.64
CA ALA A 22 -10.37 -1.98 10.60
C ALA A 22 -11.70 -2.69 10.34
N ASP A 23 -12.63 -2.02 9.73
CA ASP A 23 -13.95 -2.64 9.43
C ASP A 23 -13.94 -3.19 8.01
N VAL A 24 -12.82 -3.06 7.34
CA VAL A 24 -12.73 -3.58 5.94
C VAL A 24 -11.91 -4.87 5.97
N ASP A 25 -12.34 -5.87 5.26
CA ASP A 25 -11.58 -7.15 5.27
C ASP A 25 -10.27 -6.96 4.49
N VAL A 26 -9.20 -6.70 5.18
CA VAL A 26 -7.90 -6.50 4.49
C VAL A 26 -7.55 -7.78 3.70
N ASP A 27 -8.40 -8.76 3.75
CA ASP A 27 -8.13 -10.02 3.00
C ASP A 27 -8.79 -9.91 1.62
N LEU A 28 -9.30 -8.76 1.30
CA LEU A 28 -9.96 -8.56 -0.03
C LEU A 28 -8.93 -8.09 -1.04
N ASP A 29 -8.91 -8.67 -2.21
CA ASP A 29 -7.95 -8.21 -3.23
C ASP A 29 -8.32 -6.78 -3.64
N LEU A 30 -7.42 -5.86 -3.48
CA LEU A 30 -7.74 -4.45 -3.84
C LEU A 30 -7.72 -4.29 -5.36
N VAL A 31 -7.65 -5.37 -6.08
CA VAL A 31 -7.64 -5.27 -7.57
C VAL A 31 -8.84 -4.43 -8.00
N ASP A 32 -9.95 -4.61 -7.35
CA ASP A 32 -11.15 -3.79 -7.71
C ASP A 32 -10.77 -2.32 -7.57
N ASN A 33 -9.95 -2.03 -6.59
CA ASN A 33 -9.50 -0.63 -6.37
C ASN A 33 -8.29 -0.37 -7.28
N GLY A 34 -8.11 -1.19 -8.28
CA GLY A 34 -6.96 -1.00 -9.21
C GLY A 34 -6.80 0.48 -9.55
N VAL A 35 -7.78 1.27 -9.24
CA VAL A 35 -7.68 2.73 -9.55
C VAL A 35 -6.35 3.25 -9.00
N ILE A 36 -5.91 2.74 -7.89
CA ILE A 36 -4.63 3.19 -7.30
C ILE A 36 -3.45 2.72 -8.16
N ASP A 37 -3.65 1.67 -8.91
CA ASP A 37 -2.54 1.14 -9.76
C ASP A 37 -1.97 2.24 -10.66
N SER A 38 -2.79 3.16 -11.09
CA SER A 38 -2.27 4.23 -12.00
C SER A 38 -2.39 5.62 -11.34
N LEU A 39 -3.58 6.06 -11.07
CA LEU A 39 -3.74 7.42 -10.46
C LEU A 39 -3.07 7.46 -9.09
N GLY A 40 -3.40 6.53 -8.24
CA GLY A 40 -2.78 6.51 -6.89
C GLY A 40 -1.32 6.11 -7.00
N LEU A 41 -1.01 5.20 -7.89
CA LEU A 41 0.41 4.77 -8.04
C LEU A 41 1.26 5.98 -8.40
N LEU A 42 0.78 6.83 -9.25
CA LEU A 42 1.57 8.03 -9.63
C LEU A 42 1.80 8.89 -8.38
N LYS A 43 0.78 9.07 -7.58
CA LYS A 43 0.94 9.88 -6.34
C LYS A 43 1.85 9.15 -5.35
N VAL A 44 1.69 7.85 -5.23
CA VAL A 44 2.54 7.09 -4.27
C VAL A 44 4.00 7.10 -4.72
N ILE A 45 4.24 6.94 -5.99
CA ILE A 45 5.64 6.95 -6.49
C ILE A 45 6.31 8.29 -6.13
N ALA A 46 5.67 9.38 -6.46
CA ALA A 46 6.27 10.71 -6.14
C ALA A 46 6.34 10.88 -4.62
N TRP A 47 5.35 10.40 -3.91
CA TRP A 47 5.37 10.54 -2.43
C TRP A 47 6.46 9.65 -1.84
N LEU A 48 6.57 8.44 -2.32
CA LEU A 48 7.61 7.53 -1.79
C LEU A 48 8.99 8.17 -1.95
N GLU A 49 9.29 8.67 -3.11
CA GLU A 49 10.60 9.34 -3.31
C GLU A 49 10.65 10.62 -2.49
N ASP A 50 9.56 11.33 -2.43
CA ASP A 50 9.53 12.60 -1.66
C ASP A 50 9.78 12.33 -0.17
N ARG A 51 9.19 11.30 0.36
CA ARG A 51 9.38 11.00 1.82
C ARG A 51 10.62 10.15 2.07
N PHE A 52 10.72 9.02 1.43
CA PHE A 52 11.89 8.12 1.65
C PHE A 52 13.13 8.61 0.89
N GLY A 53 12.94 9.37 -0.15
CA GLY A 53 14.13 9.83 -0.93
C GLY A 53 14.63 8.69 -1.83
N ILE A 54 13.74 7.80 -2.18
CA ILE A 54 14.14 6.66 -3.06
C ILE A 54 13.60 6.88 -4.46
N ALA A 55 14.34 6.47 -5.46
CA ALA A 55 13.87 6.67 -6.86
C ALA A 55 12.56 5.91 -7.07
N ALA A 56 11.74 6.37 -7.98
CA ALA A 56 10.44 5.70 -8.23
C ALA A 56 10.68 4.23 -8.58
N ASP A 57 11.80 3.93 -9.17
CA ASP A 57 12.10 2.52 -9.55
C ASP A 57 10.97 1.99 -10.43
N ASP A 58 10.55 2.76 -11.40
CA ASP A 58 9.45 2.30 -12.29
C ASP A 58 10.03 1.51 -13.47
N VAL A 59 11.28 1.13 -13.37
CA VAL A 59 11.89 0.36 -14.50
C VAL A 59 11.04 -0.87 -14.81
N GLU A 60 10.57 -1.55 -13.79
CA GLU A 60 9.72 -2.75 -14.03
C GLU A 60 8.36 -2.56 -13.36
N LEU A 61 7.30 -2.92 -14.04
CA LEU A 61 5.95 -2.77 -13.45
C LEU A 61 5.43 -4.15 -13.03
N SER A 62 4.76 -4.24 -11.90
CA SER A 62 4.26 -5.57 -11.44
C SER A 62 2.78 -5.46 -11.06
N PRO A 63 1.91 -5.48 -12.04
CA PRO A 63 0.44 -5.40 -11.81
C PRO A 63 -0.06 -6.52 -10.89
N GLU A 64 0.65 -7.62 -10.86
CA GLU A 64 0.24 -8.77 -10.00
C GLU A 64 0.39 -8.40 -8.52
N HIS A 65 1.24 -7.45 -8.23
CA HIS A 65 1.45 -7.06 -6.80
C HIS A 65 0.20 -6.39 -6.23
N PHE A 66 -0.60 -5.78 -7.05
CA PHE A 66 -1.83 -5.12 -6.52
C PHE A 66 -2.93 -6.16 -6.29
N ARG A 67 -2.69 -7.40 -6.63
CA ARG A 67 -3.74 -8.43 -6.42
C ARG A 67 -4.08 -8.53 -4.93
N SER A 68 -3.09 -8.37 -4.06
CA SER A 68 -3.38 -8.46 -2.61
C SER A 68 -2.57 -7.38 -1.86
N ILE A 69 -3.08 -6.92 -0.75
CA ILE A 69 -2.36 -5.88 0.03
C ILE A 69 -1.04 -6.46 0.56
N ARG A 70 -1.05 -7.71 0.95
CA ARG A 70 0.20 -8.32 1.49
C ARG A 70 1.31 -8.29 0.43
N SER A 71 0.98 -8.51 -0.81
CA SER A 71 2.03 -8.49 -1.86
C SER A 71 2.74 -7.15 -1.85
N ILE A 72 2.01 -6.08 -1.69
CA ILE A 72 2.64 -4.74 -1.67
C ILE A 72 3.55 -4.63 -0.45
N ASP A 73 3.14 -5.17 0.66
CA ASP A 73 3.98 -5.10 1.89
C ASP A 73 5.35 -5.73 1.61
N ALA A 74 5.39 -6.79 0.85
CA ALA A 74 6.69 -7.44 0.55
C ALA A 74 7.57 -6.46 -0.23
N PHE A 75 7.00 -5.75 -1.16
CA PHE A 75 7.79 -4.77 -1.96
C PHE A 75 8.32 -3.67 -1.03
N VAL A 76 7.47 -3.14 -0.19
CA VAL A 76 7.92 -2.07 0.75
C VAL A 76 8.96 -2.63 1.71
N VAL A 77 8.74 -3.82 2.21
CA VAL A 77 9.71 -4.42 3.16
C VAL A 77 11.07 -4.58 2.47
N GLY A 78 11.07 -5.00 1.24
CA GLY A 78 12.36 -5.18 0.51
C GLY A 78 13.14 -3.87 0.48
N ALA A 79 12.46 -2.76 0.39
CA ALA A 79 13.18 -1.45 0.35
C ALA A 79 13.28 -0.87 1.75
N THR A 80 12.20 -0.81 2.46
CA THR A 80 12.24 -0.26 3.85
C THR A 80 11.24 -1.01 4.73
N THR A 81 11.49 -1.06 6.01
CA THR A 81 10.57 -1.79 6.93
C THR A 81 10.28 -0.91 8.16
N PRO A 82 9.26 -0.10 8.08
CA PRO A 82 8.87 0.81 9.20
C PRO A 82 8.01 0.10 10.25
N PRO A 83 7.93 0.67 11.43
CA PRO A 83 7.13 0.09 12.56
C PRO A 83 5.65 0.01 12.22
N VAL A 84 4.96 -0.94 12.78
CA VAL A 84 3.50 -1.09 12.49
C VAL A 84 2.71 -1.14 13.80
N GLU A 85 1.56 -0.51 13.82
CA GLU A 85 0.72 -0.53 15.06
C GLU A 85 -0.63 -1.16 14.74
N ALA A 86 -1.26 -1.77 15.70
CA ALA A 86 -2.59 -2.41 15.44
C ALA A 86 -3.61 -1.32 15.08
N LYS A 87 -4.49 -1.61 14.17
CA LYS A 87 -5.50 -0.60 13.77
C LYS A 87 -6.33 -0.20 15.00
N LEU A 88 -6.60 -1.13 15.87
CA LEU A 88 -7.39 -0.80 17.09
C LEU A 88 -6.46 -0.73 18.30
N GLN A 89 -6.55 0.32 19.07
CA GLN A 89 -5.66 0.44 20.25
C GLN A 89 -5.99 -0.67 21.26
N MET A 1 2.95 -11.74 7.36
CA MET A 1 2.24 -10.44 7.58
C MET A 1 3.03 -9.60 8.58
N GLN A 2 4.28 -9.38 8.31
CA GLN A 2 5.10 -8.55 9.25
C GLN A 2 4.43 -7.19 9.44
N HIS A 3 3.88 -6.64 8.39
CA HIS A 3 3.19 -5.32 8.50
C HIS A 3 2.11 -5.22 7.43
N ALA A 4 1.56 -6.33 7.04
CA ALA A 4 0.50 -6.30 5.98
C ALA A 4 -0.69 -5.47 6.47
N SER A 5 -0.95 -5.47 7.73
CA SER A 5 -2.10 -4.67 8.25
C SER A 5 -1.89 -3.20 7.91
N VAL A 6 -0.68 -2.72 7.99
CA VAL A 6 -0.42 -1.30 7.66
C VAL A 6 -0.70 -1.07 6.17
N ILE A 7 -0.35 -2.01 5.35
CA ILE A 7 -0.59 -1.85 3.89
C ILE A 7 -2.09 -1.70 3.64
N ALA A 8 -2.88 -2.59 4.17
CA ALA A 8 -4.36 -2.50 3.98
C ALA A 8 -4.86 -1.22 4.62
N GLN A 9 -4.42 -0.94 5.81
CA GLN A 9 -4.86 0.29 6.52
C GLN A 9 -4.36 1.51 5.74
N PHE A 10 -3.13 1.47 5.33
CA PHE A 10 -2.55 2.62 4.58
C PHE A 10 -3.34 2.81 3.28
N VAL A 11 -3.57 1.76 2.56
CA VAL A 11 -4.33 1.86 1.28
C VAL A 11 -5.81 2.10 1.57
N VAL A 12 -6.35 1.41 2.55
CA VAL A 12 -7.80 1.58 2.87
C VAL A 12 -8.10 3.00 3.33
N GLU A 13 -7.26 3.57 4.15
CA GLU A 13 -7.52 4.95 4.64
C GLU A 13 -7.67 5.91 3.45
N GLU A 14 -7.05 5.61 2.35
CA GLU A 14 -7.17 6.50 1.17
C GLU A 14 -8.62 6.47 0.66
N PHE A 15 -9.31 5.38 0.85
CA PHE A 15 -10.73 5.31 0.38
C PHE A 15 -11.55 4.43 1.33
N LEU A 16 -11.40 4.62 2.62
CA LEU A 16 -12.16 3.78 3.57
C LEU A 16 -13.60 4.31 3.73
N PRO A 17 -14.59 3.46 3.63
CA PRO A 17 -16.01 3.87 3.80
C PRO A 17 -16.34 4.05 5.28
N ASP A 18 -17.56 3.80 5.68
CA ASP A 18 -17.91 3.96 7.12
C ASP A 18 -17.45 2.71 7.88
N VAL A 19 -16.60 1.92 7.28
CA VAL A 19 -16.12 0.67 7.96
C VAL A 19 -14.64 0.79 8.27
N ALA A 20 -14.23 0.41 9.45
CA ALA A 20 -12.78 0.50 9.81
C ALA A 20 -12.00 -0.56 9.03
N PRO A 21 -10.79 -0.26 8.58
CA PRO A 21 -9.96 -1.24 7.82
C PRO A 21 -9.88 -2.59 8.54
N ALA A 22 -9.89 -2.56 9.85
CA ALA A 22 -9.81 -3.83 10.62
C ALA A 22 -11.10 -4.63 10.41
N ASP A 23 -12.14 -3.97 10.01
CA ASP A 23 -13.43 -4.67 9.78
C ASP A 23 -13.58 -4.98 8.29
N VAL A 24 -12.57 -4.69 7.52
CA VAL A 24 -12.63 -4.96 6.07
C VAL A 24 -11.82 -6.23 5.77
N ASP A 25 -12.34 -7.10 4.96
CA ASP A 25 -11.60 -8.35 4.65
C ASP A 25 -10.33 -8.01 3.87
N VAL A 26 -9.22 -7.85 4.53
CA VAL A 26 -7.96 -7.52 3.83
C VAL A 26 -7.63 -8.63 2.82
N ASP A 27 -8.48 -9.63 2.72
CA ASP A 27 -8.22 -10.72 1.76
C ASP A 27 -8.76 -10.31 0.39
N LEU A 28 -9.13 -9.07 0.25
CA LEU A 28 -9.66 -8.59 -1.07
C LEU A 28 -8.51 -8.16 -1.96
N ASP A 29 -8.53 -8.55 -3.19
CA ASP A 29 -7.42 -8.16 -4.10
C ASP A 29 -7.46 -6.65 -4.29
N LEU A 30 -6.40 -5.98 -3.96
CA LEU A 30 -6.38 -4.50 -4.13
C LEU A 30 -6.69 -4.15 -5.58
N VAL A 31 -6.58 -5.11 -6.46
CA VAL A 31 -6.88 -4.81 -7.89
C VAL A 31 -8.23 -4.13 -7.98
N ASP A 32 -9.19 -4.58 -7.22
CA ASP A 32 -10.52 -3.91 -7.26
C ASP A 32 -10.30 -2.44 -6.96
N ASN A 33 -9.38 -2.15 -6.08
CA ASN A 33 -9.07 -0.74 -5.75
C ASN A 33 -8.08 -0.21 -6.78
N GLY A 34 -8.02 -0.85 -7.92
CA GLY A 34 -7.06 -0.43 -8.99
C GLY A 34 -7.06 1.10 -9.11
N VAL A 35 -8.02 1.77 -8.56
CA VAL A 35 -8.02 3.25 -8.65
C VAL A 35 -6.66 3.77 -8.19
N ILE A 36 -6.13 3.19 -7.16
CA ILE A 36 -4.80 3.63 -6.64
C ILE A 36 -3.67 3.22 -7.59
N ASP A 37 -3.90 2.22 -8.40
CA ASP A 37 -2.81 1.74 -9.31
C ASP A 37 -2.20 2.89 -10.13
N SER A 38 -2.99 3.85 -10.52
CA SER A 38 -2.42 4.97 -11.36
C SER A 38 -2.56 6.32 -10.64
N LEU A 39 -3.75 6.74 -10.34
CA LEU A 39 -3.91 8.06 -9.67
C LEU A 39 -3.23 8.03 -8.31
N GLY A 40 -3.55 7.06 -7.51
CA GLY A 40 -2.91 6.95 -6.16
C GLY A 40 -1.45 6.56 -6.32
N LEU A 41 -1.14 5.71 -7.27
CA LEU A 41 0.27 5.29 -7.47
C LEU A 41 1.13 6.52 -7.73
N LEU A 42 0.64 7.44 -8.51
CA LEU A 42 1.43 8.66 -8.79
C LEU A 42 1.70 9.39 -7.48
N LYS A 43 0.70 9.50 -6.65
CA LYS A 43 0.90 10.18 -5.33
C LYS A 43 1.81 9.32 -4.46
N VAL A 44 1.65 8.03 -4.50
CA VAL A 44 2.50 7.13 -3.67
C VAL A 44 3.96 7.23 -4.10
N ILE A 45 4.22 7.31 -5.37
CA ILE A 45 5.63 7.38 -5.85
C ILE A 45 6.32 8.59 -5.21
N ALA A 46 5.72 9.75 -5.29
CA ALA A 46 6.35 10.95 -4.69
C ALA A 46 6.38 10.82 -3.17
N TRP A 47 5.34 10.28 -2.59
CA TRP A 47 5.30 10.12 -1.12
C TRP A 47 6.28 9.04 -0.68
N LEU A 48 6.34 7.96 -1.40
CA LEU A 48 7.24 6.85 -1.01
C LEU A 48 8.69 7.33 -1.05
N GLU A 49 9.09 8.01 -2.09
CA GLU A 49 10.49 8.51 -2.14
C GLU A 49 10.69 9.53 -1.02
N ASP A 50 9.74 10.41 -0.85
CA ASP A 50 9.84 11.44 0.22
C ASP A 50 9.80 10.77 1.59
N ARG A 51 8.96 9.79 1.75
CA ARG A 51 8.81 9.11 3.07
C ARG A 51 10.12 8.42 3.48
N PHE A 52 10.77 7.70 2.60
CA PHE A 52 12.02 6.98 2.98
C PHE A 52 13.20 7.34 2.06
N GLY A 53 13.00 8.21 1.11
CA GLY A 53 14.15 8.58 0.22
C GLY A 53 14.38 7.42 -0.77
N ILE A 54 13.33 6.75 -1.18
CA ILE A 54 13.50 5.63 -2.13
C ILE A 54 13.25 6.13 -3.56
N ALA A 55 14.08 5.75 -4.50
CA ALA A 55 13.89 6.23 -5.89
C ALA A 55 12.53 5.76 -6.42
N ALA A 56 11.86 6.60 -7.16
CA ALA A 56 10.54 6.22 -7.71
C ALA A 56 10.69 5.05 -8.69
N ASP A 57 11.77 5.03 -9.42
CA ASP A 57 11.98 3.91 -10.40
C ASP A 57 12.94 2.87 -9.82
N ASP A 58 13.18 2.92 -8.53
CA ASP A 58 14.10 1.92 -7.91
C ASP A 58 13.58 0.51 -8.19
N VAL A 59 12.29 0.33 -8.21
CA VAL A 59 11.72 -1.02 -8.48
C VAL A 59 10.63 -0.91 -9.55
N GLU A 60 10.33 -2.00 -10.21
CA GLU A 60 9.27 -1.95 -11.25
C GLU A 60 7.94 -2.37 -10.65
N LEU A 61 6.88 -1.69 -10.98
CA LEU A 61 5.54 -2.05 -10.42
C LEU A 61 4.69 -2.73 -11.50
N SER A 62 3.97 -3.77 -11.14
CA SER A 62 3.12 -4.46 -12.13
C SER A 62 1.76 -4.78 -11.48
N PRO A 63 0.73 -4.93 -12.27
CA PRO A 63 -0.63 -5.25 -11.75
C PRO A 63 -0.66 -6.56 -10.96
N GLU A 64 0.11 -7.52 -11.37
CA GLU A 64 0.14 -8.82 -10.65
C GLU A 64 0.72 -8.63 -9.25
N HIS A 65 1.60 -7.67 -9.09
CA HIS A 65 2.22 -7.44 -7.76
C HIS A 65 1.17 -6.94 -6.77
N PHE A 66 0.14 -6.29 -7.24
CA PHE A 66 -0.91 -5.77 -6.31
C PHE A 66 -2.13 -6.69 -6.33
N ARG A 67 -1.99 -7.87 -6.88
CA ARG A 67 -3.13 -8.82 -6.92
C ARG A 67 -3.69 -8.99 -5.50
N SER A 68 -2.84 -8.93 -4.52
CA SER A 68 -3.31 -9.11 -3.11
C SER A 68 -2.40 -8.32 -2.15
N ILE A 69 -2.93 -7.88 -1.04
CA ILE A 69 -2.11 -7.12 -0.07
C ILE A 69 -0.94 -7.97 0.42
N ARG A 70 -1.17 -9.25 0.61
CA ARG A 70 -0.07 -10.13 1.11
C ARG A 70 1.12 -10.11 0.13
N SER A 71 0.85 -10.14 -1.15
CA SER A 71 1.96 -10.14 -2.13
C SER A 71 2.80 -8.87 -1.97
N ILE A 72 2.16 -7.74 -1.77
CA ILE A 72 2.92 -6.47 -1.61
C ILE A 72 3.72 -6.49 -0.31
N ASP A 73 3.15 -7.01 0.74
CA ASP A 73 3.87 -7.05 2.05
C ASP A 73 5.17 -7.84 1.91
N ALA A 74 5.14 -8.94 1.20
CA ALA A 74 6.38 -9.76 1.05
C ALA A 74 7.43 -8.98 0.26
N PHE A 75 7.04 -8.30 -0.78
CA PHE A 75 8.01 -7.53 -1.59
C PHE A 75 8.65 -6.45 -0.71
N VAL A 76 7.85 -5.68 -0.02
CA VAL A 76 8.40 -4.61 0.85
C VAL A 76 9.20 -5.25 1.99
N VAL A 77 8.65 -6.24 2.64
CA VAL A 77 9.39 -6.88 3.75
C VAL A 77 10.71 -7.44 3.23
N GLY A 78 10.71 -7.99 2.05
CA GLY A 78 11.97 -8.55 1.49
C GLY A 78 13.04 -7.46 1.43
N ALA A 79 12.66 -6.23 1.21
CA ALA A 79 13.68 -5.14 1.12
C ALA A 79 13.66 -4.30 2.41
N THR A 80 12.50 -3.84 2.80
CA THR A 80 12.42 -3.01 4.03
C THR A 80 11.02 -3.13 4.64
N THR A 81 10.91 -2.97 5.93
CA THR A 81 9.57 -3.07 6.58
C THR A 81 9.29 -1.77 7.35
N PRO A 82 8.70 -0.80 6.70
CA PRO A 82 8.37 0.51 7.30
C PRO A 82 6.95 0.56 7.89
N PRO A 83 6.82 0.58 9.19
CA PRO A 83 5.48 0.65 9.85
C PRO A 83 4.94 2.08 9.87
N VAL A 84 3.68 2.25 9.57
CA VAL A 84 3.09 3.62 9.57
C VAL A 84 1.87 3.67 10.49
N GLU A 85 1.82 4.61 11.39
CA GLU A 85 0.66 4.71 12.31
C GLU A 85 -0.59 5.09 11.52
N ALA A 86 -0.45 5.95 10.54
CA ALA A 86 -1.63 6.36 9.73
C ALA A 86 -1.17 6.82 8.35
N LYS A 87 -2.01 6.71 7.36
CA LYS A 87 -1.61 7.14 5.99
C LYS A 87 -1.23 8.63 6.02
N LEU A 88 -1.92 9.42 6.79
CA LEU A 88 -1.60 10.87 6.85
C LEU A 88 -0.16 11.05 7.33
N GLN A 89 0.29 10.21 8.22
CA GLN A 89 1.70 10.32 8.72
C GLN A 89 2.59 9.31 8.02
N MET A 1 3.41 -10.54 6.45
CA MET A 1 2.50 -9.39 6.73
C MET A 1 3.14 -8.47 7.77
N GLN A 2 4.43 -8.26 7.68
CA GLN A 2 5.11 -7.38 8.66
C GLN A 2 4.50 -5.98 8.61
N HIS A 3 4.13 -5.53 7.44
CA HIS A 3 3.52 -4.17 7.32
C HIS A 3 2.32 -4.23 6.38
N ALA A 4 1.79 -5.39 6.14
CA ALA A 4 0.63 -5.50 5.22
C ALA A 4 -0.51 -4.61 5.73
N SER A 5 -0.71 -4.57 7.02
CA SER A 5 -1.82 -3.71 7.56
C SER A 5 -1.51 -2.24 7.27
N VAL A 6 -0.27 -1.86 7.36
CA VAL A 6 0.09 -0.43 7.09
C VAL A 6 -0.12 -0.14 5.62
N ILE A 7 0.18 -1.08 4.76
CA ILE A 7 -0.02 -0.84 3.31
C ILE A 7 -1.49 -0.55 3.02
N ALA A 8 -2.36 -1.38 3.52
CA ALA A 8 -3.81 -1.15 3.29
C ALA A 8 -4.23 0.17 3.95
N GLN A 9 -3.82 0.37 5.18
CA GLN A 9 -4.17 1.62 5.89
C GLN A 9 -3.53 2.81 5.17
N PHE A 10 -2.29 2.66 4.80
CA PHE A 10 -1.57 3.75 4.09
C PHE A 10 -2.17 3.93 2.70
N VAL A 11 -2.34 2.87 1.98
CA VAL A 11 -2.92 2.96 0.61
C VAL A 11 -4.40 3.37 0.69
N VAL A 12 -5.14 2.78 1.58
CA VAL A 12 -6.58 3.13 1.70
C VAL A 12 -6.73 4.58 2.13
N GLU A 13 -5.85 5.06 2.97
CA GLU A 13 -5.95 6.47 3.44
C GLU A 13 -6.04 7.40 2.23
N GLU A 14 -5.41 7.06 1.16
CA GLU A 14 -5.46 7.94 -0.06
C GLU A 14 -6.88 7.97 -0.61
N PHE A 15 -7.62 6.90 -0.47
CA PHE A 15 -9.01 6.88 -0.99
C PHE A 15 -9.94 6.17 0.00
N LEU A 16 -9.79 6.43 1.27
CA LEU A 16 -10.66 5.76 2.27
C LEU A 16 -12.03 6.46 2.33
N PRO A 17 -13.11 5.73 2.26
CA PRO A 17 -14.47 6.32 2.34
C PRO A 17 -14.82 6.67 3.80
N ASP A 18 -16.07 6.67 4.14
CA ASP A 18 -16.45 6.99 5.54
C ASP A 18 -16.17 5.76 6.43
N VAL A 19 -15.41 4.83 5.93
CA VAL A 19 -15.10 3.60 6.72
C VAL A 19 -13.61 3.57 7.07
N ALA A 20 -13.29 3.26 8.30
CA ALA A 20 -11.86 3.22 8.70
C ALA A 20 -11.21 1.96 8.09
N PRO A 21 -9.98 2.06 7.63
CA PRO A 21 -9.26 0.89 7.02
C PRO A 21 -9.34 -0.35 7.92
N ALA A 22 -9.38 -0.15 9.21
CA ALA A 22 -9.46 -1.30 10.15
C ALA A 22 -10.79 -2.05 9.95
N ASP A 23 -11.77 -1.37 9.42
CA ASP A 23 -13.10 -2.01 9.20
C ASP A 23 -13.14 -2.58 7.79
N VAL A 24 -12.05 -2.50 7.07
CA VAL A 24 -12.02 -3.04 5.68
C VAL A 24 -11.23 -4.35 5.68
N ASP A 25 -11.71 -5.35 5.00
CA ASP A 25 -10.99 -6.65 4.98
C ASP A 25 -9.69 -6.49 4.19
N VAL A 26 -8.61 -6.15 4.86
CA VAL A 26 -7.32 -5.98 4.13
C VAL A 26 -6.95 -7.30 3.46
N ASP A 27 -7.77 -8.30 3.61
CA ASP A 27 -7.48 -9.61 2.97
C ASP A 27 -8.17 -9.66 1.60
N LEU A 28 -8.73 -8.55 1.19
CA LEU A 28 -9.44 -8.51 -0.13
C LEU A 28 -8.46 -8.07 -1.22
N ASP A 29 -8.49 -8.72 -2.35
CA ASP A 29 -7.57 -8.31 -3.45
C ASP A 29 -7.91 -6.88 -3.86
N LEU A 30 -7.01 -5.96 -3.64
CA LEU A 30 -7.29 -4.55 -3.99
C LEU A 30 -7.47 -4.42 -5.51
N VAL A 31 -7.54 -5.52 -6.21
CA VAL A 31 -7.71 -5.44 -7.69
C VAL A 31 -8.95 -4.61 -8.00
N ASP A 32 -9.99 -4.75 -7.21
CA ASP A 32 -11.22 -3.95 -7.46
C ASP A 32 -10.83 -2.47 -7.44
N ASN A 33 -9.93 -2.11 -6.57
CA ASN A 33 -9.47 -0.70 -6.49
C ASN A 33 -8.33 -0.50 -7.48
N GLY A 34 -8.19 -1.40 -8.42
CA GLY A 34 -7.09 -1.29 -9.42
C GLY A 34 -6.96 0.16 -9.89
N VAL A 35 -7.96 0.97 -9.66
CA VAL A 35 -7.87 2.39 -10.09
C VAL A 35 -6.59 2.98 -9.54
N ILE A 36 -6.19 2.54 -8.38
CA ILE A 36 -4.93 3.06 -7.75
C ILE A 36 -3.72 2.53 -8.51
N ASP A 37 -3.88 1.45 -9.23
CA ASP A 37 -2.72 0.85 -9.96
C ASP A 37 -2.05 1.88 -10.89
N SER A 38 -2.81 2.78 -11.45
CA SER A 38 -2.20 3.77 -12.39
C SER A 38 -2.28 5.20 -11.83
N LEU A 39 -3.46 5.73 -11.66
CA LEU A 39 -3.56 7.13 -11.15
C LEU A 39 -3.04 7.21 -9.72
N GLY A 40 -3.52 6.36 -8.86
CA GLY A 40 -3.05 6.40 -7.45
C GLY A 40 -1.61 5.92 -7.34
N LEU A 41 -1.25 4.93 -8.11
CA LEU A 41 0.14 4.40 -8.05
C LEU A 41 1.14 5.53 -8.36
N LEU A 42 0.84 6.35 -9.32
CA LEU A 42 1.78 7.45 -9.67
C LEU A 42 1.83 8.45 -8.51
N LYS A 43 0.69 8.80 -7.97
CA LYS A 43 0.66 9.76 -6.84
C LYS A 43 1.29 9.12 -5.59
N VAL A 44 1.05 7.86 -5.39
CA VAL A 44 1.61 7.16 -4.20
C VAL A 44 3.14 7.15 -4.26
N ILE A 45 3.69 6.92 -5.42
CA ILE A 45 5.17 6.88 -5.53
C ILE A 45 5.77 8.21 -5.10
N ALA A 46 5.28 9.31 -5.62
CA ALA A 46 5.83 10.63 -5.21
C ALA A 46 5.48 10.90 -3.74
N TRP A 47 4.30 10.49 -3.34
CA TRP A 47 3.88 10.70 -1.93
C TRP A 47 4.76 9.87 -1.00
N LEU A 48 5.08 8.67 -1.40
CA LEU A 48 5.92 7.79 -0.56
C LEU A 48 7.28 8.45 -0.29
N GLU A 49 7.85 9.06 -1.30
CA GLU A 49 9.17 9.72 -1.11
C GLU A 49 9.02 10.91 -0.15
N ASP A 50 7.95 11.63 -0.25
CA ASP A 50 7.77 12.82 0.65
C ASP A 50 7.74 12.38 2.11
N ARG A 51 7.14 11.26 2.41
CA ARG A 51 7.07 10.80 3.82
C ARG A 51 8.32 10.00 4.20
N PHE A 52 8.64 8.98 3.46
CA PHE A 52 9.82 8.14 3.81
C PHE A 52 11.12 8.80 3.33
N GLY A 53 11.06 9.67 2.36
CA GLY A 53 12.31 10.32 1.87
C GLY A 53 13.06 9.35 0.96
N ILE A 54 12.35 8.45 0.33
CA ILE A 54 13.02 7.46 -0.56
C ILE A 54 12.77 7.86 -2.02
N ALA A 55 13.69 7.56 -2.89
CA ALA A 55 13.51 7.92 -4.32
C ALA A 55 12.28 7.19 -4.87
N ALA A 56 11.68 7.72 -5.89
CA ALA A 56 10.46 7.07 -6.47
C ALA A 56 10.77 5.62 -6.82
N ASP A 57 11.94 5.35 -7.32
CA ASP A 57 12.28 3.95 -7.69
C ASP A 57 11.19 3.38 -8.58
N ASP A 58 10.82 4.09 -9.62
CA ASP A 58 9.75 3.61 -10.51
C ASP A 58 10.24 2.42 -11.34
N VAL A 59 9.65 1.27 -11.14
CA VAL A 59 10.06 0.07 -11.91
C VAL A 59 8.81 -0.58 -12.50
N GLU A 60 8.95 -1.43 -13.48
CA GLU A 60 7.75 -2.07 -14.08
C GLU A 60 7.41 -3.36 -13.33
N LEU A 61 6.27 -3.41 -12.72
CA LEU A 61 5.85 -4.62 -11.98
C LEU A 61 4.61 -5.22 -12.64
N SER A 62 4.49 -6.53 -12.64
CA SER A 62 3.30 -7.16 -13.28
C SER A 62 2.05 -6.84 -12.45
N PRO A 63 0.90 -6.85 -13.08
CA PRO A 63 -0.39 -6.55 -12.40
C PRO A 63 -0.69 -7.54 -11.28
N GLU A 64 -0.19 -8.74 -11.39
CA GLU A 64 -0.43 -9.77 -10.34
C GLU A 64 0.20 -9.33 -9.01
N HIS A 65 1.21 -8.52 -9.07
CA HIS A 65 1.88 -8.07 -7.82
C HIS A 65 0.94 -7.18 -6.99
N PHE A 66 0.01 -6.53 -7.63
CA PHE A 66 -0.93 -5.65 -6.88
C PHE A 66 -2.22 -6.41 -6.61
N ARG A 67 -2.29 -7.65 -7.00
CA ARG A 67 -3.53 -8.46 -6.77
C ARG A 67 -3.87 -8.45 -5.28
N SER A 68 -2.90 -8.59 -4.43
CA SER A 68 -3.18 -8.60 -2.96
C SER A 68 -2.26 -7.62 -2.24
N ILE A 69 -2.74 -7.01 -1.19
CA ILE A 69 -1.91 -6.05 -0.42
C ILE A 69 -0.70 -6.76 0.18
N ARG A 70 -0.85 -7.99 0.59
CA ARG A 70 0.28 -8.73 1.20
C ARG A 70 1.43 -8.85 0.19
N SER A 71 1.13 -9.04 -1.06
CA SER A 71 2.22 -9.17 -2.08
C SER A 71 3.05 -7.89 -2.06
N ILE A 72 2.42 -6.75 -1.91
CA ILE A 72 3.16 -5.48 -1.87
C ILE A 72 4.08 -5.48 -0.65
N ASP A 73 3.62 -6.03 0.45
CA ASP A 73 4.46 -6.06 1.67
C ASP A 73 5.81 -6.72 1.34
N ALA A 74 5.80 -7.74 0.52
CA ALA A 74 7.09 -8.40 0.17
C ALA A 74 7.97 -7.42 -0.58
N PHE A 75 7.42 -6.70 -1.51
CA PHE A 75 8.24 -5.71 -2.26
C PHE A 75 8.71 -4.61 -1.32
N VAL A 76 7.83 -4.09 -0.51
CA VAL A 76 8.22 -3.02 0.44
C VAL A 76 9.21 -3.55 1.47
N VAL A 77 8.99 -4.74 1.97
CA VAL A 77 9.93 -5.31 2.98
C VAL A 77 11.32 -5.48 2.35
N GLY A 78 11.37 -5.97 1.15
CA GLY A 78 12.70 -6.18 0.49
C GLY A 78 13.43 -4.85 0.35
N ALA A 79 12.73 -3.78 0.08
CA ALA A 79 13.41 -2.47 -0.08
C ALA A 79 13.43 -1.70 1.25
N THR A 80 12.32 -1.60 1.90
CA THR A 80 12.26 -0.85 3.19
C THR A 80 11.59 -1.71 4.27
N THR A 81 12.10 -1.69 5.46
CA THR A 81 11.48 -2.49 6.55
C THR A 81 11.20 -1.58 7.76
N PRO A 82 10.05 -0.94 7.78
CA PRO A 82 9.66 -0.04 8.89
C PRO A 82 9.10 -0.80 10.11
N PRO A 83 9.09 -0.15 11.25
CA PRO A 83 8.56 -0.76 12.51
C PRO A 83 7.09 -1.14 12.39
N VAL A 84 6.67 -2.17 13.08
CA VAL A 84 5.24 -2.58 12.98
C VAL A 84 4.45 -2.02 14.17
N GLU A 85 3.33 -1.40 13.91
CA GLU A 85 2.51 -0.84 15.00
C GLU A 85 1.07 -1.37 14.88
N ALA A 86 0.29 -1.26 15.91
CA ALA A 86 -1.10 -1.76 15.83
C ALA A 86 -1.82 -1.12 14.64
N LYS A 87 -2.63 -1.86 13.94
CA LYS A 87 -3.34 -1.29 12.77
C LYS A 87 -4.19 -0.10 13.22
N LEU A 88 -4.76 -0.17 14.39
CA LEU A 88 -5.59 0.96 14.87
C LEU A 88 -4.75 2.24 14.92
N GLN A 89 -3.49 2.12 15.25
CA GLN A 89 -2.62 3.32 15.32
C GLN A 89 -2.16 3.70 13.91
N MET A 1 0.29 -9.92 7.54
CA MET A 1 1.54 -10.56 8.03
C MET A 1 2.27 -9.58 8.98
N GLN A 2 3.57 -9.51 8.88
CA GLN A 2 4.33 -8.58 9.77
C GLN A 2 3.80 -7.15 9.60
N HIS A 3 3.53 -6.75 8.38
CA HIS A 3 3.01 -5.37 8.16
C HIS A 3 1.92 -5.40 7.09
N ALA A 4 1.48 -6.56 6.70
CA ALA A 4 0.42 -6.64 5.65
C ALA A 4 -0.83 -5.92 6.15
N SER A 5 -1.13 -6.04 7.41
CA SER A 5 -2.34 -5.36 7.96
C SER A 5 -2.21 -3.85 7.73
N VAL A 6 -1.03 -3.33 7.85
CA VAL A 6 -0.82 -1.87 7.64
C VAL A 6 -1.13 -1.52 6.19
N ILE A 7 -0.78 -2.37 5.28
CA ILE A 7 -1.04 -2.07 3.85
C ILE A 7 -2.55 -1.88 3.63
N ALA A 8 -3.35 -2.78 4.13
CA ALA A 8 -4.82 -2.63 3.96
C ALA A 8 -5.26 -1.36 4.68
N GLN A 9 -4.79 -1.17 5.88
CA GLN A 9 -5.16 0.05 6.65
C GLN A 9 -4.59 1.29 5.95
N PHE A 10 -3.41 1.17 5.41
CA PHE A 10 -2.77 2.33 4.73
C PHE A 10 -3.59 2.72 3.48
N VAL A 11 -3.89 1.78 2.64
CA VAL A 11 -4.68 2.09 1.42
C VAL A 11 -6.15 2.32 1.78
N VAL A 12 -6.70 1.52 2.65
CA VAL A 12 -8.14 1.68 3.02
C VAL A 12 -8.36 3.05 3.69
N GLU A 13 -7.41 3.51 4.46
CA GLU A 13 -7.59 4.82 5.15
C GLU A 13 -7.84 5.91 4.10
N GLU A 14 -7.20 5.81 2.97
CA GLU A 14 -7.39 6.84 1.91
C GLU A 14 -8.80 6.76 1.35
N PHE A 15 -9.35 5.58 1.21
CA PHE A 15 -10.73 5.46 0.64
C PHE A 15 -11.79 5.52 1.75
N LEU A 16 -11.76 4.58 2.66
CA LEU A 16 -12.78 4.58 3.75
C LEU A 16 -12.09 4.55 5.12
N PRO A 17 -11.68 5.70 5.60
CA PRO A 17 -11.01 5.82 6.92
C PRO A 17 -12.02 5.88 8.07
N ASP A 18 -13.24 6.24 7.79
CA ASP A 18 -14.25 6.31 8.87
C ASP A 18 -14.71 4.90 9.23
N VAL A 19 -14.22 3.93 8.50
CA VAL A 19 -14.60 2.52 8.78
C VAL A 19 -13.35 1.76 9.27
N ALA A 20 -13.49 0.91 10.25
CA ALA A 20 -12.29 0.18 10.75
C ALA A 20 -11.72 -0.67 9.59
N PRO A 21 -10.49 -0.43 9.18
CA PRO A 21 -9.89 -1.21 8.06
C PRO A 21 -9.71 -2.68 8.42
N ALA A 22 -9.55 -2.97 9.68
CA ALA A 22 -9.38 -4.39 10.11
C ALA A 22 -10.70 -5.13 9.94
N ASP A 23 -11.78 -4.41 9.81
CA ASP A 23 -13.11 -5.06 9.63
C ASP A 23 -13.29 -5.43 8.16
N VAL A 24 -12.31 -5.10 7.35
CA VAL A 24 -12.41 -5.44 5.90
C VAL A 24 -11.53 -6.66 5.63
N ASP A 25 -12.00 -7.58 4.83
CA ASP A 25 -11.18 -8.79 4.55
C ASP A 25 -9.95 -8.39 3.74
N VAL A 26 -8.85 -8.16 4.40
CA VAL A 26 -7.61 -7.77 3.69
C VAL A 26 -7.21 -8.90 2.73
N ASP A 27 -7.97 -9.95 2.69
CA ASP A 27 -7.64 -11.08 1.78
C ASP A 27 -8.27 -10.82 0.41
N LEU A 28 -8.79 -9.64 0.21
CA LEU A 28 -9.43 -9.30 -1.10
C LEU A 28 -8.37 -8.79 -2.06
N ASP A 29 -8.38 -9.26 -3.27
CA ASP A 29 -7.37 -8.78 -4.25
C ASP A 29 -7.56 -7.29 -4.47
N LEU A 30 -6.55 -6.51 -4.22
CA LEU A 30 -6.69 -5.03 -4.41
C LEU A 30 -7.09 -4.75 -5.86
N VAL A 31 -7.04 -5.73 -6.71
CA VAL A 31 -7.42 -5.48 -8.13
C VAL A 31 -8.78 -4.79 -8.15
N ASP A 32 -9.71 -5.27 -7.38
CA ASP A 32 -11.04 -4.62 -7.34
C ASP A 32 -10.84 -3.15 -6.98
N ASN A 33 -9.88 -2.90 -6.13
CA ASN A 33 -9.58 -1.49 -5.73
C ASN A 33 -8.53 -0.93 -6.68
N GLY A 34 -8.44 -1.49 -7.86
CA GLY A 34 -7.43 -1.00 -8.84
C GLY A 34 -7.40 0.52 -8.83
N VAL A 35 -8.39 1.15 -8.27
CA VAL A 35 -8.39 2.64 -8.22
C VAL A 35 -7.06 3.11 -7.63
N ILE A 36 -6.56 2.39 -6.67
CA ILE A 36 -5.26 2.78 -6.04
C ILE A 36 -4.11 2.55 -7.01
N ASP A 37 -4.31 1.74 -8.01
CA ASP A 37 -3.21 1.44 -8.97
C ASP A 37 -2.66 2.72 -9.61
N SER A 38 -3.49 3.69 -9.87
CA SER A 38 -2.97 4.95 -10.52
C SER A 38 -3.06 6.14 -9.57
N LEU A 39 -4.23 6.54 -9.19
CA LEU A 39 -4.36 7.71 -8.29
C LEU A 39 -3.66 7.44 -6.97
N GLY A 40 -3.95 6.32 -6.37
CA GLY A 40 -3.32 5.98 -5.07
C GLY A 40 -1.84 5.66 -5.28
N LEU A 41 -1.53 4.90 -6.29
CA LEU A 41 -0.10 4.55 -6.54
C LEU A 41 0.71 5.82 -6.74
N LEU A 42 0.17 6.79 -7.42
CA LEU A 42 0.93 8.05 -7.63
C LEU A 42 1.25 8.67 -6.27
N LYS A 43 0.29 8.69 -5.38
CA LYS A 43 0.55 9.26 -4.03
C LYS A 43 1.52 8.35 -3.27
N VAL A 44 1.35 7.06 -3.40
CA VAL A 44 2.25 6.12 -2.68
C VAL A 44 3.68 6.23 -3.20
N ILE A 45 3.85 6.30 -4.50
CA ILE A 45 5.22 6.42 -5.06
C ILE A 45 5.87 7.71 -4.57
N ALA A 46 5.19 8.82 -4.71
CA ALA A 46 5.76 10.11 -4.23
C ALA A 46 5.89 10.08 -2.71
N TRP A 47 4.93 9.51 -2.04
CA TRP A 47 5.00 9.45 -0.55
C TRP A 47 6.11 8.50 -0.13
N LEU A 48 6.22 7.38 -0.77
CA LEU A 48 7.28 6.41 -0.41
C LEU A 48 8.66 7.05 -0.59
N GLU A 49 8.85 7.76 -1.67
CA GLU A 49 10.16 8.43 -1.91
C GLU A 49 10.36 9.55 -0.88
N ASP A 50 9.32 10.23 -0.52
CA ASP A 50 9.47 11.34 0.46
C ASP A 50 10.04 10.80 1.78
N ARG A 51 9.61 9.64 2.19
CA ARG A 51 10.12 9.08 3.48
C ARG A 51 11.41 8.28 3.27
N PHE A 52 11.38 7.27 2.45
CA PHE A 52 12.61 6.43 2.25
C PHE A 52 13.58 7.10 1.27
N GLY A 53 13.13 7.97 0.43
CA GLY A 53 14.08 8.62 -0.54
C GLY A 53 14.38 7.66 -1.69
N ILE A 54 13.41 6.87 -2.10
CA ILE A 54 13.65 5.93 -3.22
C ILE A 54 13.12 6.55 -4.52
N ALA A 55 13.84 6.42 -5.59
CA ALA A 55 13.37 7.02 -6.87
C ALA A 55 12.02 6.42 -7.26
N ALA A 56 11.14 7.22 -7.81
CA ALA A 56 9.81 6.69 -8.21
C ALA A 56 9.99 5.58 -9.23
N ASP A 57 10.98 5.69 -10.07
CA ASP A 57 11.21 4.64 -11.10
C ASP A 57 12.24 3.63 -10.58
N ASP A 58 12.56 3.71 -9.32
CA ASP A 58 13.56 2.77 -8.75
C ASP A 58 13.16 1.32 -9.07
N VAL A 59 11.89 1.05 -9.13
CA VAL A 59 11.42 -0.34 -9.43
C VAL A 59 10.49 -0.32 -10.63
N GLU A 60 10.33 -1.44 -11.28
CA GLU A 60 9.43 -1.50 -12.47
C GLU A 60 7.99 -1.69 -12.01
N LEU A 61 7.04 -1.24 -12.78
CA LEU A 61 5.61 -1.39 -12.39
C LEU A 61 5.19 -2.85 -12.52
N SER A 62 4.49 -3.37 -11.55
CA SER A 62 4.05 -4.79 -11.61
C SER A 62 2.59 -4.90 -11.16
N PRO A 63 1.66 -4.74 -12.07
CA PRO A 63 0.21 -4.83 -11.75
C PRO A 63 -0.14 -6.11 -11.00
N GLU A 64 0.67 -7.13 -11.15
CA GLU A 64 0.41 -8.40 -10.44
C GLU A 64 0.41 -8.17 -8.93
N HIS A 65 1.02 -7.11 -8.49
CA HIS A 65 1.08 -6.83 -7.03
C HIS A 65 -0.33 -6.50 -6.49
N PHE A 66 -1.19 -5.99 -7.32
CA PHE A 66 -2.57 -5.66 -6.84
C PHE A 66 -3.36 -6.95 -6.63
N ARG A 67 -2.88 -8.04 -7.13
CA ARG A 67 -3.60 -9.33 -6.97
C ARG A 67 -3.83 -9.62 -5.48
N SER A 68 -2.90 -9.28 -4.64
CA SER A 68 -3.10 -9.56 -3.18
C SER A 68 -2.23 -8.62 -2.34
N ILE A 69 -2.73 -8.20 -1.21
CA ILE A 69 -1.95 -7.30 -0.32
C ILE A 69 -0.74 -8.05 0.25
N ARG A 70 -0.90 -9.31 0.56
CA ARG A 70 0.22 -10.10 1.15
C ARG A 70 1.42 -10.12 0.20
N SER A 71 1.19 -10.29 -1.07
CA SER A 71 2.32 -10.34 -2.03
C SER A 71 3.14 -9.06 -1.93
N ILE A 72 2.49 -7.93 -1.82
CA ILE A 72 3.23 -6.65 -1.72
C ILE A 72 3.97 -6.58 -0.38
N ASP A 73 3.36 -7.06 0.66
CA ASP A 73 4.02 -7.01 1.99
C ASP A 73 5.36 -7.74 1.94
N ALA A 74 5.43 -8.85 1.27
CA ALA A 74 6.71 -9.60 1.20
C ALA A 74 7.74 -8.78 0.42
N PHE A 75 7.35 -8.20 -0.68
CA PHE A 75 8.31 -7.39 -1.47
C PHE A 75 8.77 -6.20 -0.63
N VAL A 76 7.86 -5.48 -0.04
CA VAL A 76 8.24 -4.32 0.79
C VAL A 76 9.01 -4.79 2.03
N VAL A 77 8.53 -5.81 2.70
CA VAL A 77 9.24 -6.31 3.90
C VAL A 77 10.64 -6.77 3.52
N GLY A 78 10.77 -7.44 2.42
CA GLY A 78 12.11 -7.92 1.98
C GLY A 78 13.07 -6.73 1.82
N ALA A 79 12.56 -5.58 1.49
CA ALA A 79 13.47 -4.41 1.29
C ALA A 79 13.39 -3.47 2.50
N THR A 80 12.20 -3.08 2.90
CA THR A 80 12.08 -2.16 4.05
C THR A 80 10.77 -2.44 4.81
N THR A 81 10.71 -2.08 6.06
CA THR A 81 9.47 -2.32 6.85
C THR A 81 9.07 -1.00 7.54
N PRO A 82 8.28 -0.19 6.88
CA PRO A 82 7.82 1.13 7.42
C PRO A 82 7.02 0.98 8.73
N PRO A 83 6.99 2.04 9.51
CA PRO A 83 6.24 2.06 10.80
C PRO A 83 4.73 1.93 10.61
N VAL A 84 4.04 1.40 11.57
CA VAL A 84 2.57 1.24 11.43
C VAL A 84 1.86 2.50 11.96
N GLU A 85 0.97 3.06 11.19
CA GLU A 85 0.26 4.29 11.65
C GLU A 85 -0.88 4.60 10.67
N ALA A 86 -0.84 5.75 10.06
CA ALA A 86 -1.92 6.12 9.10
C ALA A 86 -1.42 7.22 8.15
N LYS A 87 -2.11 7.46 7.07
CA LYS A 87 -1.66 8.52 6.12
C LYS A 87 -1.90 9.89 6.76
N LEU A 88 -1.03 10.83 6.53
CA LEU A 88 -1.20 12.19 7.11
C LEU A 88 -2.53 12.78 6.63
N GLN A 89 -2.92 12.49 5.42
CA GLN A 89 -4.20 13.04 4.91
C GLN A 89 -5.38 12.43 5.68
N MET A 1 4.37 -10.00 8.36
CA MET A 1 3.59 -8.75 8.20
C MET A 1 4.24 -7.62 8.98
N GLN A 2 5.05 -6.83 8.35
CA GLN A 2 5.71 -5.69 9.05
C GLN A 2 5.03 -4.39 8.62
N HIS A 3 4.83 -3.49 9.54
CA HIS A 3 4.15 -2.20 9.19
C HIS A 3 3.01 -2.49 8.22
N ALA A 4 2.48 -3.68 8.25
CA ALA A 4 1.36 -4.04 7.33
C ALA A 4 0.16 -3.14 7.62
N SER A 5 -0.09 -2.83 8.86
CA SER A 5 -1.24 -1.96 9.20
C SER A 5 -1.09 -0.61 8.51
N VAL A 6 0.11 -0.10 8.43
CA VAL A 6 0.33 1.20 7.74
C VAL A 6 -0.03 1.07 6.27
N ILE A 7 0.28 -0.06 5.68
CA ILE A 7 -0.03 -0.26 4.24
C ILE A 7 -1.55 -0.24 4.03
N ALA A 8 -2.28 -0.95 4.85
CA ALA A 8 -3.76 -0.99 4.68
C ALA A 8 -4.37 0.39 4.93
N GLN A 9 -4.01 1.03 6.00
CA GLN A 9 -4.59 2.38 6.28
C GLN A 9 -4.03 3.40 5.28
N PHE A 10 -2.76 3.31 4.99
CA PHE A 10 -2.15 4.28 4.04
C PHE A 10 -2.78 4.12 2.64
N VAL A 11 -2.82 2.91 2.14
CA VAL A 11 -3.41 2.69 0.80
C VAL A 11 -4.93 2.93 0.85
N VAL A 12 -5.56 2.49 1.91
CA VAL A 12 -7.03 2.70 2.02
C VAL A 12 -7.35 4.18 2.17
N GLU A 13 -6.52 4.89 2.90
CA GLU A 13 -6.77 6.35 3.10
C GLU A 13 -6.96 7.04 1.75
N GLU A 14 -6.35 6.53 0.71
CA GLU A 14 -6.49 7.17 -0.63
C GLU A 14 -7.95 7.03 -1.10
N PHE A 15 -8.63 5.99 -0.71
CA PHE A 15 -10.04 5.82 -1.14
C PHE A 15 -10.88 5.23 0.00
N LEU A 16 -10.63 5.64 1.21
CA LEU A 16 -11.42 5.10 2.35
C LEU A 16 -12.78 5.81 2.44
N PRO A 17 -13.86 5.08 2.55
CA PRO A 17 -15.22 5.68 2.66
C PRO A 17 -15.45 6.22 4.08
N ASP A 18 -16.67 6.29 4.52
CA ASP A 18 -16.93 6.79 5.89
C ASP A 18 -16.60 5.70 6.91
N VAL A 19 -15.86 4.71 6.50
CA VAL A 19 -15.50 3.60 7.43
C VAL A 19 -13.98 3.63 7.69
N ALA A 20 -13.57 3.47 8.92
CA ALA A 20 -12.12 3.49 9.24
C ALA A 20 -11.44 2.24 8.63
N PRO A 21 -10.25 2.36 8.12
CA PRO A 21 -9.53 1.19 7.53
C PRO A 21 -9.51 -0.01 8.47
N ALA A 22 -9.51 0.23 9.76
CA ALA A 22 -9.49 -0.89 10.73
C ALA A 22 -10.78 -1.71 10.60
N ASP A 23 -11.83 -1.10 10.13
CA ASP A 23 -13.12 -1.82 9.98
C ASP A 23 -13.26 -2.31 8.54
N VAL A 24 -12.21 -2.19 7.77
CA VAL A 24 -12.27 -2.65 6.35
C VAL A 24 -11.60 -4.02 6.24
N ASP A 25 -12.18 -4.93 5.51
CA ASP A 25 -11.56 -6.27 5.40
C ASP A 25 -10.27 -6.17 4.59
N VAL A 26 -9.17 -5.87 5.23
CA VAL A 26 -7.88 -5.77 4.50
C VAL A 26 -7.57 -7.12 3.84
N ASP A 27 -8.43 -8.08 4.02
CA ASP A 27 -8.20 -9.42 3.39
C ASP A 27 -8.88 -9.45 2.03
N LEU A 28 -9.37 -8.33 1.58
CA LEU A 28 -10.05 -8.26 0.26
C LEU A 28 -9.02 -7.92 -0.83
N ASP A 29 -9.09 -8.57 -1.95
CA ASP A 29 -8.12 -8.25 -3.03
C ASP A 29 -8.39 -6.82 -3.49
N LEU A 30 -7.41 -5.97 -3.40
CA LEU A 30 -7.62 -4.56 -3.82
C LEU A 30 -7.72 -4.47 -5.35
N VAL A 31 -7.67 -5.59 -6.02
CA VAL A 31 -7.77 -5.55 -7.51
C VAL A 31 -9.02 -4.75 -7.89
N ASP A 32 -10.08 -4.91 -7.17
CA ASP A 32 -11.31 -4.13 -7.47
C ASP A 32 -10.93 -2.65 -7.39
N ASN A 33 -10.05 -2.32 -6.49
CA ASN A 33 -9.61 -0.92 -6.33
C ASN A 33 -8.48 -0.66 -7.34
N GLY A 34 -8.36 -1.50 -8.33
CA GLY A 34 -7.29 -1.33 -9.34
C GLY A 34 -7.17 0.15 -9.73
N VAL A 35 -8.18 0.92 -9.43
CA VAL A 35 -8.11 2.37 -9.77
C VAL A 35 -6.79 2.94 -9.22
N ILE A 36 -6.38 2.46 -8.08
CA ILE A 36 -5.11 2.94 -7.47
C ILE A 36 -3.92 2.45 -8.29
N ASP A 37 -4.13 1.48 -9.13
CA ASP A 37 -3.00 0.92 -9.94
C ASP A 37 -2.30 2.01 -10.75
N SER A 38 -3.01 3.02 -11.19
CA SER A 38 -2.35 4.08 -12.01
C SER A 38 -2.45 5.46 -11.35
N LEU A 39 -3.63 5.98 -11.20
CA LEU A 39 -3.78 7.33 -10.59
C LEU A 39 -3.28 7.33 -9.16
N GLY A 40 -3.68 6.37 -8.38
CA GLY A 40 -3.23 6.32 -6.97
C GLY A 40 -1.75 5.94 -6.91
N LEU A 41 -1.35 4.99 -7.70
CA LEU A 41 0.08 4.58 -7.67
C LEU A 41 0.96 5.75 -8.09
N LEU A 42 0.54 6.52 -9.05
CA LEU A 42 1.37 7.68 -9.48
C LEU A 42 1.59 8.60 -8.29
N LYS A 43 0.56 8.86 -7.53
CA LYS A 43 0.71 9.73 -6.34
C LYS A 43 1.60 9.03 -5.32
N VAL A 44 1.46 7.73 -5.19
CA VAL A 44 2.29 6.98 -4.21
C VAL A 44 3.77 7.02 -4.62
N ILE A 45 4.04 6.93 -5.89
CA ILE A 45 5.46 6.96 -6.36
C ILE A 45 6.12 8.27 -5.90
N ALA A 46 5.49 9.38 -6.15
CA ALA A 46 6.10 10.68 -5.72
C ALA A 46 6.19 10.71 -4.20
N TRP A 47 5.20 10.19 -3.53
CA TRP A 47 5.23 10.18 -2.04
C TRP A 47 6.35 9.26 -1.56
N LEU A 48 6.52 8.14 -2.20
CA LEU A 48 7.58 7.19 -1.79
C LEU A 48 8.95 7.86 -1.90
N GLU A 49 9.19 8.58 -2.96
CA GLU A 49 10.50 9.26 -3.12
C GLU A 49 10.66 10.36 -2.07
N ASP A 50 9.59 11.03 -1.73
CA ASP A 50 9.70 12.12 -0.71
C ASP A 50 10.16 11.56 0.64
N ARG A 51 9.57 10.49 1.09
CA ARG A 51 9.97 9.93 2.41
C ARG A 51 11.15 8.95 2.30
N PHE A 52 11.08 8.00 1.42
CA PHE A 52 12.20 7.01 1.30
C PHE A 52 13.37 7.60 0.49
N GLY A 53 13.12 8.56 -0.35
CA GLY A 53 14.25 9.14 -1.15
C GLY A 53 14.60 8.21 -2.31
N ILE A 54 13.63 7.50 -2.83
CA ILE A 54 13.90 6.58 -3.97
C ILE A 54 13.47 7.26 -5.27
N ALA A 55 14.27 7.18 -6.29
CA ALA A 55 13.90 7.85 -7.58
C ALA A 55 12.59 7.27 -8.10
N ALA A 56 11.69 8.12 -8.51
CA ALA A 56 10.39 7.63 -9.05
C ALA A 56 10.62 6.87 -10.35
N ASP A 57 11.62 7.26 -11.10
CA ASP A 57 11.92 6.58 -12.39
C ASP A 57 12.21 5.10 -12.15
N ASP A 58 12.81 4.76 -11.05
CA ASP A 58 13.13 3.33 -10.78
C ASP A 58 11.85 2.56 -10.43
N VAL A 59 11.41 1.71 -11.32
CA VAL A 59 10.18 0.92 -11.05
C VAL A 59 10.43 -0.55 -11.42
N GLU A 60 9.67 -1.46 -10.86
CA GLU A 60 9.87 -2.90 -11.20
C GLU A 60 8.71 -3.71 -10.62
N LEU A 61 7.58 -3.07 -10.41
CA LEU A 61 6.40 -3.80 -9.86
C LEU A 61 5.38 -4.05 -10.97
N SER A 62 4.72 -5.18 -10.94
CA SER A 62 3.71 -5.49 -11.99
C SER A 62 2.32 -5.47 -11.36
N PRO A 63 1.29 -5.37 -12.17
CA PRO A 63 -0.12 -5.33 -11.69
C PRO A 63 -0.47 -6.58 -10.88
N GLU A 64 0.13 -7.68 -11.18
CA GLU A 64 -0.17 -8.93 -10.41
C GLU A 64 0.28 -8.76 -8.96
N HIS A 65 1.30 -8.00 -8.73
CA HIS A 65 1.80 -7.79 -7.35
C HIS A 65 0.80 -6.96 -6.53
N PHE A 66 0.01 -6.16 -7.17
CA PHE A 66 -0.97 -5.32 -6.41
C PHE A 66 -2.29 -6.07 -6.22
N ARG A 67 -2.34 -7.33 -6.58
CA ARG A 67 -3.60 -8.10 -6.40
C ARG A 67 -4.03 -8.09 -4.93
N SER A 68 -3.09 -8.14 -4.02
CA SER A 68 -3.45 -8.14 -2.57
C SER A 68 -2.57 -7.14 -1.82
N ILE A 69 -3.08 -6.55 -0.77
CA ILE A 69 -2.29 -5.58 0.02
C ILE A 69 -1.11 -6.29 0.68
N ARG A 70 -1.30 -7.50 1.12
CA ARG A 70 -0.20 -8.25 1.80
C ARG A 70 0.98 -8.42 0.83
N SER A 71 0.71 -8.65 -0.42
CA SER A 71 1.82 -8.82 -1.40
C SER A 71 2.65 -7.53 -1.44
N ILE A 72 2.01 -6.40 -1.31
CA ILE A 72 2.76 -5.13 -1.35
C ILE A 72 3.76 -5.11 -0.18
N ASP A 73 3.35 -5.61 0.95
CA ASP A 73 4.26 -5.63 2.13
C ASP A 73 5.53 -6.41 1.80
N ALA A 74 5.39 -7.47 1.05
CA ALA A 74 6.60 -8.29 0.70
C ALA A 74 7.56 -7.46 -0.15
N PHE A 75 7.07 -6.78 -1.14
CA PHE A 75 7.97 -5.95 -1.99
C PHE A 75 8.53 -4.81 -1.14
N VAL A 76 7.69 -4.16 -0.38
CA VAL A 76 8.16 -3.04 0.47
C VAL A 76 9.17 -3.56 1.49
N VAL A 77 8.92 -4.70 2.07
CA VAL A 77 9.86 -5.26 3.07
C VAL A 77 11.21 -5.51 2.40
N GLY A 78 11.20 -6.05 1.22
CA GLY A 78 12.49 -6.34 0.52
C GLY A 78 13.30 -5.04 0.36
N ALA A 79 12.65 -3.94 0.12
CA ALA A 79 13.40 -2.66 -0.05
C ALA A 79 13.56 -1.96 1.30
N THR A 80 12.49 -1.81 2.03
CA THR A 80 12.57 -1.14 3.36
C THR A 80 11.59 -1.79 4.33
N THR A 81 11.87 -1.72 5.60
CA THR A 81 10.94 -2.33 6.60
C THR A 81 10.73 -1.36 7.76
N PRO A 82 9.75 -0.50 7.65
CA PRO A 82 9.43 0.50 8.72
C PRO A 82 8.94 -0.18 10.01
N PRO A 83 8.56 0.60 10.98
CA PRO A 83 8.07 0.07 12.30
C PRO A 83 6.81 -0.79 12.11
N VAL A 84 6.59 -1.75 12.97
CA VAL A 84 5.39 -2.61 12.83
C VAL A 84 4.31 -2.15 13.81
N GLU A 85 3.10 -2.00 13.33
CA GLU A 85 1.99 -1.56 14.22
C GLU A 85 0.83 -2.55 14.13
N ALA A 86 0.00 -2.60 15.12
CA ALA A 86 -1.15 -3.55 15.10
C ALA A 86 -2.44 -2.79 14.75
N LYS A 87 -3.36 -3.44 14.11
CA LYS A 87 -4.64 -2.76 13.75
C LYS A 87 -5.54 -2.70 14.98
N LEU A 88 -6.32 -1.65 15.10
CA LEU A 88 -7.23 -1.53 16.28
C LEU A 88 -8.17 -2.74 16.32
N GLN A 89 -8.58 -3.21 15.17
CA GLN A 89 -9.50 -4.38 15.14
C GLN A 89 -9.40 -5.07 13.79
N MET A 1 3.69 -11.16 6.45
CA MET A 1 2.96 -9.86 6.33
C MET A 1 3.53 -8.86 7.32
N GLN A 2 4.52 -8.11 6.91
CA GLN A 2 5.12 -7.10 7.82
C GLN A 2 4.56 -5.72 7.45
N HIS A 3 4.03 -5.02 8.41
CA HIS A 3 3.48 -3.66 8.11
C HIS A 3 2.33 -3.81 7.11
N ALA A 4 1.77 -4.98 7.01
CA ALA A 4 0.64 -5.20 6.04
C ALA A 4 -0.55 -4.33 6.45
N SER A 5 -0.81 -4.20 7.72
CA SER A 5 -1.96 -3.39 8.17
C SER A 5 -1.80 -1.94 7.70
N VAL A 6 -0.59 -1.42 7.74
CA VAL A 6 -0.37 -0.02 7.30
C VAL A 6 -0.67 0.10 5.81
N ILE A 7 -0.31 -0.89 5.05
CA ILE A 7 -0.57 -0.83 3.58
C ILE A 7 -2.07 -0.68 3.33
N ALA A 8 -2.86 -1.53 3.92
CA ALA A 8 -4.34 -1.44 3.72
C ALA A 8 -4.84 -0.11 4.29
N GLN A 9 -4.40 0.22 5.47
CA GLN A 9 -4.84 1.50 6.10
C GLN A 9 -4.32 2.68 5.28
N PHE A 10 -3.11 2.58 4.80
CA PHE A 10 -2.52 3.70 4.00
C PHE A 10 -3.27 3.87 2.69
N VAL A 11 -3.46 2.82 1.95
CA VAL A 11 -4.18 2.93 0.65
C VAL A 11 -5.68 3.13 0.89
N VAL A 12 -6.23 2.45 1.86
CA VAL A 12 -7.69 2.61 2.13
C VAL A 12 -7.99 4.03 2.59
N GLU A 13 -7.14 4.59 3.39
CA GLU A 13 -7.37 5.97 3.89
C GLU A 13 -7.63 6.92 2.71
N GLU A 14 -6.96 6.69 1.62
CA GLU A 14 -7.16 7.58 0.43
C GLU A 14 -8.58 7.40 -0.12
N PHE A 15 -9.13 6.22 0.00
CA PHE A 15 -10.51 5.99 -0.52
C PHE A 15 -11.35 5.23 0.51
N LEU A 16 -11.22 5.56 1.77
CA LEU A 16 -12.01 4.85 2.81
C LEU A 16 -13.43 5.42 2.86
N PRO A 17 -14.44 4.59 2.83
CA PRO A 17 -15.86 5.04 2.91
C PRO A 17 -16.22 5.38 4.36
N ASP A 18 -17.45 5.21 4.74
CA ASP A 18 -17.84 5.52 6.15
C ASP A 18 -17.38 4.36 7.04
N VAL A 19 -16.55 3.49 6.53
CA VAL A 19 -16.08 2.33 7.32
C VAL A 19 -14.57 2.48 7.58
N ALA A 20 -14.14 2.21 8.79
CA ALA A 20 -12.68 2.33 9.10
C ALA A 20 -11.93 1.16 8.45
N PRO A 21 -10.74 1.39 7.92
CA PRO A 21 -9.94 0.30 7.28
C PRO A 21 -9.83 -0.93 8.17
N ALA A 22 -9.85 -0.75 9.46
CA ALA A 22 -9.76 -1.91 10.39
C ALA A 22 -10.98 -2.81 10.23
N ASP A 23 -12.06 -2.26 9.74
CA ASP A 23 -13.29 -3.08 9.56
C ASP A 23 -13.35 -3.58 8.12
N VAL A 24 -12.31 -3.36 7.37
CA VAL A 24 -12.29 -3.82 5.95
C VAL A 24 -11.43 -5.08 5.86
N ASP A 25 -11.89 -6.07 5.15
CA ASP A 25 -11.10 -7.32 5.03
C ASP A 25 -9.83 -7.07 4.23
N VAL A 26 -8.77 -6.68 4.88
CA VAL A 26 -7.50 -6.43 4.15
C VAL A 26 -7.07 -7.70 3.42
N ASP A 27 -7.83 -8.75 3.55
CA ASP A 27 -7.48 -10.02 2.86
C ASP A 27 -8.17 -10.06 1.50
N LEU A 28 -8.78 -8.96 1.11
CA LEU A 28 -9.48 -8.90 -0.20
C LEU A 28 -8.51 -8.41 -1.27
N ASP A 29 -8.56 -9.00 -2.44
CA ASP A 29 -7.66 -8.54 -3.52
C ASP A 29 -7.96 -7.07 -3.80
N LEU A 30 -7.00 -6.21 -3.68
CA LEU A 30 -7.25 -4.77 -3.92
C LEU A 30 -7.48 -4.54 -5.42
N VAL A 31 -7.57 -5.58 -6.20
CA VAL A 31 -7.80 -5.40 -7.65
C VAL A 31 -9.03 -4.52 -7.86
N ASP A 32 -10.04 -4.68 -7.06
CA ASP A 32 -11.24 -3.84 -7.21
C ASP A 32 -10.81 -2.38 -7.06
N ASN A 33 -9.86 -2.14 -6.19
CA ASN A 33 -9.36 -0.76 -5.98
C ASN A 33 -8.25 -0.49 -6.99
N GLY A 34 -8.19 -1.26 -8.04
CA GLY A 34 -7.14 -1.07 -9.07
C GLY A 34 -6.96 0.42 -9.35
N VAL A 35 -7.89 1.23 -8.93
CA VAL A 35 -7.77 2.69 -9.16
C VAL A 35 -6.41 3.16 -8.63
N ILE A 36 -5.98 2.60 -7.53
CA ILE A 36 -4.67 3.00 -6.94
C ILE A 36 -3.52 2.52 -7.82
N ASP A 37 -3.74 1.52 -8.62
CA ASP A 37 -2.66 0.98 -9.49
C ASP A 37 -2.04 2.09 -10.35
N SER A 38 -2.82 3.05 -10.76
CA SER A 38 -2.26 4.13 -11.62
C SER A 38 -2.32 5.49 -10.93
N LEU A 39 -3.51 5.97 -10.65
CA LEU A 39 -3.61 7.31 -9.99
C LEU A 39 -2.95 7.27 -8.62
N GLY A 40 -3.31 6.33 -7.80
CA GLY A 40 -2.69 6.25 -6.45
C GLY A 40 -1.24 5.79 -6.56
N LEU A 41 -0.96 4.86 -7.44
CA LEU A 41 0.43 4.37 -7.60
C LEU A 41 1.35 5.54 -7.96
N LEU A 42 0.90 6.41 -8.82
CA LEU A 42 1.75 7.56 -9.21
C LEU A 42 2.01 8.43 -7.98
N LYS A 43 1.00 8.68 -7.20
CA LYS A 43 1.19 9.51 -5.97
C LYS A 43 2.07 8.77 -4.98
N VAL A 44 1.96 7.46 -4.94
CA VAL A 44 2.78 6.68 -3.97
C VAL A 44 4.27 6.86 -4.28
N ILE A 45 4.64 6.84 -5.53
CA ILE A 45 6.08 7.02 -5.88
C ILE A 45 6.57 8.37 -5.36
N ALA A 46 5.86 9.43 -5.66
CA ALA A 46 6.29 10.77 -5.19
C ALA A 46 6.18 10.84 -3.66
N TRP A 47 5.18 10.22 -3.11
CA TRP A 47 5.02 10.25 -1.62
C TRP A 47 6.14 9.46 -0.97
N LEU A 48 6.47 8.33 -1.50
CA LEU A 48 7.54 7.50 -0.90
C LEU A 48 8.84 8.31 -0.86
N GLU A 49 9.17 8.96 -1.94
CA GLU A 49 10.42 9.78 -1.96
C GLU A 49 10.25 10.98 -1.02
N ASP A 50 9.08 11.54 -1.00
CA ASP A 50 8.84 12.71 -0.12
C ASP A 50 8.96 12.31 1.36
N ARG A 51 8.42 11.18 1.72
CA ARG A 51 8.47 10.75 3.15
C ARG A 51 9.76 10.00 3.47
N PHE A 52 10.03 8.92 2.79
CA PHE A 52 11.25 8.12 3.09
C PHE A 52 12.50 8.75 2.47
N GLY A 53 12.36 9.59 1.50
CA GLY A 53 13.57 10.20 0.87
C GLY A 53 14.21 9.19 -0.08
N ILE A 54 13.41 8.31 -0.64
CA ILE A 54 13.97 7.29 -1.56
C ILE A 54 13.62 7.68 -3.00
N ALA A 55 14.51 7.45 -3.93
CA ALA A 55 14.21 7.80 -5.35
C ALA A 55 13.01 6.99 -5.83
N ALA A 56 12.31 7.49 -6.80
CA ALA A 56 11.11 6.75 -7.30
C ALA A 56 11.50 5.32 -7.65
N ASP A 57 12.65 5.13 -8.22
CA ASP A 57 13.09 3.74 -8.57
C ASP A 57 11.99 3.07 -9.38
N ASP A 58 11.47 3.73 -10.37
CA ASP A 58 10.38 3.11 -11.18
C ASP A 58 10.88 1.82 -11.83
N VAL A 59 10.10 0.77 -11.74
CA VAL A 59 10.51 -0.53 -12.34
C VAL A 59 9.34 -1.09 -13.16
N GLU A 60 9.62 -1.99 -14.06
CA GLU A 60 8.52 -2.56 -14.88
C GLU A 60 7.96 -3.82 -14.21
N LEU A 61 6.69 -3.82 -13.88
CA LEU A 61 6.07 -5.00 -13.24
C LEU A 61 4.74 -5.31 -13.92
N SER A 62 3.94 -6.14 -13.32
CA SER A 62 2.62 -6.49 -13.94
C SER A 62 1.51 -6.34 -12.89
N PRO A 63 0.29 -6.23 -13.33
CA PRO A 63 -0.89 -6.09 -12.42
C PRO A 63 -1.03 -7.28 -11.48
N GLU A 64 -0.44 -8.39 -11.82
CA GLU A 64 -0.53 -9.60 -10.95
C GLU A 64 0.07 -9.29 -9.57
N HIS A 65 1.05 -8.45 -9.51
CA HIS A 65 1.69 -8.11 -8.21
C HIS A 65 0.76 -7.29 -7.32
N PHE A 66 -0.15 -6.56 -7.89
CA PHE A 66 -1.06 -5.71 -7.06
C PHE A 66 -2.37 -6.43 -6.76
N ARG A 67 -2.47 -7.68 -7.11
CA ARG A 67 -3.74 -8.44 -6.86
C ARG A 67 -4.05 -8.49 -5.36
N SER A 68 -3.05 -8.66 -4.53
CA SER A 68 -3.30 -8.72 -3.06
C SER A 68 -2.45 -7.70 -2.31
N ILE A 69 -2.95 -7.18 -1.23
CA ILE A 69 -2.18 -6.19 -0.43
C ILE A 69 -0.91 -6.84 0.12
N ARG A 70 -0.99 -8.09 0.49
CA ARG A 70 0.20 -8.78 1.07
C ARG A 70 1.34 -8.79 0.05
N SER A 71 1.04 -8.96 -1.21
CA SER A 71 2.12 -8.98 -2.22
C SER A 71 2.85 -7.64 -2.21
N ILE A 72 2.13 -6.57 -2.01
CA ILE A 72 2.77 -5.24 -1.99
C ILE A 72 3.70 -5.16 -0.78
N ASP A 73 3.30 -5.72 0.32
CA ASP A 73 4.15 -5.69 1.55
C ASP A 73 5.52 -6.29 1.24
N ALA A 74 5.56 -7.33 0.45
CA ALA A 74 6.88 -7.95 0.13
C ALA A 74 7.73 -6.94 -0.66
N PHE A 75 7.13 -6.25 -1.58
CA PHE A 75 7.91 -5.25 -2.38
C PHE A 75 8.41 -4.14 -1.45
N VAL A 76 7.56 -3.64 -0.60
CA VAL A 76 7.97 -2.54 0.32
C VAL A 76 9.04 -3.06 1.29
N VAL A 77 8.87 -4.24 1.81
CA VAL A 77 9.87 -4.78 2.76
C VAL A 77 11.22 -4.96 2.06
N GLY A 78 11.22 -5.45 0.85
CA GLY A 78 12.49 -5.65 0.11
C GLY A 78 13.21 -4.31 -0.08
N ALA A 79 12.47 -3.23 -0.17
CA ALA A 79 13.13 -1.91 -0.38
C ALA A 79 13.27 -1.16 0.94
N THR A 80 12.22 -1.08 1.71
CA THR A 80 12.29 -0.38 3.01
C THR A 80 11.51 -1.15 4.06
N THR A 81 11.84 -0.99 5.31
CA THR A 81 11.12 -1.72 6.39
C THR A 81 10.76 -0.75 7.51
N PRO A 82 9.61 -0.12 7.45
CA PRO A 82 9.15 0.87 8.47
C PRO A 82 8.58 0.17 9.71
N PRO A 83 8.48 0.90 10.80
CA PRO A 83 7.93 0.36 12.08
C PRO A 83 6.47 -0.09 11.93
N VAL A 84 6.06 -1.06 12.71
CA VAL A 84 4.65 -1.54 12.61
C VAL A 84 3.77 -0.74 13.56
N GLU A 85 2.65 -0.26 13.07
CA GLU A 85 1.73 0.53 13.93
C GLU A 85 0.32 -0.07 13.84
N ALA A 86 -0.41 -0.08 14.92
CA ALA A 86 -1.79 -0.64 14.88
C ALA A 86 -2.73 0.34 14.18
N LYS A 87 -3.68 -0.16 13.44
CA LYS A 87 -4.62 0.75 12.74
C LYS A 87 -5.32 1.65 13.75
N LEU A 88 -5.57 1.14 14.93
CA LEU A 88 -6.24 1.97 15.97
C LEU A 88 -5.19 2.72 16.80
N GLN A 89 -5.46 3.93 17.18
CA GLN A 89 -4.47 4.70 17.99
C GLN A 89 -4.88 4.67 19.45
N MET A 1 0.94 -6.57 9.07
CA MET A 1 2.33 -7.08 9.26
C MET A 1 3.18 -6.01 9.92
N GLN A 2 4.39 -5.82 9.45
CA GLN A 2 5.27 -4.79 10.04
C GLN A 2 4.60 -3.41 9.95
N HIS A 3 3.88 -3.18 8.88
CA HIS A 3 3.19 -1.86 8.73
C HIS A 3 2.11 -1.97 7.65
N ALA A 4 1.62 -3.16 7.42
CA ALA A 4 0.56 -3.33 6.38
C ALA A 4 -0.67 -2.50 6.75
N SER A 5 -0.96 -2.41 8.02
CA SER A 5 -2.16 -1.63 8.44
C SER A 5 -2.03 -0.19 7.96
N VAL A 6 -0.85 0.36 8.02
CA VAL A 6 -0.65 1.77 7.56
C VAL A 6 -0.90 1.83 6.06
N ILE A 7 -0.46 0.85 5.34
CA ILE A 7 -0.66 0.85 3.86
C ILE A 7 -2.16 0.89 3.55
N ALA A 8 -2.93 0.05 4.19
CA ALA A 8 -4.40 0.04 3.93
C ALA A 8 -5.00 1.38 4.34
N GLN A 9 -4.66 1.87 5.50
CA GLN A 9 -5.21 3.16 5.95
C GLN A 9 -4.63 4.29 5.11
N PHE A 10 -3.39 4.19 4.73
CA PHE A 10 -2.76 5.26 3.90
C PHE A 10 -3.39 5.25 2.51
N VAL A 11 -3.50 4.10 1.92
CA VAL A 11 -4.10 4.01 0.55
C VAL A 11 -5.59 4.30 0.61
N VAL A 12 -6.28 3.71 1.56
CA VAL A 12 -7.76 3.94 1.68
C VAL A 12 -8.05 5.40 1.99
N GLU A 13 -7.21 6.04 2.76
CA GLU A 13 -7.47 7.47 3.11
C GLU A 13 -7.69 8.29 1.84
N GLU A 14 -6.98 7.98 0.80
CA GLU A 14 -7.14 8.76 -0.46
C GLU A 14 -8.52 8.51 -1.08
N PHE A 15 -9.04 7.32 -0.97
CA PHE A 15 -10.37 7.04 -1.58
C PHE A 15 -11.50 7.28 -0.57
N LEU A 16 -11.53 6.53 0.50
CA LEU A 16 -12.62 6.71 1.51
C LEU A 16 -12.01 6.94 2.90
N PRO A 17 -11.65 8.16 3.19
CA PRO A 17 -11.06 8.54 4.50
C PRO A 17 -12.13 8.79 5.57
N ASP A 18 -13.35 9.05 5.15
CA ASP A 18 -14.43 9.30 6.14
C ASP A 18 -14.89 7.96 6.73
N VAL A 19 -14.35 6.88 6.25
CA VAL A 19 -14.74 5.54 6.77
C VAL A 19 -13.53 4.93 7.47
N ALA A 20 -13.72 4.28 8.58
CA ALA A 20 -12.55 3.68 9.28
C ALA A 20 -11.90 2.64 8.35
N PRO A 21 -10.66 2.83 7.96
CA PRO A 21 -9.97 1.87 7.05
C PRO A 21 -9.79 0.51 7.70
N ALA A 22 -9.67 0.47 9.00
CA ALA A 22 -9.49 -0.83 9.70
C ALA A 22 -10.81 -1.60 9.66
N ASP A 23 -11.89 -0.94 9.33
CA ASP A 23 -13.21 -1.63 9.27
C ASP A 23 -13.33 -2.33 7.92
N VAL A 24 -12.33 -2.23 7.09
CA VAL A 24 -12.37 -2.89 5.77
C VAL A 24 -11.59 -4.19 5.85
N ASP A 25 -12.09 -5.24 5.28
CA ASP A 25 -11.37 -6.55 5.35
C ASP A 25 -10.07 -6.44 4.56
N VAL A 26 -9.00 -6.09 5.20
CA VAL A 26 -7.70 -5.98 4.48
C VAL A 26 -7.35 -7.34 3.87
N ASP A 27 -8.18 -8.31 4.06
CA ASP A 27 -7.92 -9.66 3.48
C ASP A 27 -8.51 -9.72 2.08
N LEU A 28 -9.03 -8.62 1.61
CA LEU A 28 -9.64 -8.59 0.25
C LEU A 28 -8.58 -8.16 -0.77
N ASP A 29 -8.53 -8.82 -1.89
CA ASP A 29 -7.53 -8.42 -2.92
C ASP A 29 -7.82 -6.97 -3.32
N LEU A 30 -6.88 -6.10 -3.16
CA LEU A 30 -7.13 -4.67 -3.51
C LEU A 30 -7.30 -4.54 -5.03
N VAL A 31 -7.35 -5.65 -5.73
CA VAL A 31 -7.53 -5.57 -7.21
C VAL A 31 -8.78 -4.75 -7.51
N ASP A 32 -9.81 -4.90 -6.72
CA ASP A 32 -11.04 -4.11 -6.96
C ASP A 32 -10.66 -2.63 -6.94
N ASN A 33 -9.74 -2.28 -6.08
CA ASN A 33 -9.28 -0.87 -6.00
C ASN A 33 -8.20 -0.65 -7.05
N GLY A 34 -8.13 -1.52 -8.02
CA GLY A 34 -7.10 -1.39 -9.08
C GLY A 34 -7.01 0.07 -9.53
N VAL A 35 -7.97 0.87 -9.16
CA VAL A 35 -7.92 2.31 -9.55
C VAL A 35 -6.56 2.89 -9.17
N ILE A 36 -6.04 2.48 -8.05
CA ILE A 36 -4.71 3.00 -7.60
C ILE A 36 -3.61 2.42 -8.50
N ASP A 37 -3.93 1.45 -9.29
CA ASP A 37 -2.91 0.80 -10.15
C ASP A 37 -2.13 1.84 -10.97
N SER A 38 -2.78 2.83 -11.51
CA SER A 38 -2.05 3.84 -12.34
C SER A 38 -2.22 5.26 -11.79
N LEU A 39 -3.42 5.74 -11.67
CA LEU A 39 -3.62 7.13 -11.18
C LEU A 39 -3.07 7.27 -9.76
N GLY A 40 -3.48 6.40 -8.88
CA GLY A 40 -2.98 6.47 -7.48
C GLY A 40 -1.51 6.06 -7.44
N LEU A 41 -1.13 5.11 -8.26
CA LEU A 41 0.28 4.65 -8.26
C LEU A 41 1.21 5.83 -8.56
N LEU A 42 0.86 6.65 -9.51
CA LEU A 42 1.72 7.81 -9.82
C LEU A 42 1.78 8.75 -8.62
N LYS A 43 0.65 8.99 -8.00
CA LYS A 43 0.64 9.88 -6.82
C LYS A 43 1.42 9.23 -5.68
N VAL A 44 1.31 7.94 -5.54
CA VAL A 44 2.04 7.23 -4.45
C VAL A 44 3.55 7.32 -4.68
N ILE A 45 3.98 7.20 -5.91
CA ILE A 45 5.44 7.27 -6.20
C ILE A 45 6.01 8.61 -5.71
N ALA A 46 5.39 9.70 -6.06
CA ALA A 46 5.91 11.02 -5.62
C ALA A 46 5.90 11.10 -4.09
N TRP A 47 4.91 10.53 -3.47
CA TRP A 47 4.84 10.58 -1.97
C TRP A 47 5.84 9.58 -1.37
N LEU A 48 5.91 8.40 -1.93
CA LEU A 48 6.82 7.37 -1.38
C LEU A 48 8.27 7.85 -1.43
N GLU A 49 8.69 8.46 -2.50
CA GLU A 49 10.10 8.93 -2.58
C GLU A 49 10.31 10.04 -1.54
N ASP A 50 9.34 10.90 -1.38
CA ASP A 50 9.48 12.01 -0.41
C ASP A 50 9.50 11.49 1.03
N ARG A 51 8.57 10.65 1.37
CA ARG A 51 8.51 10.12 2.76
C ARG A 51 9.78 9.32 3.09
N PHE A 52 10.26 8.53 2.18
CA PHE A 52 11.48 7.72 2.47
C PHE A 52 12.72 8.36 1.82
N GLY A 53 12.52 9.35 0.99
CA GLY A 53 13.70 10.00 0.35
C GLY A 53 14.37 9.00 -0.61
N ILE A 54 13.59 8.18 -1.26
CA ILE A 54 14.17 7.18 -2.19
C ILE A 54 13.93 7.61 -3.65
N ALA A 55 14.87 7.35 -4.51
CA ALA A 55 14.69 7.72 -5.94
C ALA A 55 13.51 6.96 -6.53
N ALA A 56 12.86 7.51 -7.52
CA ALA A 56 11.68 6.81 -8.11
C ALA A 56 12.10 5.43 -8.63
N ASP A 57 13.26 5.32 -9.21
CA ASP A 57 13.69 4.00 -9.75
C ASP A 57 12.59 3.46 -10.66
N ASP A 58 12.12 4.28 -11.57
CA ASP A 58 11.04 3.85 -12.49
C ASP A 58 11.26 2.40 -12.93
N VAL A 59 10.42 1.51 -12.47
CA VAL A 59 10.54 0.08 -12.85
C VAL A 59 9.17 -0.45 -13.27
N GLU A 60 9.11 -1.53 -14.00
CA GLU A 60 7.79 -2.07 -14.42
C GLU A 60 7.34 -3.17 -13.45
N LEU A 61 6.25 -2.96 -12.77
CA LEU A 61 5.75 -4.00 -11.82
C LEU A 61 4.48 -4.64 -12.40
N SER A 62 4.32 -5.92 -12.24
CA SER A 62 3.10 -6.59 -12.78
C SER A 62 1.94 -6.37 -11.80
N PRO A 63 0.73 -6.33 -12.30
CA PRO A 63 -0.49 -6.12 -11.46
C PRO A 63 -0.67 -7.26 -10.44
N GLU A 64 -0.20 -8.43 -10.76
CA GLU A 64 -0.35 -9.58 -9.82
C GLU A 64 0.36 -9.27 -8.51
N HIS A 65 1.38 -8.46 -8.54
CA HIS A 65 2.11 -8.14 -7.28
C HIS A 65 1.22 -7.32 -6.35
N PHE A 66 0.29 -6.59 -6.88
CA PHE A 66 -0.59 -5.76 -6.02
C PHE A 66 -1.94 -6.46 -5.83
N ARG A 67 -2.05 -7.68 -6.28
CA ARG A 67 -3.34 -8.42 -6.12
C ARG A 67 -3.75 -8.42 -4.64
N SER A 68 -2.80 -8.59 -3.75
CA SER A 68 -3.14 -8.60 -2.30
C SER A 68 -2.24 -7.61 -1.55
N ILE A 69 -2.74 -7.02 -0.49
CA ILE A 69 -1.92 -6.05 0.27
C ILE A 69 -0.67 -6.74 0.83
N ARG A 70 -0.78 -7.97 1.22
CA ARG A 70 0.39 -8.69 1.78
C ARG A 70 1.51 -8.76 0.74
N SER A 71 1.18 -8.98 -0.49
CA SER A 71 2.24 -9.07 -1.54
C SER A 71 3.04 -7.77 -1.56
N ILE A 72 2.39 -6.66 -1.44
CA ILE A 72 3.10 -5.35 -1.45
C ILE A 72 4.00 -5.27 -0.21
N ASP A 73 3.54 -5.76 0.91
CA ASP A 73 4.35 -5.71 2.14
C ASP A 73 5.69 -6.40 1.90
N ALA A 74 5.70 -7.46 1.16
CA ALA A 74 6.98 -8.17 0.89
C ALA A 74 7.92 -7.26 0.10
N PHE A 75 7.41 -6.63 -0.92
CA PHE A 75 8.28 -5.71 -1.72
C PHE A 75 8.70 -4.52 -0.85
N VAL A 76 7.77 -3.93 -0.14
CA VAL A 76 8.11 -2.79 0.73
C VAL A 76 9.05 -3.24 1.84
N VAL A 77 8.81 -4.40 2.40
CA VAL A 77 9.69 -4.89 3.49
C VAL A 77 11.12 -5.04 2.99
N GLY A 78 11.30 -5.57 1.82
CA GLY A 78 12.66 -5.75 1.26
C GLY A 78 13.34 -4.38 1.06
N ALA A 79 12.60 -3.40 0.64
CA ALA A 79 13.22 -2.06 0.41
C ALA A 79 13.22 -1.24 1.70
N THR A 80 12.09 -1.15 2.35
CA THR A 80 12.01 -0.37 3.62
C THR A 80 11.33 -1.22 4.69
N THR A 81 11.57 -0.94 5.93
CA THR A 81 10.93 -1.72 7.02
C THR A 81 10.52 -0.79 8.16
N PRO A 82 9.33 -0.24 8.09
CA PRO A 82 8.82 0.68 9.15
C PRO A 82 8.66 -0.02 10.50
N PRO A 83 8.17 0.68 11.48
CA PRO A 83 7.96 0.10 12.84
C PRO A 83 6.97 -1.07 12.82
N VAL A 84 7.13 -2.01 13.73
CA VAL A 84 6.20 -3.17 13.74
C VAL A 84 5.23 -3.04 14.91
N GLU A 85 3.96 -3.18 14.64
CA GLU A 85 2.94 -3.06 15.73
C GLU A 85 1.87 -4.13 15.53
N ALA A 86 1.19 -4.52 16.58
CA ALA A 86 0.13 -5.56 16.44
C ALA A 86 -0.96 -5.04 15.52
N LYS A 87 -1.49 -5.89 14.68
CA LYS A 87 -2.57 -5.43 13.75
C LYS A 87 -3.93 -5.60 14.43
N LEU A 88 -4.83 -4.69 14.20
CA LEU A 88 -6.18 -4.80 14.83
C LEU A 88 -6.83 -6.13 14.47
N GLN A 89 -6.55 -6.64 13.30
CA GLN A 89 -7.16 -7.93 12.89
C GLN A 89 -8.69 -7.85 13.01
N MET A 1 5.32 -11.54 7.14
CA MET A 1 4.13 -10.90 7.73
C MET A 1 4.51 -10.28 9.08
N GLN A 2 5.55 -9.50 9.11
CA GLN A 2 5.98 -8.87 10.39
C GLN A 2 4.84 -7.99 10.92
N HIS A 3 4.11 -7.35 10.05
CA HIS A 3 2.99 -6.49 10.49
C HIS A 3 1.93 -6.43 9.39
N ALA A 4 1.42 -7.57 9.00
CA ALA A 4 0.38 -7.59 7.93
C ALA A 4 -0.83 -6.78 8.37
N SER A 5 -1.17 -6.82 9.62
CA SER A 5 -2.36 -6.05 10.09
C SER A 5 -2.16 -4.56 9.79
N VAL A 6 -0.97 -4.06 10.00
CA VAL A 6 -0.71 -2.62 9.70
C VAL A 6 -0.82 -2.38 8.20
N ILE A 7 -0.36 -3.31 7.42
CA ILE A 7 -0.41 -3.15 5.95
C ILE A 7 -1.87 -2.99 5.49
N ALA A 8 -2.77 -3.73 6.06
CA ALA A 8 -4.20 -3.61 5.64
C ALA A 8 -4.69 -2.20 5.96
N GLN A 9 -4.47 -1.74 7.15
CA GLN A 9 -4.92 -0.37 7.51
C GLN A 9 -4.06 0.66 6.78
N PHE A 10 -2.81 0.36 6.57
CA PHE A 10 -1.92 1.32 5.86
C PHE A 10 -2.38 1.47 4.40
N VAL A 11 -2.53 0.38 3.71
CA VAL A 11 -2.97 0.47 2.29
C VAL A 11 -4.42 0.91 2.21
N VAL A 12 -5.25 0.44 3.10
CA VAL A 12 -6.70 0.81 3.06
C VAL A 12 -6.86 2.31 3.34
N GLU A 13 -6.15 2.85 4.29
CA GLU A 13 -6.28 4.30 4.59
C GLU A 13 -6.05 5.12 3.32
N GLU A 14 -5.28 4.61 2.41
CA GLU A 14 -5.03 5.36 1.15
C GLU A 14 -6.34 5.49 0.37
N PHE A 15 -7.25 4.56 0.54
CA PHE A 15 -8.55 4.64 -0.18
C PHE A 15 -9.66 3.98 0.65
N LEU A 16 -9.67 4.21 1.94
CA LEU A 16 -10.73 3.59 2.78
C LEU A 16 -12.03 4.40 2.69
N PRO A 17 -13.14 3.75 2.46
CA PRO A 17 -14.46 4.44 2.37
C PRO A 17 -14.96 4.81 3.76
N ASP A 18 -16.25 4.90 3.96
CA ASP A 18 -16.78 5.25 5.31
C ASP A 18 -16.73 4.01 6.21
N VAL A 19 -15.97 3.02 5.84
CA VAL A 19 -15.88 1.78 6.67
C VAL A 19 -14.47 1.65 7.25
N ALA A 20 -14.36 1.29 8.50
CA ALA A 20 -13.02 1.15 9.12
C ALA A 20 -12.27 -0.03 8.48
N PRO A 21 -10.98 0.08 8.27
CA PRO A 21 -10.18 -1.03 7.66
C PRO A 21 -10.43 -2.37 8.36
N ALA A 22 -10.69 -2.33 9.64
CA ALA A 22 -10.95 -3.59 10.38
C ALA A 22 -12.23 -4.24 9.87
N ASP A 23 -13.12 -3.46 9.32
CA ASP A 23 -14.39 -4.02 8.80
C ASP A 23 -14.29 -4.23 7.29
N VAL A 24 -13.11 -4.05 6.74
CA VAL A 24 -12.94 -4.24 5.28
C VAL A 24 -12.23 -5.57 5.04
N ASP A 25 -12.69 -6.34 4.10
CA ASP A 25 -12.05 -7.66 3.83
C ASP A 25 -10.69 -7.42 3.15
N VAL A 26 -9.67 -7.20 3.92
CA VAL A 26 -8.32 -6.96 3.31
C VAL A 26 -7.88 -8.21 2.54
N ASP A 27 -8.69 -9.23 2.53
CA ASP A 27 -8.31 -10.46 1.79
C ASP A 27 -8.86 -10.36 0.36
N LEU A 28 -9.36 -9.21 0.00
CA LEU A 28 -9.91 -9.02 -1.36
C LEU A 28 -8.83 -8.43 -2.27
N ASP A 29 -8.72 -8.95 -3.46
CA ASP A 29 -7.69 -8.41 -4.39
C ASP A 29 -7.98 -6.93 -4.64
N LEU A 30 -7.04 -6.08 -4.35
CA LEU A 30 -7.28 -4.63 -4.56
C LEU A 30 -7.41 -4.33 -6.06
N VAL A 31 -7.29 -5.32 -6.89
CA VAL A 31 -7.40 -5.07 -8.36
C VAL A 31 -8.71 -4.33 -8.62
N ASP A 32 -9.76 -4.73 -7.98
CA ASP A 32 -11.06 -4.02 -8.18
C ASP A 32 -10.84 -2.55 -7.88
N ASN A 33 -10.01 -2.27 -6.91
CA ASN A 33 -9.71 -0.86 -6.57
C ASN A 33 -8.56 -0.38 -7.44
N GLY A 34 -8.34 -1.04 -8.55
CA GLY A 34 -7.23 -0.65 -9.46
C GLY A 34 -7.19 0.87 -9.60
N VAL A 35 -8.23 1.54 -9.22
CA VAL A 35 -8.22 3.02 -9.32
C VAL A 35 -6.96 3.54 -8.60
N ILE A 36 -6.62 2.94 -7.50
CA ILE A 36 -5.43 3.37 -6.73
C ILE A 36 -4.15 2.99 -7.50
N ASP A 37 -4.23 2.00 -8.35
CA ASP A 37 -3.03 1.55 -9.10
C ASP A 37 -2.51 2.67 -10.00
N SER A 38 -3.34 3.62 -10.37
CA SER A 38 -2.88 4.72 -11.27
C SER A 38 -2.97 6.08 -10.57
N LEU A 39 -4.15 6.52 -10.24
CA LEU A 39 -4.28 7.85 -9.57
C LEU A 39 -3.66 7.81 -8.17
N GLY A 40 -4.04 6.83 -7.39
CA GLY A 40 -3.48 6.74 -6.03
C GLY A 40 -2.01 6.33 -6.10
N LEU A 41 -1.69 5.42 -6.97
CA LEU A 41 -0.29 4.96 -7.10
C LEU A 41 0.60 6.13 -7.50
N LEU A 42 0.13 6.97 -8.38
CA LEU A 42 0.97 8.12 -8.80
C LEU A 42 1.31 8.96 -7.57
N LYS A 43 0.35 9.20 -6.72
CA LYS A 43 0.63 9.97 -5.48
C LYS A 43 1.58 9.16 -4.60
N VAL A 44 1.46 7.85 -4.63
CA VAL A 44 2.35 6.99 -3.81
C VAL A 44 3.80 7.13 -4.26
N ILE A 45 4.04 7.20 -5.54
CA ILE A 45 5.46 7.32 -6.01
C ILE A 45 6.08 8.58 -5.42
N ALA A 46 5.43 9.70 -5.55
CA ALA A 46 6.00 10.96 -4.98
C ALA A 46 6.01 10.89 -3.46
N TRP A 47 4.95 10.38 -2.89
CA TRP A 47 4.87 10.29 -1.39
C TRP A 47 5.87 9.25 -0.88
N LEU A 48 5.95 8.13 -1.54
CA LEU A 48 6.88 7.06 -1.08
C LEU A 48 8.31 7.59 -1.07
N GLU A 49 8.68 8.33 -2.08
CA GLU A 49 10.07 8.88 -2.12
C GLU A 49 10.27 9.85 -0.96
N ASP A 50 9.28 10.63 -0.63
CA ASP A 50 9.44 11.58 0.50
C ASP A 50 9.77 10.82 1.79
N ARG A 51 9.19 9.68 1.99
CA ARG A 51 9.44 8.91 3.24
C ARG A 51 10.81 8.23 3.22
N PHE A 52 11.17 7.54 2.17
CA PHE A 52 12.49 6.84 2.16
C PHE A 52 13.44 7.42 1.09
N GLY A 53 12.98 8.37 0.32
CA GLY A 53 13.89 8.97 -0.71
C GLY A 53 14.08 7.98 -1.87
N ILE A 54 13.09 7.18 -2.14
CA ILE A 54 13.21 6.19 -3.26
C ILE A 54 13.00 6.93 -4.59
N ALA A 55 13.77 6.62 -5.59
CA ALA A 55 13.61 7.33 -6.89
C ALA A 55 12.20 7.05 -7.45
N ALA A 56 11.52 8.08 -7.86
CA ALA A 56 10.15 7.89 -8.42
C ALA A 56 10.25 7.12 -9.75
N ASP A 57 11.36 7.27 -10.43
CA ASP A 57 11.53 6.57 -11.74
C ASP A 57 11.34 5.07 -11.57
N ASP A 58 11.68 4.53 -10.42
CA ASP A 58 11.53 3.07 -10.22
C ASP A 58 10.12 2.63 -10.63
N VAL A 59 10.00 1.52 -11.28
CA VAL A 59 8.66 1.03 -11.73
C VAL A 59 8.72 -0.49 -11.94
N GLU A 60 9.58 -1.16 -11.22
CA GLU A 60 9.69 -2.65 -11.38
C GLU A 60 8.36 -3.30 -11.02
N LEU A 61 7.58 -2.68 -10.17
CA LEU A 61 6.28 -3.29 -9.77
C LEU A 61 5.26 -3.11 -10.90
N SER A 62 4.39 -4.06 -11.06
CA SER A 62 3.37 -3.97 -12.14
C SER A 62 1.99 -4.27 -11.55
N PRO A 63 0.95 -4.09 -12.33
CA PRO A 63 -0.44 -4.35 -11.87
C PRO A 63 -0.58 -5.73 -11.22
N GLU A 64 0.19 -6.68 -11.67
CA GLU A 64 0.12 -8.04 -11.06
C GLU A 64 0.60 -7.97 -9.61
N HIS A 65 1.51 -7.07 -9.33
CA HIS A 65 2.04 -6.95 -7.95
C HIS A 65 0.94 -6.44 -7.01
N PHE A 66 -0.01 -5.72 -7.55
CA PHE A 66 -1.11 -5.20 -6.69
C PHE A 66 -2.27 -6.20 -6.68
N ARG A 67 -2.05 -7.37 -7.20
CA ARG A 67 -3.14 -8.39 -7.24
C ARG A 67 -3.70 -8.58 -5.81
N SER A 68 -2.85 -8.53 -4.82
CA SER A 68 -3.32 -8.72 -3.42
C SER A 68 -2.43 -7.93 -2.47
N ILE A 69 -2.96 -7.53 -1.34
CA ILE A 69 -2.16 -6.76 -0.35
C ILE A 69 -1.01 -7.63 0.18
N ARG A 70 -1.25 -8.90 0.35
CA ARG A 70 -0.18 -9.79 0.89
C ARG A 70 1.02 -9.79 -0.06
N SER A 71 0.78 -9.77 -1.34
CA SER A 71 1.93 -9.77 -2.30
C SER A 71 2.75 -8.50 -2.09
N ILE A 72 2.10 -7.40 -1.82
CA ILE A 72 2.84 -6.13 -1.60
C ILE A 72 3.69 -6.25 -0.33
N ASP A 73 3.17 -6.89 0.67
CA ASP A 73 3.93 -7.05 1.94
C ASP A 73 5.27 -7.71 1.66
N ALA A 74 5.30 -8.71 0.82
CA ALA A 74 6.58 -9.39 0.52
C ALA A 74 7.53 -8.44 -0.20
N PHE A 75 7.06 -7.73 -1.19
CA PHE A 75 7.94 -6.80 -1.93
C PHE A 75 8.46 -5.71 -0.98
N VAL A 76 7.58 -5.10 -0.23
CA VAL A 76 8.01 -4.04 0.71
C VAL A 76 8.89 -4.65 1.81
N VAL A 77 8.52 -5.78 2.34
CA VAL A 77 9.33 -6.41 3.41
C VAL A 77 10.72 -6.74 2.87
N GLY A 78 10.79 -7.22 1.66
CA GLY A 78 12.11 -7.58 1.07
C GLY A 78 13.03 -6.36 1.06
N ALA A 79 12.49 -5.18 0.86
CA ALA A 79 13.36 -3.97 0.82
C ALA A 79 13.24 -3.18 2.13
N THR A 80 12.05 -2.89 2.58
CA THR A 80 11.89 -2.11 3.84
C THR A 80 10.54 -2.43 4.50
N THR A 81 10.52 -2.54 5.79
CA THR A 81 9.23 -2.83 6.49
C THR A 81 8.97 -1.73 7.52
N PRO A 82 8.31 -0.67 7.11
CA PRO A 82 7.97 0.48 7.99
C PRO A 82 6.55 0.40 8.56
N PRO A 83 6.41 0.07 9.83
CA PRO A 83 5.07 -0.02 10.47
C PRO A 83 4.53 1.35 10.87
N VAL A 84 3.32 1.67 10.48
CA VAL A 84 2.74 3.00 10.83
C VAL A 84 1.30 2.81 11.33
N GLU A 85 0.97 3.41 12.44
CA GLU A 85 -0.41 3.27 12.97
C GLU A 85 -1.41 3.87 11.97
N ALA A 86 -1.05 4.96 11.35
CA ALA A 86 -1.96 5.59 10.36
C ALA A 86 -1.18 6.57 9.49
N LYS A 87 -1.59 6.77 8.26
CA LYS A 87 -0.86 7.71 7.38
C LYS A 87 -0.86 9.11 8.01
N LEU A 88 -1.91 9.46 8.70
CA LEU A 88 -1.96 10.81 9.33
C LEU A 88 -1.51 10.71 10.78
N GLN A 89 -0.59 11.56 11.19
CA GLN A 89 -0.12 11.50 12.60
C GLN A 89 -1.24 11.94 13.54
N MET A 1 0.48 -7.23 9.35
CA MET A 1 1.82 -7.87 9.39
C MET A 1 2.86 -6.82 9.81
N GLN A 2 4.09 -6.98 9.37
CA GLN A 2 5.14 -5.99 9.74
C GLN A 2 4.72 -4.61 9.23
N HIS A 3 4.13 -4.55 8.07
CA HIS A 3 3.71 -3.23 7.52
C HIS A 3 2.43 -3.41 6.68
N ALA A 4 1.85 -4.57 6.71
CA ALA A 4 0.60 -4.80 5.90
C ALA A 4 -0.50 -3.87 6.39
N SER A 5 -0.61 -3.68 7.68
CA SER A 5 -1.68 -2.79 8.20
C SER A 5 -1.48 -1.37 7.68
N VAL A 6 -0.27 -0.91 7.61
CA VAL A 6 -0.02 0.46 7.10
C VAL A 6 -0.46 0.55 5.64
N ILE A 7 -0.21 -0.48 4.88
CA ILE A 7 -0.61 -0.46 3.45
C ILE A 7 -2.14 -0.35 3.34
N ALA A 8 -2.86 -1.14 4.10
CA ALA A 8 -4.34 -1.09 4.02
C ALA A 8 -4.86 0.28 4.46
N GLN A 9 -4.41 0.76 5.59
CA GLN A 9 -4.89 2.09 6.07
C GLN A 9 -4.32 3.19 5.18
N PHE A 10 -3.07 3.09 4.82
CA PHE A 10 -2.48 4.15 3.95
C PHE A 10 -3.23 4.20 2.62
N VAL A 11 -3.47 3.07 2.03
CA VAL A 11 -4.21 3.05 0.74
C VAL A 11 -5.66 3.45 0.95
N VAL A 12 -6.31 2.89 1.94
CA VAL A 12 -7.74 3.23 2.21
C VAL A 12 -7.86 4.69 2.64
N GLU A 13 -6.91 5.19 3.36
CA GLU A 13 -6.99 6.61 3.82
C GLU A 13 -7.24 7.54 2.64
N GLU A 14 -6.65 7.24 1.52
CA GLU A 14 -6.83 8.11 0.32
C GLU A 14 -8.28 8.04 -0.19
N PHE A 15 -8.90 6.89 -0.12
CA PHE A 15 -10.29 6.78 -0.62
C PHE A 15 -11.30 7.05 0.49
N LEU A 16 -11.33 6.24 1.51
CA LEU A 16 -12.30 6.45 2.62
C LEU A 16 -11.57 6.52 3.96
N PRO A 17 -11.05 7.67 4.29
CA PRO A 17 -10.34 7.89 5.57
C PRO A 17 -11.29 8.14 6.74
N ASP A 18 -12.51 8.50 6.47
CA ASP A 18 -13.48 8.75 7.55
C ASP A 18 -14.03 7.41 8.05
N VAL A 19 -13.60 6.34 7.44
CA VAL A 19 -14.07 4.98 7.87
C VAL A 19 -12.89 4.23 8.45
N ALA A 20 -13.10 3.46 9.49
CA ALA A 20 -11.96 2.71 10.08
C ALA A 20 -11.40 1.75 9.02
N PRO A 21 -10.15 1.91 8.61
CA PRO A 21 -9.55 1.03 7.57
C PRO A 21 -9.43 -0.41 8.06
N ALA A 22 -9.35 -0.60 9.35
CA ALA A 22 -9.24 -1.98 9.91
C ALA A 22 -10.58 -2.70 9.73
N ASP A 23 -11.62 -1.97 9.43
CA ASP A 23 -12.95 -2.60 9.24
C ASP A 23 -13.05 -3.14 7.81
N VAL A 24 -11.99 -3.02 7.06
CA VAL A 24 -12.00 -3.52 5.66
C VAL A 24 -11.23 -4.84 5.61
N ASP A 25 -11.74 -5.81 4.91
CA ASP A 25 -11.04 -7.12 4.83
C ASP A 25 -9.71 -6.94 4.09
N VAL A 26 -8.66 -6.62 4.80
CA VAL A 26 -7.34 -6.43 4.13
C VAL A 26 -6.92 -7.75 3.48
N ASP A 27 -7.71 -8.77 3.60
CA ASP A 27 -7.36 -10.07 2.98
C ASP A 27 -8.01 -10.15 1.59
N LEU A 28 -8.60 -9.08 1.15
CA LEU A 28 -9.26 -9.08 -0.19
C LEU A 28 -8.29 -8.53 -1.23
N ASP A 29 -8.24 -9.13 -2.39
CA ASP A 29 -7.33 -8.61 -3.43
C ASP A 29 -7.77 -7.18 -3.78
N LEU A 30 -6.90 -6.23 -3.63
CA LEU A 30 -7.29 -4.82 -3.93
C LEU A 30 -7.52 -4.66 -5.44
N VAL A 31 -7.42 -5.72 -6.19
CA VAL A 31 -7.65 -5.59 -7.67
C VAL A 31 -8.98 -4.88 -7.88
N ASP A 32 -9.96 -5.20 -7.08
CA ASP A 32 -11.27 -4.51 -7.22
C ASP A 32 -11.01 -3.01 -7.08
N ASN A 33 -10.10 -2.66 -6.22
CA ASN A 33 -9.76 -1.23 -6.02
C ASN A 33 -8.69 -0.83 -7.04
N GLY A 34 -8.60 -1.55 -8.12
CA GLY A 34 -7.59 -1.23 -9.16
C GLY A 34 -7.55 0.28 -9.39
N VAL A 35 -8.53 0.99 -8.90
CA VAL A 35 -8.54 2.47 -9.08
C VAL A 35 -7.18 3.02 -8.63
N ILE A 36 -6.61 2.43 -7.62
CA ILE A 36 -5.29 2.91 -7.10
C ILE A 36 -4.20 2.57 -8.11
N ASP A 37 -4.46 1.63 -8.99
CA ASP A 37 -3.41 1.23 -9.99
C ASP A 37 -2.92 2.44 -10.79
N SER A 38 -3.77 3.40 -11.05
CA SER A 38 -3.33 4.57 -11.86
C SER A 38 -3.40 5.87 -11.05
N LEU A 39 -4.58 6.27 -10.65
CA LEU A 39 -4.68 7.54 -9.88
C LEU A 39 -3.93 7.44 -8.56
N GLY A 40 -4.20 6.41 -7.81
CA GLY A 40 -3.49 6.25 -6.51
C GLY A 40 -2.03 5.87 -6.76
N LEU A 41 -1.79 5.05 -7.75
CA LEU A 41 -0.40 4.63 -8.04
C LEU A 41 0.45 5.86 -8.34
N LEU A 42 -0.06 6.78 -9.11
CA LEU A 42 0.73 8.00 -9.43
C LEU A 42 1.07 8.73 -8.12
N LYS A 43 0.10 8.86 -7.24
CA LYS A 43 0.36 9.55 -5.96
C LYS A 43 1.29 8.70 -5.08
N VAL A 44 1.07 7.40 -5.07
CA VAL A 44 1.92 6.51 -4.23
C VAL A 44 3.37 6.52 -4.73
N ILE A 45 3.56 6.40 -6.01
CA ILE A 45 4.94 6.39 -6.56
C ILE A 45 5.65 7.69 -6.18
N ALA A 46 5.03 8.81 -6.41
CA ALA A 46 5.68 10.11 -6.07
C ALA A 46 5.82 10.21 -4.54
N TRP A 47 4.89 9.64 -3.82
CA TRP A 47 4.98 9.71 -2.33
C TRP A 47 6.06 8.77 -1.82
N LEU A 48 6.11 7.56 -2.31
CA LEU A 48 7.13 6.61 -1.82
C LEU A 48 8.53 7.17 -2.03
N GLU A 49 8.80 7.74 -3.18
CA GLU A 49 10.14 8.30 -3.43
C GLU A 49 10.30 9.58 -2.59
N ASP A 50 9.25 10.34 -2.45
CA ASP A 50 9.33 11.59 -1.66
C ASP A 50 9.63 11.29 -0.18
N ARG A 51 9.00 10.27 0.36
CA ARG A 51 9.23 9.94 1.79
C ARG A 51 10.49 9.08 1.96
N PHE A 52 10.60 8.00 1.23
CA PHE A 52 11.79 7.12 1.38
C PHE A 52 13.00 7.70 0.63
N GLY A 53 12.77 8.50 -0.37
CA GLY A 53 13.92 9.07 -1.12
C GLY A 53 14.50 8.00 -2.05
N ILE A 54 13.67 7.11 -2.54
CA ILE A 54 14.16 6.04 -3.44
C ILE A 54 13.66 6.29 -4.86
N ALA A 55 14.53 6.17 -5.83
CA ALA A 55 14.10 6.40 -7.25
C ALA A 55 13.04 5.37 -7.62
N ALA A 56 12.07 5.76 -8.40
CA ALA A 56 11.00 4.79 -8.80
C ALA A 56 11.63 3.67 -9.63
N ASP A 57 12.67 3.96 -10.38
CA ASP A 57 13.32 2.91 -11.21
C ASP A 57 13.75 1.74 -10.32
N ASP A 58 14.18 2.03 -9.12
CA ASP A 58 14.64 0.94 -8.21
C ASP A 58 13.53 -0.11 -8.07
N VAL A 59 12.29 0.30 -8.13
CA VAL A 59 11.18 -0.69 -7.99
C VAL A 59 10.66 -1.06 -9.38
N GLU A 60 10.40 -2.33 -9.59
CA GLU A 60 9.89 -2.77 -10.92
C GLU A 60 8.40 -2.46 -11.04
N LEU A 61 7.95 -2.06 -12.20
CA LEU A 61 6.52 -1.73 -12.36
C LEU A 61 5.76 -2.96 -12.91
N SER A 62 4.60 -3.23 -12.39
CA SER A 62 3.83 -4.41 -12.88
C SER A 62 2.52 -4.54 -12.10
N PRO A 63 1.46 -4.98 -12.73
CA PRO A 63 0.13 -5.15 -12.07
C PRO A 63 0.18 -6.19 -10.94
N GLU A 64 1.08 -7.14 -11.03
CA GLU A 64 1.17 -8.18 -9.98
C GLU A 64 1.41 -7.52 -8.61
N HIS A 65 2.02 -6.37 -8.61
CA HIS A 65 2.30 -5.69 -7.32
C HIS A 65 0.98 -5.24 -6.67
N PHE A 66 -0.03 -5.02 -7.46
CA PHE A 66 -1.34 -4.57 -6.86
C PHE A 66 -2.31 -5.76 -6.79
N ARG A 67 -1.88 -6.93 -7.13
CA ARG A 67 -2.81 -8.10 -7.08
C ARG A 67 -3.34 -8.27 -5.65
N SER A 68 -2.50 -8.12 -4.66
CA SER A 68 -2.97 -8.27 -3.26
C SER A 68 -2.16 -7.38 -2.32
N ILE A 69 -2.72 -7.01 -1.20
CA ILE A 69 -1.99 -6.14 -0.23
C ILE A 69 -0.78 -6.91 0.32
N ARG A 70 -0.92 -8.18 0.55
CA ARG A 70 0.21 -8.97 1.11
C ARG A 70 1.41 -8.94 0.15
N SER A 71 1.16 -9.02 -1.13
CA SER A 71 2.29 -9.00 -2.09
C SER A 71 3.07 -7.69 -1.95
N ILE A 72 2.38 -6.60 -1.79
CA ILE A 72 3.06 -5.28 -1.64
C ILE A 72 3.83 -5.24 -0.33
N ASP A 73 3.25 -5.77 0.73
CA ASP A 73 3.94 -5.75 2.04
C ASP A 73 5.29 -6.47 1.95
N ALA A 74 5.33 -7.57 1.26
CA ALA A 74 6.62 -8.32 1.15
C ALA A 74 7.65 -7.46 0.43
N PHE A 75 7.25 -6.80 -0.62
CA PHE A 75 8.22 -5.94 -1.36
C PHE A 75 8.68 -4.81 -0.46
N VAL A 76 7.77 -4.17 0.25
CA VAL A 76 8.16 -3.06 1.14
C VAL A 76 9.06 -3.59 2.26
N VAL A 77 8.72 -4.68 2.86
CA VAL A 77 9.56 -5.23 3.95
C VAL A 77 10.96 -5.56 3.42
N GLY A 78 11.02 -6.10 2.23
CA GLY A 78 12.35 -6.44 1.65
C GLY A 78 13.23 -5.20 1.58
N ALA A 79 12.66 -4.04 1.38
CA ALA A 79 13.48 -2.80 1.29
C ALA A 79 13.43 -2.03 2.61
N THR A 80 12.25 -1.79 3.12
CA THR A 80 12.13 -1.04 4.41
C THR A 80 10.95 -1.55 5.21
N THR A 81 10.98 -1.38 6.51
CA THR A 81 9.85 -1.86 7.35
C THR A 81 9.45 -0.74 8.34
N PRO A 82 8.56 0.13 7.94
CA PRO A 82 8.09 1.26 8.81
C PRO A 82 7.30 0.76 10.02
N PRO A 83 7.21 1.57 11.03
CA PRO A 83 6.46 1.23 12.29
C PRO A 83 4.96 0.98 12.02
N VAL A 84 4.34 0.15 12.80
CA VAL A 84 2.89 -0.13 12.60
C VAL A 84 2.14 0.07 13.92
N GLU A 85 0.96 0.63 13.86
CA GLU A 85 0.18 0.86 15.11
C GLU A 85 -1.22 1.37 14.73
N ALA A 86 -1.45 1.66 13.48
CA ALA A 86 -2.79 2.17 13.06
C ALA A 86 -3.87 1.14 13.42
N LYS A 87 -3.58 -0.12 13.26
CA LYS A 87 -4.59 -1.17 13.60
C LYS A 87 -4.17 -1.88 14.89
N LEU A 88 -5.12 -2.29 15.69
CA LEU A 88 -4.78 -2.98 16.96
C LEU A 88 -3.98 -4.24 16.67
N GLN A 89 -4.27 -4.92 15.59
CA GLN A 89 -3.51 -6.16 15.26
C GLN A 89 -3.38 -7.03 16.52
N MET A 1 2.90 -9.77 7.65
CA MET A 1 2.17 -8.47 7.76
C MET A 1 2.95 -7.53 8.67
N GLN A 2 4.24 -7.48 8.52
CA GLN A 2 5.06 -6.58 9.39
C GLN A 2 4.59 -5.14 9.19
N HIS A 3 4.27 -4.77 7.99
CA HIS A 3 3.80 -3.37 7.72
C HIS A 3 2.59 -3.40 6.80
N ALA A 4 2.02 -4.56 6.58
CA ALA A 4 0.84 -4.66 5.68
C ALA A 4 -0.30 -3.79 6.22
N SER A 5 -0.41 -3.66 7.51
CA SER A 5 -1.51 -2.82 8.07
C SER A 5 -1.35 -1.38 7.59
N VAL A 6 -0.13 -0.92 7.45
CA VAL A 6 0.09 0.48 6.98
C VAL A 6 -0.39 0.60 5.53
N ILE A 7 -0.18 -0.42 4.75
CA ILE A 7 -0.62 -0.37 3.33
C ILE A 7 -2.15 -0.27 3.25
N ALA A 8 -2.84 -1.02 4.05
CA ALA A 8 -4.34 -0.97 4.01
C ALA A 8 -4.84 0.40 4.44
N GLN A 9 -4.40 0.90 5.55
CA GLN A 9 -4.88 2.24 6.00
C GLN A 9 -4.32 3.34 5.10
N PHE A 10 -3.09 3.18 4.65
CA PHE A 10 -2.51 4.23 3.78
C PHE A 10 -3.35 4.41 2.51
N VAL A 11 -3.63 3.33 1.83
CA VAL A 11 -4.45 3.45 0.59
C VAL A 11 -5.92 3.71 0.94
N VAL A 12 -6.42 3.06 1.95
CA VAL A 12 -7.86 3.26 2.33
C VAL A 12 -8.11 4.72 2.75
N GLU A 13 -7.18 5.31 3.46
CA GLU A 13 -7.38 6.71 3.89
C GLU A 13 -7.50 7.63 2.68
N GLU A 14 -6.82 7.30 1.61
CA GLU A 14 -6.89 8.16 0.39
C GLU A 14 -8.31 8.10 -0.19
N PHE A 15 -8.97 6.98 -0.08
CA PHE A 15 -10.34 6.86 -0.65
C PHE A 15 -11.39 7.20 0.41
N LEU A 16 -11.48 6.42 1.46
CA LEU A 16 -12.50 6.68 2.51
C LEU A 16 -11.85 6.69 3.90
N PRO A 17 -11.30 7.81 4.29
CA PRO A 17 -10.65 7.97 5.62
C PRO A 17 -11.67 8.19 6.74
N ASP A 18 -12.89 8.50 6.39
CA ASP A 18 -13.93 8.72 7.43
C ASP A 18 -14.38 7.36 7.98
N VAL A 19 -13.88 6.30 7.40
CA VAL A 19 -14.25 4.94 7.87
C VAL A 19 -13.00 4.28 8.47
N ALA A 20 -13.15 3.55 9.53
CA ALA A 20 -11.94 2.90 10.13
C ALA A 20 -11.34 1.92 9.10
N PRO A 21 -10.11 2.11 8.69
CA PRO A 21 -9.48 1.21 7.68
C PRO A 21 -9.31 -0.22 8.22
N ALA A 22 -9.19 -0.36 9.51
CA ALA A 22 -9.04 -1.73 10.10
C ALA A 22 -10.36 -2.49 9.98
N ASP A 23 -11.43 -1.78 9.70
CA ASP A 23 -12.75 -2.44 9.57
C ASP A 23 -12.88 -3.02 8.15
N VAL A 24 -11.85 -2.92 7.38
CA VAL A 24 -11.91 -3.46 5.98
C VAL A 24 -11.17 -4.80 5.94
N ASP A 25 -11.72 -5.78 5.29
CA ASP A 25 -11.05 -7.10 5.22
C ASP A 25 -9.76 -6.99 4.40
N VAL A 26 -8.68 -6.58 5.03
CA VAL A 26 -7.40 -6.45 4.29
C VAL A 26 -7.00 -7.81 3.73
N ASP A 27 -7.81 -8.82 3.96
CA ASP A 27 -7.48 -10.17 3.44
C ASP A 27 -8.07 -10.31 2.03
N LEU A 28 -8.65 -9.26 1.52
CA LEU A 28 -9.24 -9.30 0.17
C LEU A 28 -8.23 -8.78 -0.85
N ASP A 29 -8.14 -9.41 -1.99
CA ASP A 29 -7.19 -8.91 -3.02
C ASP A 29 -7.57 -7.49 -3.38
N LEU A 30 -6.67 -6.56 -3.21
CA LEU A 30 -7.01 -5.15 -3.53
C LEU A 30 -7.23 -5.00 -5.03
N VAL A 31 -7.13 -6.06 -5.78
CA VAL A 31 -7.35 -5.95 -7.24
C VAL A 31 -8.67 -5.20 -7.48
N ASP A 32 -9.66 -5.49 -6.69
CA ASP A 32 -10.95 -4.77 -6.83
C ASP A 32 -10.66 -3.28 -6.66
N ASN A 33 -9.74 -2.97 -5.80
CA ASN A 33 -9.36 -1.54 -5.56
C ASN A 33 -8.35 -1.13 -6.64
N GLY A 34 -8.25 -1.91 -7.68
CA GLY A 34 -7.29 -1.59 -8.77
C GLY A 34 -7.30 -0.10 -9.08
N VAL A 35 -8.30 0.60 -8.62
CA VAL A 35 -8.35 2.07 -8.89
C VAL A 35 -7.01 2.69 -8.48
N ILE A 36 -6.41 2.20 -7.43
CA ILE A 36 -5.10 2.75 -6.99
C ILE A 36 -4.01 2.35 -7.98
N ASP A 37 -4.25 1.34 -8.77
CA ASP A 37 -3.21 0.88 -9.75
C ASP A 37 -2.76 2.02 -10.66
N SER A 38 -3.63 2.94 -10.98
CA SER A 38 -3.22 4.05 -11.89
C SER A 38 -3.32 5.42 -11.21
N LEU A 39 -4.50 5.83 -10.85
CA LEU A 39 -4.63 7.17 -10.21
C LEU A 39 -3.85 7.20 -8.89
N GLY A 40 -4.09 6.24 -8.05
CA GLY A 40 -3.37 6.21 -6.75
C GLY A 40 -1.91 5.81 -6.97
N LEU A 41 -1.66 4.91 -7.89
CA LEU A 41 -0.27 4.48 -8.14
C LEU A 41 0.59 5.67 -8.54
N LEU A 42 0.10 6.51 -9.40
CA LEU A 42 0.90 7.71 -9.81
C LEU A 42 1.17 8.58 -8.59
N LYS A 43 0.17 8.79 -7.77
CA LYS A 43 0.38 9.61 -6.55
C LYS A 43 1.41 8.92 -5.65
N VAL A 44 1.39 7.61 -5.64
CA VAL A 44 2.35 6.86 -4.78
C VAL A 44 3.79 7.13 -5.24
N ILE A 45 4.02 7.21 -6.53
CA ILE A 45 5.40 7.47 -7.01
C ILE A 45 5.91 8.79 -6.45
N ALA A 46 5.15 9.84 -6.58
CA ALA A 46 5.60 11.16 -6.04
C ALA A 46 5.67 11.10 -4.52
N TRP A 47 4.74 10.42 -3.89
CA TRP A 47 4.76 10.33 -2.41
C TRP A 47 5.92 9.46 -1.95
N LEU A 48 6.11 8.33 -2.59
CA LEU A 48 7.21 7.43 -2.19
C LEU A 48 8.55 8.17 -2.27
N GLU A 49 8.79 8.86 -3.34
CA GLU A 49 10.07 9.61 -3.47
C GLU A 49 10.08 10.75 -2.44
N ASP A 50 8.96 11.36 -2.22
CA ASP A 50 8.91 12.48 -1.23
C ASP A 50 9.15 11.96 0.19
N ARG A 51 8.57 10.84 0.53
CA ARG A 51 8.74 10.30 1.91
C ARG A 51 9.99 9.42 2.04
N PHE A 52 10.08 8.38 1.26
CA PHE A 52 11.26 7.47 1.38
C PHE A 52 12.49 8.03 0.65
N GLY A 53 12.30 8.95 -0.25
CA GLY A 53 13.48 9.51 -0.98
C GLY A 53 13.93 8.52 -2.06
N ILE A 54 13.00 7.80 -2.64
CA ILE A 54 13.35 6.81 -3.69
C ILE A 54 13.02 7.39 -5.06
N ALA A 55 13.84 7.14 -6.05
CA ALA A 55 13.58 7.69 -7.40
C ALA A 55 12.26 7.13 -7.94
N ALA A 56 11.54 7.93 -8.69
CA ALA A 56 10.24 7.47 -9.24
C ALA A 56 10.47 6.34 -10.25
N ASP A 57 11.68 6.23 -10.76
CA ASP A 57 11.96 5.15 -11.75
C ASP A 57 11.53 3.81 -11.18
N ASP A 58 11.70 3.60 -9.91
CA ASP A 58 11.29 2.30 -9.31
C ASP A 58 11.91 1.16 -10.11
N VAL A 59 11.77 -0.05 -9.63
CA VAL A 59 12.36 -1.20 -10.37
C VAL A 59 11.38 -2.37 -10.40
N GLU A 60 11.33 -3.08 -11.50
CA GLU A 60 10.40 -4.23 -11.61
C GLU A 60 8.97 -3.80 -11.26
N LEU A 61 8.29 -3.14 -12.17
CA LEU A 61 6.90 -2.70 -11.89
C LEU A 61 5.92 -3.61 -12.64
N SER A 62 4.96 -4.18 -11.97
CA SER A 62 4.00 -5.07 -12.66
C SER A 62 2.68 -5.13 -11.86
N PRO A 63 1.57 -5.28 -12.53
CA PRO A 63 0.23 -5.35 -11.87
C PRO A 63 0.12 -6.58 -10.95
N GLU A 64 0.87 -7.60 -11.21
CA GLU A 64 0.80 -8.83 -10.35
C GLU A 64 1.20 -8.47 -8.92
N HIS A 65 2.08 -7.52 -8.76
CA HIS A 65 2.54 -7.12 -7.40
C HIS A 65 1.41 -6.44 -6.61
N PHE A 66 0.46 -5.83 -7.28
CA PHE A 66 -0.63 -5.14 -6.54
C PHE A 66 -1.86 -6.05 -6.39
N ARG A 67 -1.75 -7.30 -6.79
CA ARG A 67 -2.93 -8.21 -6.67
C ARG A 67 -3.35 -8.34 -5.20
N SER A 68 -2.41 -8.38 -4.29
CA SER A 68 -2.77 -8.51 -2.85
C SER A 68 -1.99 -7.49 -2.00
N ILE A 69 -2.59 -7.00 -0.95
CA ILE A 69 -1.89 -6.03 -0.08
C ILE A 69 -0.69 -6.69 0.60
N ARG A 70 -0.82 -7.93 0.97
CA ARG A 70 0.30 -8.63 1.66
C ARG A 70 1.52 -8.68 0.74
N SER A 71 1.32 -8.87 -0.53
CA SER A 71 2.47 -8.93 -1.47
C SER A 71 3.23 -7.60 -1.44
N ILE A 72 2.51 -6.51 -1.30
CA ILE A 72 3.16 -5.18 -1.26
C ILE A 72 4.01 -5.09 0.02
N ASP A 73 3.52 -5.60 1.11
CA ASP A 73 4.28 -5.53 2.38
C ASP A 73 5.63 -6.22 2.21
N ALA A 74 5.67 -7.32 1.52
CA ALA A 74 6.95 -8.04 1.33
C ALA A 74 7.92 -7.17 0.54
N PHE A 75 7.45 -6.55 -0.51
CA PHE A 75 8.35 -5.68 -1.32
C PHE A 75 8.82 -4.51 -0.47
N VAL A 76 7.93 -3.88 0.25
CA VAL A 76 8.33 -2.73 1.11
C VAL A 76 9.28 -3.22 2.21
N VAL A 77 8.98 -4.33 2.82
CA VAL A 77 9.86 -4.86 3.89
C VAL A 77 11.25 -5.12 3.33
N GLY A 78 11.33 -5.66 2.16
CA GLY A 78 12.66 -5.96 1.55
C GLY A 78 13.48 -4.68 1.42
N ALA A 79 12.85 -3.56 1.18
CA ALA A 79 13.63 -2.29 1.03
C ALA A 79 13.55 -1.45 2.30
N THR A 80 12.37 -1.21 2.81
CA THR A 80 12.23 -0.39 4.04
C THR A 80 11.31 -1.10 5.04
N THR A 81 11.42 -0.77 6.30
CA THR A 81 10.55 -1.42 7.31
C THR A 81 10.06 -0.36 8.30
N PRO A 82 8.95 0.28 8.01
CA PRO A 82 8.37 1.32 8.90
C PRO A 82 7.90 0.74 10.24
N PRO A 83 7.33 1.57 11.08
CA PRO A 83 6.83 1.12 12.42
C PRO A 83 5.74 0.04 12.29
N VAL A 84 5.65 -0.86 13.24
CA VAL A 84 4.62 -1.91 13.17
C VAL A 84 3.59 -1.70 14.29
N GLU A 85 2.33 -1.72 13.95
CA GLU A 85 1.27 -1.52 14.98
C GLU A 85 0.18 -2.58 14.82
N ALA A 86 -0.55 -2.87 15.85
CA ALA A 86 -1.62 -3.90 15.75
C ALA A 86 -2.66 -3.44 14.71
N LYS A 87 -3.21 -4.36 13.97
CA LYS A 87 -4.23 -3.97 12.95
C LYS A 87 -5.38 -3.24 13.63
N LEU A 88 -5.75 -3.65 14.81
CA LEU A 88 -6.86 -2.97 15.51
C LEU A 88 -6.31 -1.88 16.44
N GLN A 89 -6.98 -0.77 16.54
CA GLN A 89 -6.47 0.32 17.43
C GLN A 89 -6.62 -0.11 18.89
N MET A 1 1.69 -4.73 15.30
CA MET A 1 1.88 -5.15 13.89
C MET A 1 2.59 -4.04 13.12
N GLN A 2 2.53 -4.07 11.82
CA GLN A 2 3.20 -3.03 11.00
C GLN A 2 2.29 -1.81 10.90
N HIS A 3 1.36 -1.67 11.82
CA HIS A 3 0.42 -0.51 11.75
C HIS A 3 -0.36 -0.60 10.44
N ALA A 4 -0.80 -1.77 10.10
CA ALA A 4 -1.57 -1.94 8.83
C ALA A 4 -2.76 -1.00 8.82
N SER A 5 -3.36 -0.76 9.96
CA SER A 5 -4.52 0.17 9.99
C SER A 5 -4.09 1.53 9.47
N VAL A 6 -2.91 1.96 9.82
CA VAL A 6 -2.42 3.28 9.32
C VAL A 6 -2.20 3.20 7.81
N ILE A 7 -1.68 2.09 7.35
CA ILE A 7 -1.42 1.93 5.90
C ILE A 7 -2.74 2.09 5.12
N ALA A 8 -3.76 1.40 5.53
CA ALA A 8 -5.06 1.50 4.82
C ALA A 8 -5.61 2.93 4.97
N GLN A 9 -5.57 3.48 6.14
CA GLN A 9 -6.07 4.86 6.33
C GLN A 9 -5.15 5.85 5.63
N PHE A 10 -3.88 5.57 5.59
CA PHE A 10 -2.94 6.51 4.93
C PHE A 10 -3.24 6.57 3.43
N VAL A 11 -3.32 5.44 2.79
CA VAL A 11 -3.62 5.42 1.33
C VAL A 11 -5.10 5.75 1.09
N VAL A 12 -5.97 5.22 1.91
CA VAL A 12 -7.43 5.49 1.72
C VAL A 12 -7.71 6.97 1.87
N GLU A 13 -7.05 7.63 2.78
CA GLU A 13 -7.29 9.08 2.98
C GLU A 13 -7.06 9.84 1.67
N GLU A 14 -6.09 9.42 0.90
CA GLU A 14 -5.81 10.10 -0.39
C GLU A 14 -6.96 9.89 -1.38
N PHE A 15 -7.56 8.73 -1.38
CA PHE A 15 -8.66 8.48 -2.36
C PHE A 15 -10.01 8.89 -1.77
N LEU A 16 -10.43 8.26 -0.71
CA LEU A 16 -11.75 8.62 -0.10
C LEU A 16 -11.58 8.90 1.39
N PRO A 17 -11.19 10.10 1.73
CA PRO A 17 -10.99 10.53 3.14
C PRO A 17 -12.31 10.91 3.82
N ASP A 18 -13.32 11.19 3.04
CA ASP A 18 -14.63 11.56 3.64
C ASP A 18 -15.32 10.30 4.16
N VAL A 19 -14.73 9.17 3.92
CA VAL A 19 -15.32 7.88 4.39
C VAL A 19 -14.40 7.29 5.45
N ALA A 20 -14.95 6.70 6.48
CA ALA A 20 -14.08 6.11 7.53
C ALA A 20 -13.21 5.01 6.91
N PRO A 21 -11.90 5.13 6.93
CA PRO A 21 -11.00 4.10 6.32
C PRO A 21 -11.11 2.75 7.04
N ALA A 22 -11.39 2.78 8.31
CA ALA A 22 -11.52 1.51 9.07
C ALA A 22 -12.80 0.79 8.64
N ASP A 23 -13.67 1.50 7.97
CA ASP A 23 -14.94 0.87 7.51
C ASP A 23 -14.71 0.19 6.16
N VAL A 24 -13.49 0.18 5.71
CA VAL A 24 -13.20 -0.47 4.40
C VAL A 24 -12.64 -1.87 4.66
N ASP A 25 -13.10 -2.85 3.94
CA ASP A 25 -12.61 -4.23 4.17
C ASP A 25 -11.16 -4.34 3.69
N VAL A 26 -10.23 -3.95 4.52
CA VAL A 26 -8.79 -4.04 4.11
C VAL A 26 -8.43 -5.52 3.90
N ASP A 27 -9.36 -6.41 4.10
CA ASP A 27 -9.08 -7.86 3.90
C ASP A 27 -9.64 -8.29 2.55
N LEU A 28 -10.07 -7.35 1.75
CA LEU A 28 -10.63 -7.69 0.41
C LEU A 28 -9.53 -7.67 -0.63
N ASP A 29 -9.59 -8.53 -1.61
CA ASP A 29 -8.54 -8.54 -2.65
C ASP A 29 -8.52 -7.17 -3.32
N LEU A 30 -7.42 -6.50 -3.27
CA LEU A 30 -7.35 -5.14 -3.89
C LEU A 30 -7.61 -5.25 -5.39
N VAL A 31 -7.61 -6.42 -5.95
CA VAL A 31 -7.86 -6.53 -7.41
C VAL A 31 -9.11 -5.73 -7.75
N ASP A 32 -10.15 -5.88 -6.98
CA ASP A 32 -11.38 -5.10 -7.25
C ASP A 32 -11.01 -3.62 -7.22
N ASN A 33 -10.09 -3.28 -6.36
CA ASN A 33 -9.63 -1.88 -6.25
C ASN A 33 -8.50 -1.65 -7.25
N GLY A 34 -8.40 -2.51 -8.24
CA GLY A 34 -7.31 -2.37 -9.24
C GLY A 34 -7.16 -0.90 -9.63
N VAL A 35 -8.15 -0.09 -9.35
CA VAL A 35 -8.05 1.35 -9.68
C VAL A 35 -6.76 1.89 -9.08
N ILE A 36 -6.42 1.46 -7.89
CA ILE A 36 -5.18 1.93 -7.23
C ILE A 36 -3.96 1.36 -7.96
N ASP A 37 -4.14 0.27 -8.64
CA ASP A 37 -3.01 -0.37 -9.36
C ASP A 37 -2.37 0.60 -10.35
N SER A 38 -3.13 1.49 -10.93
CA SER A 38 -2.55 2.45 -11.92
C SER A 38 -2.61 3.88 -11.40
N LEU A 39 -3.79 4.41 -11.21
CA LEU A 39 -3.89 5.83 -10.73
C LEU A 39 -3.29 5.95 -9.34
N GLY A 40 -3.69 5.10 -8.43
CA GLY A 40 -3.14 5.17 -7.05
C GLY A 40 -1.69 4.73 -7.04
N LEU A 41 -1.37 3.71 -7.78
CA LEU A 41 0.04 3.22 -7.81
C LEU A 41 0.96 4.34 -8.28
N LEU A 42 0.54 5.10 -9.25
CA LEU A 42 1.40 6.22 -9.74
C LEU A 42 1.55 7.27 -8.64
N LYS A 43 0.48 7.61 -7.98
CA LYS A 43 0.55 8.63 -6.90
C LYS A 43 1.40 8.09 -5.74
N VAL A 44 1.30 6.82 -5.45
CA VAL A 44 2.10 6.25 -4.32
C VAL A 44 3.59 6.39 -4.61
N ILE A 45 4.01 6.11 -5.81
CA ILE A 45 5.44 6.22 -6.16
C ILE A 45 5.91 7.67 -6.00
N ALA A 46 5.20 8.60 -6.59
CA ALA A 46 5.61 10.02 -6.48
C ALA A 46 5.46 10.51 -5.04
N TRP A 47 4.46 10.04 -4.33
CA TRP A 47 4.28 10.48 -2.93
C TRP A 47 5.44 9.99 -2.06
N LEU A 48 5.82 8.76 -2.22
CA LEU A 48 6.93 8.21 -1.40
C LEU A 48 8.18 9.05 -1.59
N GLU A 49 8.48 9.41 -2.81
CA GLU A 49 9.70 10.23 -3.06
C GLU A 49 9.50 11.62 -2.43
N ASP A 50 8.31 12.15 -2.51
CA ASP A 50 8.06 13.50 -1.93
C ASP A 50 8.22 13.47 -0.42
N ARG A 51 7.75 12.45 0.23
CA ARG A 51 7.84 12.37 1.72
C ARG A 51 9.18 11.76 2.17
N PHE A 52 9.46 10.55 1.75
CA PHE A 52 10.71 9.89 2.20
C PHE A 52 11.93 10.37 1.41
N GLY A 53 11.72 10.95 0.26
CA GLY A 53 12.90 11.42 -0.54
C GLY A 53 13.55 10.22 -1.23
N ILE A 54 12.78 9.23 -1.56
CA ILE A 54 13.34 8.02 -2.22
C ILE A 54 12.99 8.05 -3.71
N ALA A 55 13.89 7.62 -4.56
CA ALA A 55 13.59 7.62 -6.02
C ALA A 55 12.40 6.70 -6.29
N ALA A 56 11.69 6.96 -7.35
CA ALA A 56 10.50 6.11 -7.65
C ALA A 56 10.92 4.64 -7.70
N ASP A 57 12.06 4.35 -8.25
CA ASP A 57 12.52 2.94 -8.32
C ASP A 57 11.41 2.07 -8.91
N ASP A 58 10.84 2.49 -10.00
CA ASP A 58 9.74 1.69 -10.62
C ASP A 58 10.26 0.30 -10.98
N VAL A 59 9.51 -0.72 -10.65
CA VAL A 59 9.95 -2.11 -10.97
C VAL A 59 8.83 -2.82 -11.74
N GLU A 60 9.19 -3.59 -12.73
CA GLU A 60 8.13 -4.31 -13.51
C GLU A 60 7.49 -5.38 -12.63
N LEU A 61 6.46 -5.03 -11.91
CA LEU A 61 5.79 -6.04 -11.03
C LEU A 61 4.38 -6.32 -11.57
N SER A 62 3.94 -7.55 -11.50
CA SER A 62 2.60 -7.89 -12.02
C SER A 62 1.53 -7.41 -11.03
N PRO A 63 0.31 -7.27 -11.50
CA PRO A 63 -0.83 -6.80 -10.65
C PRO A 63 -1.11 -7.75 -9.49
N GLU A 64 -0.69 -8.98 -9.60
CA GLU A 64 -0.93 -9.96 -8.50
C GLU A 64 -0.21 -9.51 -7.23
N HIS A 65 0.90 -8.85 -7.38
CA HIS A 65 1.66 -8.40 -6.17
C HIS A 65 0.86 -7.32 -5.43
N PHE A 66 0.02 -6.60 -6.13
CA PHE A 66 -0.77 -5.53 -5.45
C PHE A 66 -2.16 -6.08 -5.11
N ARG A 67 -2.40 -7.34 -5.39
CA ARG A 67 -3.73 -7.93 -5.10
C ARG A 67 -4.07 -7.77 -3.61
N SER A 68 -3.10 -7.93 -2.75
CA SER A 68 -3.39 -7.80 -1.29
C SER A 68 -2.55 -6.67 -0.68
N ILE A 69 -3.08 -6.03 0.33
CA ILE A 69 -2.34 -4.92 0.98
C ILE A 69 -1.09 -5.47 1.68
N ARG A 70 -1.17 -6.64 2.25
CA ARG A 70 0.02 -7.21 2.94
C ARG A 70 1.18 -7.40 1.96
N SER A 71 0.89 -7.82 0.76
CA SER A 71 1.99 -8.02 -0.23
C SER A 71 2.71 -6.69 -0.48
N ILE A 72 1.97 -5.64 -0.64
CA ILE A 72 2.59 -4.31 -0.87
C ILE A 72 3.34 -3.87 0.39
N ASP A 73 2.78 -4.13 1.53
CA ASP A 73 3.43 -3.74 2.81
C ASP A 73 4.83 -4.38 2.88
N ALA A 74 4.97 -5.59 2.43
CA ALA A 74 6.30 -6.25 2.48
C ALA A 74 7.28 -5.48 1.62
N PHE A 75 6.90 -5.12 0.43
CA PHE A 75 7.83 -4.35 -0.44
C PHE A 75 8.04 -2.97 0.17
N VAL A 76 6.98 -2.32 0.56
CA VAL A 76 7.10 -0.97 1.16
C VAL A 76 7.88 -1.07 2.47
N VAL A 77 7.64 -2.11 3.24
CA VAL A 77 8.38 -2.27 4.52
C VAL A 77 9.87 -2.26 4.22
N GLY A 78 10.29 -2.93 3.19
CA GLY A 78 11.74 -2.93 2.85
C GLY A 78 12.20 -1.49 2.63
N ALA A 79 11.33 -0.65 2.12
CA ALA A 79 11.71 0.77 1.88
C ALA A 79 11.92 1.49 3.21
N THR A 80 11.00 1.35 4.14
CA THR A 80 11.16 2.04 5.46
C THR A 80 9.89 1.88 6.32
N THR A 81 8.91 1.17 5.86
CA THR A 81 7.67 1.00 6.68
C THR A 81 7.97 0.00 7.81
N PRO A 82 7.43 0.21 8.99
CA PRO A 82 7.67 -0.67 10.16
C PRO A 82 8.03 -2.11 9.76
N PRO A 83 9.15 -2.64 10.24
CA PRO A 83 9.60 -4.02 9.90
C PRO A 83 8.82 -5.11 10.65
N VAL A 84 8.69 -6.27 10.04
CA VAL A 84 7.95 -7.38 10.71
C VAL A 84 8.78 -8.67 10.57
N GLU A 85 8.79 -9.48 11.60
CA GLU A 85 9.58 -10.75 11.53
C GLU A 85 9.10 -11.59 10.35
N ALA A 86 7.83 -11.58 10.08
CA ALA A 86 7.30 -12.40 8.93
C ALA A 86 6.02 -11.75 8.39
N LYS A 87 5.73 -11.97 7.13
CA LYS A 87 4.49 -11.38 6.55
C LYS A 87 3.27 -11.88 7.33
N LEU A 88 3.29 -13.11 7.74
CA LEU A 88 2.12 -13.64 8.51
C LEU A 88 2.43 -13.57 10.01
N GLN A 89 1.45 -13.26 10.81
CA GLN A 89 1.69 -13.17 12.28
C GLN A 89 2.54 -14.35 12.73
N MET A 1 3.15 -4.22 13.85
CA MET A 1 2.62 -4.85 12.61
C MET A 1 3.15 -4.11 11.38
N GLN A 2 4.37 -3.66 11.44
CA GLN A 2 4.96 -2.92 10.28
C GLN A 2 4.07 -1.73 9.94
N HIS A 3 3.60 -1.01 10.92
CA HIS A 3 2.72 0.15 10.63
C HIS A 3 1.72 -0.23 9.55
N ALA A 4 1.22 -1.44 9.61
CA ALA A 4 0.24 -1.88 8.58
C ALA A 4 -1.00 -0.97 8.61
N SER A 5 -1.38 -0.51 9.78
CA SER A 5 -2.57 0.37 9.85
C SER A 5 -2.32 1.64 9.04
N VAL A 6 -1.12 2.14 9.07
CA VAL A 6 -0.81 3.36 8.28
C VAL A 6 -0.86 3.01 6.78
N ILE A 7 -0.39 1.85 6.43
CA ILE A 7 -0.41 1.46 5.00
C ILE A 7 -1.86 1.43 4.50
N ALA A 8 -2.72 0.75 5.21
CA ALA A 8 -4.14 0.69 4.79
C ALA A 8 -4.77 2.08 4.91
N GLN A 9 -4.55 2.74 6.00
CA GLN A 9 -5.11 4.11 6.19
C GLN A 9 -4.52 5.05 5.16
N PHE A 10 -3.24 4.98 4.95
CA PHE A 10 -2.59 5.86 3.95
C PHE A 10 -3.15 5.58 2.56
N VAL A 11 -3.22 4.33 2.19
CA VAL A 11 -3.76 3.97 0.85
C VAL A 11 -5.26 4.25 0.81
N VAL A 12 -5.97 3.86 1.84
CA VAL A 12 -7.44 4.09 1.87
C VAL A 12 -7.75 5.59 1.94
N GLU A 13 -6.99 6.32 2.70
CA GLU A 13 -7.25 7.80 2.81
C GLU A 13 -7.30 8.42 1.42
N GLU A 14 -6.59 7.87 0.48
CA GLU A 14 -6.59 8.46 -0.89
C GLU A 14 -8.00 8.33 -1.49
N PHE A 15 -8.73 7.31 -1.12
CA PHE A 15 -10.10 7.14 -1.68
C PHE A 15 -11.01 6.51 -0.62
N LEU A 16 -10.94 6.97 0.60
CA LEU A 16 -11.80 6.40 1.66
C LEU A 16 -13.21 7.00 1.57
N PRO A 17 -14.23 6.17 1.59
CA PRO A 17 -15.64 6.67 1.54
C PRO A 17 -16.08 7.22 2.90
N ASP A 18 -17.34 7.18 3.20
CA ASP A 18 -17.80 7.69 4.52
C ASP A 18 -17.50 6.63 5.59
N VAL A 19 -16.64 5.70 5.29
CA VAL A 19 -16.31 4.62 6.28
C VAL A 19 -14.85 4.77 6.72
N ALA A 20 -14.59 4.62 7.99
CA ALA A 20 -13.19 4.75 8.48
C ALA A 20 -12.35 3.57 7.95
N PRO A 21 -11.11 3.81 7.58
CA PRO A 21 -10.23 2.71 7.06
C PRO A 21 -10.24 1.49 7.98
N ALA A 22 -10.39 1.70 9.26
CA ALA A 22 -10.40 0.56 10.21
C ALA A 22 -11.62 -0.33 9.95
N ASP A 23 -12.65 0.23 9.36
CA ASP A 23 -13.87 -0.56 9.08
C ASP A 23 -13.86 -1.00 7.62
N VAL A 24 -12.77 -0.80 6.94
CA VAL A 24 -12.69 -1.21 5.51
C VAL A 24 -12.19 -2.65 5.44
N ASP A 25 -12.71 -3.42 4.53
CA ASP A 25 -12.25 -4.84 4.44
C ASP A 25 -10.82 -4.88 3.91
N VAL A 26 -9.86 -4.74 4.78
CA VAL A 26 -8.44 -4.79 4.33
C VAL A 26 -8.13 -6.18 3.78
N ASP A 27 -9.09 -7.05 3.79
CA ASP A 27 -8.86 -8.42 3.25
C ASP A 27 -9.40 -8.50 1.83
N LEU A 28 -9.73 -7.38 1.26
CA LEU A 28 -10.27 -7.36 -0.13
C LEU A 28 -9.12 -7.27 -1.13
N ASP A 29 -9.17 -8.04 -2.17
CA ASP A 29 -8.08 -7.98 -3.17
C ASP A 29 -8.03 -6.58 -3.77
N LEU A 30 -6.92 -5.92 -3.65
CA LEU A 30 -6.81 -4.54 -4.20
C LEU A 30 -7.17 -4.56 -5.69
N VAL A 31 -7.18 -5.71 -6.31
CA VAL A 31 -7.52 -5.77 -7.75
C VAL A 31 -8.82 -5.01 -8.00
N ASP A 32 -9.79 -5.20 -7.14
CA ASP A 32 -11.08 -4.48 -7.32
C ASP A 32 -10.79 -2.98 -7.36
N ASN A 33 -9.86 -2.54 -6.56
CA ASN A 33 -9.50 -1.09 -6.55
C ASN A 33 -8.37 -0.86 -7.54
N GLY A 34 -8.23 -1.74 -8.50
CA GLY A 34 -7.14 -1.58 -9.51
C GLY A 34 -7.04 -0.11 -9.93
N VAL A 35 -8.05 0.66 -9.65
CA VAL A 35 -8.00 2.10 -10.05
C VAL A 35 -6.72 2.72 -9.50
N ILE A 36 -6.29 2.27 -8.34
CA ILE A 36 -5.04 2.81 -7.74
C ILE A 36 -3.82 2.34 -8.54
N ASP A 37 -3.98 1.29 -9.31
CA ASP A 37 -2.83 0.75 -10.10
C ASP A 37 -2.24 1.81 -11.03
N SER A 38 -3.03 2.73 -11.53
CA SER A 38 -2.47 3.75 -12.47
C SER A 38 -2.58 5.16 -11.87
N LEU A 39 -3.76 5.66 -11.67
CA LEU A 39 -3.90 7.03 -11.12
C LEU A 39 -3.31 7.10 -9.72
N GLY A 40 -3.70 6.20 -8.86
CA GLY A 40 -3.16 6.21 -7.48
C GLY A 40 -1.70 5.77 -7.49
N LEU A 41 -1.37 4.80 -8.29
CA LEU A 41 0.02 4.31 -8.35
C LEU A 41 0.95 5.46 -8.76
N LEU A 42 0.55 6.28 -9.68
CA LEU A 42 1.41 7.41 -10.11
C LEU A 42 1.62 8.36 -8.91
N LYS A 43 0.58 8.66 -8.19
CA LYS A 43 0.72 9.56 -7.02
C LYS A 43 1.57 8.89 -5.94
N VAL A 44 1.37 7.62 -5.72
CA VAL A 44 2.15 6.90 -4.67
C VAL A 44 3.64 6.87 -5.04
N ILE A 45 3.94 6.62 -6.29
CA ILE A 45 5.36 6.57 -6.71
C ILE A 45 6.04 7.92 -6.45
N ALA A 46 5.44 8.98 -6.90
CA ALA A 46 6.05 10.32 -6.68
C ALA A 46 6.06 10.64 -5.19
N TRP A 47 5.10 10.12 -4.46
CA TRP A 47 5.04 10.40 -3.01
C TRP A 47 6.13 9.60 -2.28
N LEU A 48 6.26 8.34 -2.59
CA LEU A 48 7.28 7.52 -1.90
C LEU A 48 8.67 8.07 -2.19
N GLU A 49 8.95 8.38 -3.43
CA GLU A 49 10.29 8.93 -3.77
C GLU A 49 10.47 10.31 -3.13
N ASP A 50 9.44 11.09 -3.08
CA ASP A 50 9.57 12.45 -2.48
C ASP A 50 9.97 12.35 -1.01
N ARG A 51 9.36 11.47 -0.26
CA ARG A 51 9.69 11.35 1.18
C ARG A 51 10.88 10.41 1.41
N PHE A 52 10.83 9.22 0.88
CA PHE A 52 11.95 8.26 1.10
C PHE A 52 13.13 8.56 0.19
N GLY A 53 12.92 9.19 -0.92
CA GLY A 53 14.06 9.49 -1.84
C GLY A 53 14.42 8.22 -2.62
N ILE A 54 13.47 7.34 -2.81
CA ILE A 54 13.74 6.08 -3.55
C ILE A 54 13.16 6.17 -4.95
N ALA A 55 13.82 5.64 -5.93
CA ALA A 55 13.31 5.70 -7.32
C ALA A 55 11.94 5.00 -7.40
N ALA A 56 11.14 5.35 -8.37
CA ALA A 56 9.80 4.72 -8.50
C ALA A 56 9.96 3.20 -8.54
N ASP A 57 11.14 2.71 -8.86
CA ASP A 57 11.36 1.24 -8.93
C ASP A 57 10.37 0.60 -9.90
N ASP A 58 10.21 1.18 -11.06
CA ASP A 58 9.28 0.61 -12.07
C ASP A 58 10.06 -0.25 -13.05
N VAL A 59 11.24 -0.66 -12.67
CA VAL A 59 12.08 -1.49 -13.59
C VAL A 59 11.32 -2.74 -14.05
N GLU A 60 10.61 -3.37 -13.16
CA GLU A 60 9.85 -4.59 -13.58
C GLU A 60 8.72 -4.89 -12.59
N LEU A 61 7.75 -4.00 -12.50
CA LEU A 61 6.62 -4.22 -11.57
C LEU A 61 5.39 -4.66 -12.38
N SER A 62 4.62 -5.57 -11.86
CA SER A 62 3.41 -6.04 -12.60
C SER A 62 2.18 -5.96 -11.69
N PRO A 63 1.01 -5.98 -12.29
CA PRO A 63 -0.28 -5.91 -11.53
C PRO A 63 -0.45 -7.06 -10.54
N GLU A 64 0.21 -8.16 -10.78
CA GLU A 64 0.09 -9.33 -9.85
C GLU A 64 0.63 -8.93 -8.47
N HIS A 65 1.60 -8.06 -8.45
CA HIS A 65 2.18 -7.65 -7.14
C HIS A 65 1.15 -6.84 -6.35
N PHE A 66 0.23 -6.20 -7.03
CA PHE A 66 -0.79 -5.39 -6.31
C PHE A 66 -2.05 -6.25 -6.09
N ARG A 67 -1.92 -7.53 -6.22
CA ARG A 67 -3.10 -8.43 -6.03
C ARG A 67 -3.76 -8.15 -4.68
N SER A 68 -2.97 -7.91 -3.65
CA SER A 68 -3.58 -7.65 -2.31
C SER A 68 -2.67 -6.72 -1.49
N ILE A 69 -3.18 -6.17 -0.42
CA ILE A 69 -2.36 -5.27 0.44
C ILE A 69 -1.13 -6.02 0.96
N ARG A 70 -1.27 -7.27 1.27
CA ARG A 70 -0.10 -8.04 1.80
C ARG A 70 1.03 -8.05 0.78
N SER A 71 0.71 -8.18 -0.48
CA SER A 71 1.79 -8.20 -1.52
C SER A 71 2.54 -6.87 -1.49
N ILE A 72 1.83 -5.77 -1.37
CA ILE A 72 2.49 -4.45 -1.33
C ILE A 72 3.34 -4.36 -0.06
N ASP A 73 2.86 -4.89 1.02
CA ASP A 73 3.65 -4.84 2.29
C ASP A 73 5.02 -5.46 2.05
N ALA A 74 5.08 -6.50 1.28
CA ALA A 74 6.40 -7.14 1.01
C ALA A 74 7.32 -6.14 0.31
N PHE A 75 6.80 -5.43 -0.65
CA PHE A 75 7.64 -4.42 -1.36
C PHE A 75 8.07 -3.34 -0.36
N VAL A 76 7.15 -2.83 0.40
CA VAL A 76 7.49 -1.78 1.40
C VAL A 76 8.43 -2.37 2.44
N VAL A 77 8.18 -3.59 2.86
CA VAL A 77 9.04 -4.21 3.88
C VAL A 77 10.49 -4.26 3.37
N GLY A 78 10.68 -4.63 2.14
CA GLY A 78 12.06 -4.70 1.58
C GLY A 78 12.69 -3.31 1.54
N ALA A 79 11.95 -2.31 1.15
CA ALA A 79 12.51 -0.93 1.08
C ALA A 79 12.62 -0.35 2.49
N THR A 80 11.56 -0.43 3.25
CA THR A 80 11.58 0.10 4.64
C THR A 80 11.08 -0.99 5.57
N THR A 81 11.41 -0.95 6.82
CA THR A 81 10.94 -2.00 7.75
C THR A 81 10.55 -1.39 9.10
N PRO A 82 9.32 -0.96 9.24
CA PRO A 82 8.81 -0.36 10.50
C PRO A 82 8.70 -1.42 11.60
N PRO A 83 8.24 -1.05 12.77
CA PRO A 83 8.08 -2.00 13.91
C PRO A 83 7.14 -3.15 13.55
N VAL A 84 7.36 -4.32 14.11
CA VAL A 84 6.47 -5.47 13.79
C VAL A 84 5.91 -6.07 15.08
N GLU A 85 4.66 -6.48 15.05
CA GLU A 85 4.05 -7.07 16.27
C GLU A 85 3.14 -8.23 15.86
N ALA A 86 2.40 -8.06 14.79
CA ALA A 86 1.48 -9.14 14.33
C ALA A 86 0.42 -8.54 13.41
N LYS A 87 0.63 -8.59 12.12
CA LYS A 87 -0.37 -8.01 11.18
C LYS A 87 -1.72 -8.70 11.40
N LEU A 88 -1.70 -9.98 11.65
CA LEU A 88 -2.98 -10.72 11.87
C LEU A 88 -3.16 -10.97 13.37
N GLN A 89 -4.31 -10.65 13.90
CA GLN A 89 -4.54 -10.88 15.36
C GLN A 89 -6.01 -10.60 15.70
N MET A 1 4.48 -11.79 7.70
CA MET A 1 3.61 -10.58 7.69
C MET A 1 4.11 -9.58 8.74
N GLN A 2 4.86 -8.61 8.31
CA GLN A 2 5.39 -7.58 9.27
C GLN A 2 4.49 -6.35 9.21
N HIS A 3 3.87 -6.00 10.31
CA HIS A 3 2.97 -4.80 10.30
C HIS A 3 1.99 -4.93 9.12
N ALA A 4 1.55 -6.12 8.82
CA ALA A 4 0.61 -6.31 7.69
C ALA A 4 -0.67 -5.52 7.96
N SER A 5 -1.09 -5.45 9.19
CA SER A 5 -2.34 -4.70 9.51
C SER A 5 -2.20 -3.24 9.06
N VAL A 6 -1.05 -2.65 9.28
CA VAL A 6 -0.85 -1.25 8.86
C VAL A 6 -0.94 -1.16 7.34
N ILE A 7 -0.38 -2.11 6.66
CA ILE A 7 -0.44 -2.07 5.16
C ILE A 7 -1.89 -2.07 4.70
N ALA A 8 -2.69 -2.97 5.20
CA ALA A 8 -4.12 -3.01 4.80
C ALA A 8 -4.80 -1.72 5.27
N GLN A 9 -4.55 -1.32 6.47
CA GLN A 9 -5.15 -0.07 7.00
C GLN A 9 -4.62 1.13 6.22
N PHE A 10 -3.36 1.12 5.90
CA PHE A 10 -2.75 2.26 5.16
C PHE A 10 -3.44 2.43 3.81
N VAL A 11 -3.52 1.38 3.04
CA VAL A 11 -4.20 1.47 1.71
C VAL A 11 -5.72 1.57 1.90
N VAL A 12 -6.26 0.82 2.82
CA VAL A 12 -7.73 0.85 3.04
C VAL A 12 -8.15 2.21 3.60
N GLU A 13 -7.38 2.78 4.48
CA GLU A 13 -7.74 4.10 5.07
C GLU A 13 -7.93 5.12 3.94
N GLU A 14 -7.26 4.93 2.84
CA GLU A 14 -7.40 5.88 1.71
C GLU A 14 -8.83 5.84 1.17
N PHE A 15 -9.47 4.70 1.22
CA PHE A 15 -10.87 4.61 0.71
C PHE A 15 -11.68 3.64 1.58
N LEU A 16 -11.55 3.74 2.88
CA LEU A 16 -12.32 2.83 3.77
C LEU A 16 -13.76 3.33 3.93
N PRO A 17 -14.74 2.48 3.77
CA PRO A 17 -16.17 2.88 3.92
C PRO A 17 -16.51 3.06 5.41
N ASP A 18 -17.74 2.81 5.79
CA ASP A 18 -18.11 2.98 7.21
C ASP A 18 -17.62 1.76 8.01
N VAL A 19 -16.77 0.95 7.42
CA VAL A 19 -16.26 -0.25 8.13
C VAL A 19 -14.76 -0.10 8.38
N ALA A 20 -14.31 -0.41 9.56
CA ALA A 20 -12.86 -0.29 9.87
C ALA A 20 -12.07 -1.37 9.11
N PRO A 21 -10.89 -1.05 8.61
CA PRO A 21 -10.07 -2.05 7.87
C PRO A 21 -9.95 -3.37 8.62
N ALA A 22 -9.97 -3.33 9.92
CA ALA A 22 -9.87 -4.58 10.72
C ALA A 22 -11.11 -5.43 10.49
N ASP A 23 -12.20 -4.82 10.14
CA ASP A 23 -13.45 -5.59 9.90
C ASP A 23 -13.61 -5.83 8.40
N VAL A 24 -12.64 -5.44 7.63
CA VAL A 24 -12.72 -5.66 6.15
C VAL A 24 -11.83 -6.84 5.78
N ASP A 25 -12.29 -7.70 4.92
CA ASP A 25 -11.47 -8.87 4.55
C ASP A 25 -10.20 -8.39 3.82
N VAL A 26 -9.12 -8.25 4.55
CA VAL A 26 -7.85 -7.78 3.91
C VAL A 26 -7.46 -8.77 2.80
N ASP A 27 -8.25 -9.78 2.60
CA ASP A 27 -7.94 -10.78 1.53
C ASP A 27 -8.55 -10.29 0.22
N LEU A 28 -9.02 -9.07 0.18
CA LEU A 28 -9.63 -8.54 -1.07
C LEU A 28 -8.53 -8.06 -2.00
N ASP A 29 -8.62 -8.40 -3.26
CA ASP A 29 -7.58 -7.95 -4.21
C ASP A 29 -7.68 -6.44 -4.38
N LEU A 30 -6.62 -5.73 -4.09
CA LEU A 30 -6.66 -4.26 -4.23
C LEU A 30 -7.00 -3.89 -5.67
N VAL A 31 -6.90 -4.83 -6.56
CA VAL A 31 -7.22 -4.52 -7.99
C VAL A 31 -8.57 -3.82 -8.05
N ASP A 32 -9.53 -4.28 -7.30
CA ASP A 32 -10.86 -3.61 -7.29
C ASP A 32 -10.62 -2.14 -6.95
N ASN A 33 -9.68 -1.90 -6.08
CA ASN A 33 -9.35 -0.50 -5.70
C ASN A 33 -8.35 0.05 -6.71
N GLY A 34 -8.31 -0.52 -7.88
CA GLY A 34 -7.35 -0.06 -8.93
C GLY A 34 -7.31 1.46 -8.96
N VAL A 35 -8.26 2.12 -8.37
CA VAL A 35 -8.24 3.60 -8.37
C VAL A 35 -6.88 4.06 -7.84
N ILE A 36 -6.39 3.39 -6.83
CA ILE A 36 -5.07 3.75 -6.25
C ILE A 36 -3.95 3.38 -7.22
N ASP A 37 -4.19 2.44 -8.09
CA ASP A 37 -3.13 2.01 -9.04
C ASP A 37 -2.70 3.17 -9.95
N SER A 38 -3.58 4.10 -10.21
CA SER A 38 -3.20 5.22 -11.13
C SER A 38 -2.98 6.51 -10.35
N LEU A 39 -4.00 7.05 -9.75
CA LEU A 39 -3.83 8.33 -9.00
C LEU A 39 -3.09 8.08 -7.68
N GLY A 40 -3.53 7.14 -6.90
CA GLY A 40 -2.87 6.86 -5.60
C GLY A 40 -1.45 6.32 -5.85
N LEU A 41 -1.27 5.54 -6.88
CA LEU A 41 0.08 4.97 -7.15
C LEU A 41 1.07 6.12 -7.32
N LEU A 42 0.70 7.14 -8.02
CA LEU A 42 1.63 8.29 -8.20
C LEU A 42 1.95 8.87 -6.82
N LYS A 43 0.94 9.04 -6.01
CA LYS A 43 1.18 9.59 -4.64
C LYS A 43 1.93 8.57 -3.79
N VAL A 44 1.64 7.31 -3.97
CA VAL A 44 2.32 6.26 -3.15
C VAL A 44 3.83 6.24 -3.44
N ILE A 45 4.21 6.19 -4.68
CA ILE A 45 5.67 6.14 -5.00
C ILE A 45 6.34 7.41 -4.46
N ALA A 46 5.77 8.55 -4.72
CA ALA A 46 6.38 9.81 -4.21
C ALA A 46 6.31 9.83 -2.68
N TRP A 47 5.27 9.24 -2.13
CA TRP A 47 5.14 9.23 -0.65
C TRP A 47 6.16 8.27 -0.04
N LEU A 48 6.26 7.08 -0.58
CA LEU A 48 7.23 6.10 -0.04
C LEU A 48 8.65 6.66 -0.12
N GLU A 49 9.00 7.26 -1.22
CA GLU A 49 10.38 7.82 -1.35
C GLU A 49 10.52 9.04 -0.43
N ASP A 50 9.48 9.80 -0.27
CA ASP A 50 9.58 11.00 0.61
C ASP A 50 9.99 10.58 2.03
N ARG A 51 9.48 9.48 2.51
CA ARG A 51 9.83 9.04 3.89
C ARG A 51 11.12 8.21 3.90
N PHE A 52 11.24 7.24 3.04
CA PHE A 52 12.46 6.38 3.06
C PHE A 52 13.55 6.94 2.13
N GLY A 53 13.17 7.71 1.14
CA GLY A 53 14.21 8.27 0.21
C GLY A 53 14.65 7.21 -0.81
N ILE A 54 13.72 6.57 -1.46
CA ILE A 54 14.08 5.54 -2.48
C ILE A 54 13.78 6.08 -3.88
N ALA A 55 14.62 5.81 -4.83
CA ALA A 55 14.38 6.33 -6.20
C ALA A 55 13.06 5.75 -6.73
N ALA A 56 12.30 6.55 -7.44
CA ALA A 56 11.00 6.06 -7.97
C ALA A 56 11.25 4.91 -8.95
N ASP A 57 12.38 4.91 -9.60
CA ASP A 57 12.69 3.82 -10.58
C ASP A 57 13.24 2.61 -9.83
N ASP A 58 13.34 2.68 -8.54
CA ASP A 58 13.87 1.53 -7.76
C ASP A 58 13.05 0.28 -8.08
N VAL A 59 11.79 0.44 -8.37
CA VAL A 59 10.93 -0.74 -8.68
C VAL A 59 10.31 -0.57 -10.07
N GLU A 60 9.88 -1.64 -10.67
CA GLU A 60 9.28 -1.54 -12.03
C GLU A 60 7.76 -1.54 -11.93
N LEU A 61 7.09 -1.25 -13.01
CA LEU A 61 5.60 -1.21 -12.98
C LEU A 61 5.06 -2.64 -13.00
N SER A 62 4.24 -3.00 -12.06
CA SER A 62 3.68 -4.38 -12.02
C SER A 62 2.23 -4.35 -11.56
N PRO A 63 1.30 -4.17 -12.46
CA PRO A 63 -0.16 -4.13 -12.12
C PRO A 63 -0.58 -5.37 -11.32
N GLU A 64 0.01 -6.49 -11.62
CA GLU A 64 -0.33 -7.75 -10.89
C GLU A 64 0.15 -7.62 -9.45
N HIS A 65 0.99 -6.67 -9.18
CA HIS A 65 1.52 -6.50 -7.79
C HIS A 65 0.38 -6.11 -6.84
N PHE A 66 -0.65 -5.49 -7.33
CA PHE A 66 -1.77 -5.08 -6.44
C PHE A 66 -2.83 -6.19 -6.43
N ARG A 67 -2.54 -7.31 -7.00
CA ARG A 67 -3.52 -8.43 -7.02
C ARG A 67 -3.98 -8.74 -5.59
N SER A 68 -3.08 -8.64 -4.64
CA SER A 68 -3.47 -8.93 -3.23
C SER A 68 -2.60 -8.11 -2.27
N ILE A 69 -3.14 -7.75 -1.13
CA ILE A 69 -2.36 -6.95 -0.16
C ILE A 69 -1.20 -7.78 0.40
N ARG A 70 -1.42 -9.05 0.64
CA ARG A 70 -0.33 -9.89 1.21
C ARG A 70 0.86 -9.94 0.24
N SER A 71 0.61 -10.03 -1.03
CA SER A 71 1.73 -10.10 -2.00
C SER A 71 2.57 -8.82 -1.89
N ILE A 72 1.93 -7.69 -1.84
CA ILE A 72 2.67 -6.41 -1.72
C ILE A 72 3.43 -6.36 -0.39
N ASP A 73 2.83 -6.86 0.65
CA ASP A 73 3.50 -6.83 1.97
C ASP A 73 4.84 -7.56 1.90
N ALA A 74 4.89 -8.69 1.23
CA ALA A 74 6.18 -9.44 1.15
C ALA A 74 7.21 -8.65 0.34
N PHE A 75 6.83 -8.12 -0.79
CA PHE A 75 7.80 -7.34 -1.60
C PHE A 75 8.26 -6.11 -0.82
N VAL A 76 7.34 -5.42 -0.21
CA VAL A 76 7.73 -4.21 0.56
C VAL A 76 8.53 -4.61 1.80
N VAL A 77 8.06 -5.58 2.55
CA VAL A 77 8.81 -5.98 3.77
C VAL A 77 10.13 -6.65 3.38
N GLY A 78 10.09 -7.51 2.40
CA GLY A 78 11.35 -8.20 1.98
C GLY A 78 12.37 -7.19 1.47
N ALA A 79 11.92 -6.07 0.96
CA ALA A 79 12.88 -5.06 0.42
C ALA A 79 13.07 -3.90 1.40
N THR A 80 12.00 -3.32 1.87
CA THR A 80 12.14 -2.17 2.81
C THR A 80 11.18 -2.31 4.00
N THR A 81 11.64 -1.96 5.17
CA THR A 81 10.77 -2.05 6.38
C THR A 81 10.74 -0.67 7.04
N PRO A 82 9.83 0.18 6.64
CA PRO A 82 9.71 1.55 7.20
C PRO A 82 8.95 1.61 8.52
N PRO A 83 9.13 2.68 9.26
CA PRO A 83 8.46 2.90 10.57
C PRO A 83 6.95 3.04 10.41
N VAL A 84 6.19 2.69 11.42
CA VAL A 84 4.71 2.80 11.31
C VAL A 84 4.27 4.20 11.76
N GLU A 85 3.52 4.88 10.94
CA GLU A 85 3.04 6.24 11.31
C GLU A 85 1.63 6.45 10.78
N ALA A 86 0.85 7.28 11.42
CA ALA A 86 -0.54 7.51 10.96
C ALA A 86 -0.52 7.97 9.50
N LYS A 87 -1.49 7.56 8.72
CA LYS A 87 -1.52 7.97 7.28
C LYS A 87 -2.04 9.40 7.18
N LEU A 88 -1.40 10.23 6.40
CA LEU A 88 -1.86 11.64 6.26
C LEU A 88 -3.30 11.66 5.75
N GLN A 89 -3.64 10.72 4.89
CA GLN A 89 -5.04 10.68 4.36
C GLN A 89 -5.23 9.43 3.52
N MET A 1 3.80 -9.46 6.15
CA MET A 1 2.68 -8.58 6.56
C MET A 1 3.07 -7.77 7.79
N GLN A 2 4.35 -7.65 8.04
CA GLN A 2 4.81 -6.88 9.23
C GLN A 2 4.33 -5.43 9.11
N HIS A 3 4.33 -4.90 7.91
CA HIS A 3 3.88 -3.49 7.72
C HIS A 3 2.63 -3.46 6.86
N ALA A 4 2.06 -4.61 6.59
CA ALA A 4 0.84 -4.66 5.73
C ALA A 4 -0.30 -3.87 6.39
N SER A 5 -0.39 -3.89 7.69
CA SER A 5 -1.49 -3.15 8.37
C SER A 5 -1.38 -1.67 8.00
N VAL A 6 -0.19 -1.14 7.96
CA VAL A 6 -0.03 0.30 7.59
C VAL A 6 -0.44 0.50 6.14
N ILE A 7 -0.17 -0.46 5.31
CA ILE A 7 -0.53 -0.34 3.88
C ILE A 7 -2.06 -0.27 3.71
N ALA A 8 -2.77 -1.10 4.42
CA ALA A 8 -4.26 -1.10 4.29
C ALA A 8 -4.83 0.23 4.77
N GLN A 9 -4.46 0.66 5.94
CA GLN A 9 -5.00 1.96 6.45
C GLN A 9 -4.41 3.12 5.64
N PHE A 10 -3.14 3.09 5.39
CA PHE A 10 -2.52 4.19 4.61
C PHE A 10 -3.19 4.27 3.24
N VAL A 11 -3.36 3.15 2.59
CA VAL A 11 -4.00 3.15 1.25
C VAL A 11 -5.49 3.49 1.38
N VAL A 12 -6.18 2.88 2.30
CA VAL A 12 -7.63 3.15 2.47
C VAL A 12 -7.87 4.59 2.94
N GLU A 13 -7.03 5.09 3.80
CA GLU A 13 -7.24 6.48 4.31
C GLU A 13 -7.20 7.49 3.16
N GLU A 14 -6.44 7.23 2.13
CA GLU A 14 -6.39 8.20 1.00
C GLU A 14 -7.74 8.25 0.29
N PHE A 15 -8.45 7.16 0.25
CA PHE A 15 -9.77 7.17 -0.45
C PHE A 15 -10.91 7.40 0.55
N LEU A 16 -11.08 6.52 1.50
CA LEU A 16 -12.19 6.68 2.48
C LEU A 16 -11.66 6.57 3.92
N PRO A 17 -11.15 7.64 4.45
CA PRO A 17 -10.62 7.68 5.84
C PRO A 17 -11.73 7.85 6.87
N ASP A 18 -12.92 8.20 6.44
CA ASP A 18 -14.04 8.37 7.41
C ASP A 18 -14.55 7.00 7.83
N VAL A 19 -14.02 5.96 7.24
CA VAL A 19 -14.45 4.58 7.59
C VAL A 19 -13.28 3.87 8.25
N ALA A 20 -13.53 3.08 9.27
CA ALA A 20 -12.40 2.38 9.94
C ALA A 20 -11.73 1.44 8.93
N PRO A 21 -10.47 1.64 8.62
CA PRO A 21 -9.75 0.78 7.63
C PRO A 21 -9.62 -0.67 8.13
N ALA A 22 -9.61 -0.85 9.42
CA ALA A 22 -9.49 -2.23 9.96
C ALA A 22 -10.83 -2.96 9.78
N ASP A 23 -11.87 -2.25 9.46
CA ASP A 23 -13.20 -2.88 9.28
C ASP A 23 -13.33 -3.40 7.85
N VAL A 24 -12.28 -3.37 7.09
CA VAL A 24 -12.34 -3.86 5.69
C VAL A 24 -11.59 -5.20 5.59
N ASP A 25 -12.07 -6.10 4.79
CA ASP A 25 -11.39 -7.41 4.67
C ASP A 25 -10.04 -7.21 3.97
N VAL A 26 -9.01 -6.89 4.73
CA VAL A 26 -7.68 -6.68 4.10
C VAL A 26 -7.22 -7.98 3.43
N ASP A 27 -8.03 -9.00 3.50
CA ASP A 27 -7.65 -10.29 2.85
C ASP A 27 -8.21 -10.30 1.43
N LEU A 28 -8.78 -9.21 1.00
CA LEU A 28 -9.36 -9.14 -0.37
C LEU A 28 -8.32 -8.58 -1.33
N ASP A 29 -8.18 -9.16 -2.49
CA ASP A 29 -7.19 -8.62 -3.45
C ASP A 29 -7.58 -7.18 -3.78
N LEU A 30 -6.70 -6.25 -3.53
CA LEU A 30 -7.03 -4.83 -3.81
C LEU A 30 -7.12 -4.60 -5.31
N VAL A 31 -6.92 -5.63 -6.09
CA VAL A 31 -6.99 -5.47 -7.57
C VAL A 31 -8.36 -4.89 -7.93
N ASP A 32 -9.38 -5.27 -7.22
CA ASP A 32 -10.73 -4.72 -7.52
C ASP A 32 -10.61 -3.21 -7.51
N ASN A 33 -9.77 -2.70 -6.64
CA ASN A 33 -9.55 -1.24 -6.58
C ASN A 33 -8.52 -0.88 -7.64
N GLY A 34 -8.38 -1.72 -8.63
CA GLY A 34 -7.39 -1.47 -9.72
C GLY A 34 -7.42 0.00 -10.13
N VAL A 35 -8.42 0.72 -9.72
CA VAL A 35 -8.48 2.17 -10.08
C VAL A 35 -7.14 2.81 -9.70
N ILE A 36 -6.52 2.31 -8.67
CA ILE A 36 -5.22 2.89 -8.23
C ILE A 36 -4.12 2.47 -9.20
N ASP A 37 -4.43 1.61 -10.12
CA ASP A 37 -3.40 1.14 -11.09
C ASP A 37 -2.65 2.34 -11.68
N SER A 38 -3.35 3.40 -11.98
CA SER A 38 -2.67 4.58 -12.58
C SER A 38 -2.87 5.84 -11.73
N LEU A 39 -4.09 6.12 -11.33
CA LEU A 39 -4.34 7.36 -10.54
C LEU A 39 -3.86 7.21 -9.09
N GLY A 40 -4.29 6.18 -8.42
CA GLY A 40 -3.87 5.99 -7.00
C GLY A 40 -2.40 5.63 -6.90
N LEU A 41 -1.93 4.76 -7.75
CA LEU A 41 -0.49 4.37 -7.67
C LEU A 41 0.40 5.57 -7.96
N LEU A 42 0.04 6.37 -8.92
CA LEU A 42 0.90 7.55 -9.24
C LEU A 42 1.00 8.45 -8.00
N LYS A 43 -0.10 8.69 -7.35
CA LYS A 43 -0.05 9.56 -6.13
C LYS A 43 0.74 8.85 -5.03
N VAL A 44 0.52 7.57 -4.88
CA VAL A 44 1.26 6.81 -3.82
C VAL A 44 2.75 6.75 -4.15
N ILE A 45 3.08 6.54 -5.41
CA ILE A 45 4.51 6.47 -5.80
C ILE A 45 5.22 7.78 -5.42
N ALA A 46 4.65 8.90 -5.78
CA ALA A 46 5.30 10.20 -5.45
C ALA A 46 5.39 10.33 -3.93
N TRP A 47 4.45 9.79 -3.21
CA TRP A 47 4.47 9.88 -1.73
C TRP A 47 5.64 9.05 -1.19
N LEU A 48 5.80 7.86 -1.70
CA LEU A 48 6.91 6.99 -1.23
C LEU A 48 8.25 7.64 -1.54
N GLU A 49 8.40 8.17 -2.72
CA GLU A 49 9.69 8.83 -3.09
C GLU A 49 9.87 10.10 -2.26
N ASP A 50 8.80 10.79 -1.97
CA ASP A 50 8.94 12.04 -1.17
C ASP A 50 9.60 11.73 0.18
N ARG A 51 9.25 10.63 0.78
CA ARG A 51 9.86 10.28 2.09
C ARG A 51 11.18 9.53 1.91
N PHE A 52 11.17 8.45 1.16
CA PHE A 52 12.41 7.65 0.98
C PHE A 52 13.33 8.28 -0.08
N GLY A 53 12.79 9.05 -1.00
CA GLY A 53 13.67 9.66 -2.03
C GLY A 53 14.05 8.61 -3.08
N ILE A 54 13.13 7.75 -3.44
CA ILE A 54 13.44 6.70 -4.44
C ILE A 54 12.85 7.10 -5.80
N ALA A 55 13.56 6.88 -6.86
CA ALA A 55 13.01 7.27 -8.20
C ALA A 55 11.73 6.48 -8.46
N ALA A 56 10.75 7.11 -9.05
CA ALA A 56 9.48 6.39 -9.34
C ALA A 56 9.74 5.21 -10.25
N ASP A 57 10.69 5.33 -11.14
CA ASP A 57 11.02 4.22 -12.07
C ASP A 57 12.19 3.40 -11.51
N ASP A 58 12.54 3.64 -10.27
CA ASP A 58 13.68 2.88 -9.67
C ASP A 58 13.48 1.39 -9.87
N VAL A 59 12.25 0.93 -9.82
CA VAL A 59 12.00 -0.54 -9.99
C VAL A 59 10.97 -0.74 -11.11
N GLU A 60 10.94 -1.92 -11.69
CA GLU A 60 9.96 -2.19 -12.78
C GLU A 60 8.54 -2.21 -12.20
N LEU A 61 7.59 -1.72 -12.93
CA LEU A 61 6.18 -1.71 -12.44
C LEU A 61 5.47 -2.99 -12.89
N SER A 62 4.67 -3.57 -12.04
CA SER A 62 3.95 -4.81 -12.44
C SER A 62 2.66 -4.95 -11.61
N PRO A 63 1.53 -5.18 -12.24
CA PRO A 63 0.23 -5.32 -11.51
C PRO A 63 0.22 -6.53 -10.56
N GLU A 64 0.99 -7.54 -10.89
CA GLU A 64 1.02 -8.75 -10.02
C GLU A 64 1.55 -8.38 -8.63
N HIS A 65 2.38 -7.37 -8.56
CA HIS A 65 2.95 -6.97 -7.24
C HIS A 65 1.84 -6.41 -6.35
N PHE A 66 0.81 -5.86 -6.93
CA PHE A 66 -0.30 -5.30 -6.11
C PHE A 66 -1.49 -6.26 -6.08
N ARG A 67 -1.28 -7.48 -6.51
CA ARG A 67 -2.40 -8.47 -6.51
C ARG A 67 -3.02 -8.51 -5.10
N SER A 68 -2.21 -8.39 -4.09
CA SER A 68 -2.74 -8.42 -2.69
C SER A 68 -1.94 -7.44 -1.82
N ILE A 69 -2.59 -6.84 -0.86
CA ILE A 69 -1.88 -5.88 0.02
C ILE A 69 -0.73 -6.58 0.74
N ARG A 70 -0.93 -7.81 1.14
CA ARG A 70 0.14 -8.55 1.87
C ARG A 70 1.38 -8.71 0.97
N SER A 71 1.18 -8.99 -0.28
CA SER A 71 2.35 -9.17 -1.20
C SER A 71 3.17 -7.88 -1.27
N ILE A 72 2.52 -6.74 -1.24
CA ILE A 72 3.26 -5.47 -1.30
C ILE A 72 4.12 -5.31 -0.05
N ASP A 73 3.61 -5.66 1.09
CA ASP A 73 4.40 -5.52 2.35
C ASP A 73 5.69 -6.34 2.23
N ALA A 74 5.62 -7.49 1.62
CA ALA A 74 6.85 -8.33 1.49
C ALA A 74 7.89 -7.57 0.65
N PHE A 75 7.47 -6.94 -0.40
CA PHE A 75 8.43 -6.20 -1.26
C PHE A 75 9.04 -5.06 -0.45
N VAL A 76 8.23 -4.30 0.23
CA VAL A 76 8.76 -3.17 1.04
C VAL A 76 9.66 -3.73 2.16
N VAL A 77 9.24 -4.78 2.81
CA VAL A 77 10.06 -5.36 3.90
C VAL A 77 11.42 -5.76 3.34
N GLY A 78 11.45 -6.33 2.18
CA GLY A 78 12.75 -6.76 1.58
C GLY A 78 13.69 -5.55 1.40
N ALA A 79 13.15 -4.39 1.14
CA ALA A 79 14.04 -3.20 0.95
C ALA A 79 14.02 -2.31 2.19
N THR A 80 12.87 -1.96 2.68
CA THR A 80 12.80 -1.09 3.89
C THR A 80 11.86 -1.73 4.92
N THR A 81 12.03 -1.39 6.17
CA THR A 81 11.16 -1.97 7.23
C THR A 81 10.71 -0.87 8.19
N PRO A 82 9.61 -0.22 7.89
CA PRO A 82 9.08 0.87 8.76
C PRO A 82 8.28 0.34 9.95
N PRO A 83 8.13 1.15 10.97
CA PRO A 83 7.37 0.76 12.20
C PRO A 83 5.90 0.44 11.89
N VAL A 84 5.31 -0.46 12.64
CA VAL A 84 3.89 -0.81 12.39
C VAL A 84 3.11 -0.75 13.70
N GLU A 85 1.89 -0.27 13.65
CA GLU A 85 1.07 -0.18 14.88
C GLU A 85 -0.06 -1.20 14.80
N ALA A 86 -0.70 -1.50 15.91
CA ALA A 86 -1.82 -2.49 15.88
C ALA A 86 -2.80 -2.11 14.77
N LYS A 87 -3.33 -3.08 14.08
CA LYS A 87 -4.30 -2.76 12.99
C LYS A 87 -5.49 -1.99 13.56
N LEU A 88 -5.90 -2.32 14.75
CA LEU A 88 -7.06 -1.61 15.37
C LEU A 88 -6.54 -0.58 16.37
N GLN A 89 -7.00 0.64 16.28
CA GLN A 89 -6.54 1.70 17.23
C GLN A 89 -7.42 1.67 18.48
#